data_2L6J
#
_entry.id   2L6J
#
loop_
_entity.id
_entity.type
_entity.pdbx_description
1 polymer 'TPR repeat-containing protein associated with Hsp90'
2 polymer 'C-terminus Hsp90 chaperone peptide MEEVD'
#
loop_
_entity_poly.entity_id
_entity_poly.type
_entity_poly.pdbx_seq_one_letter_code
_entity_poly.pdbx_strand_id
1 'polypeptide(L)'
;MSQFEKQKEQGNSLFKQGLYREAVHCYDQLITAQPQNPVGYSNKAMALIKLGEYTQAIQMCQQGLRYTSTAEHVAIRSKL
QYRLELAQGAVGSVQIPVVEVDELPEGYDRS
;
A
2 'polypeptide(L)' MEEVD B
#
# COMPACT_ATOMS: atom_id res chain seq x y z
N MET A 1 19.41 5.59 -8.10
CA MET A 1 18.96 4.69 -7.00
C MET A 1 17.88 3.69 -7.49
N SER A 2 17.92 3.27 -8.76
CA SER A 2 16.83 2.50 -9.41
C SER A 2 16.68 1.07 -8.84
N GLN A 3 17.73 0.52 -8.22
CA GLN A 3 17.69 -0.78 -7.56
C GLN A 3 16.57 -0.87 -6.51
N PHE A 4 16.32 0.20 -5.75
CA PHE A 4 15.26 0.23 -4.74
C PHE A 4 13.83 0.31 -5.33
N GLU A 5 13.68 0.59 -6.63
CA GLU A 5 12.42 0.55 -7.37
C GLU A 5 12.14 -0.84 -7.95
N LYS A 6 13.16 -1.58 -8.41
CA LYS A 6 13.01 -2.97 -8.88
C LYS A 6 12.97 -3.99 -7.73
N GLN A 7 13.54 -3.71 -6.56
CA GLN A 7 13.46 -4.58 -5.39
C GLN A 7 12.07 -4.57 -4.72
N LYS A 8 11.32 -3.46 -4.79
CA LYS A 8 9.90 -3.42 -4.35
C LYS A 8 8.95 -4.14 -5.32
N GLU A 9 9.23 -4.11 -6.61
CA GLU A 9 8.55 -4.93 -7.63
C GLU A 9 8.82 -6.43 -7.45
N GLN A 10 10.04 -6.83 -7.04
CA GLN A 10 10.32 -8.21 -6.61
C GLN A 10 9.43 -8.59 -5.41
N GLY A 11 9.32 -7.69 -4.41
CA GLY A 11 8.44 -7.89 -3.26
C GLY A 11 6.97 -8.16 -3.64
N ASN A 12 6.37 -7.34 -4.50
CA ASN A 12 4.99 -7.55 -4.97
C ASN A 12 4.84 -8.89 -5.73
N SER A 13 5.83 -9.22 -6.56
CA SER A 13 5.87 -10.47 -7.32
C SER A 13 5.97 -11.72 -6.42
N LEU A 14 6.70 -11.64 -5.31
CA LEU A 14 6.82 -12.71 -4.31
C LEU A 14 5.50 -12.92 -3.54
N PHE A 15 4.78 -11.85 -3.18
CA PHE A 15 3.40 -11.95 -2.68
C PHE A 15 2.45 -12.56 -3.71
N LYS A 16 2.73 -12.39 -5.01
CA LYS A 16 1.99 -13.00 -6.12
C LYS A 16 2.27 -14.49 -6.35
N GLN A 17 3.25 -15.08 -5.66
CA GLN A 17 3.52 -16.54 -5.66
C GLN A 17 3.19 -17.21 -4.30
N GLY A 18 3.34 -16.47 -3.20
CA GLY A 18 3.11 -16.97 -1.83
C GLY A 18 4.37 -17.02 -0.95
N LEU A 19 5.47 -16.44 -1.42
CA LEU A 19 6.75 -16.33 -0.69
C LEU A 19 6.73 -15.10 0.22
N TYR A 20 5.72 -15.05 1.08
CA TYR A 20 5.42 -13.89 1.93
C TYR A 20 6.59 -13.47 2.82
N ARG A 21 7.42 -14.40 3.33
CA ARG A 21 8.54 -14.05 4.22
C ARG A 21 9.73 -13.48 3.43
N GLU A 22 9.96 -13.93 2.20
CA GLU A 22 10.90 -13.28 1.27
C GLU A 22 10.35 -11.95 0.73
N ALA A 23 9.04 -11.84 0.55
CA ALA A 23 8.39 -10.58 0.16
C ALA A 23 8.47 -9.52 1.27
N VAL A 24 8.27 -9.92 2.54
CA VAL A 24 8.53 -9.11 3.73
C VAL A 24 10.02 -8.76 3.83
N HIS A 25 10.94 -9.68 3.51
CA HIS A 25 12.38 -9.38 3.46
C HIS A 25 12.71 -8.23 2.49
N CYS A 26 11.95 -8.08 1.40
CA CYS A 26 12.10 -6.97 0.46
C CYS A 26 11.62 -5.61 1.03
N TYR A 27 10.51 -5.56 1.78
CA TYR A 27 10.14 -4.30 2.46
C TYR A 27 11.11 -3.99 3.62
N ASP A 28 11.52 -5.03 4.36
CA ASP A 28 12.48 -4.94 5.46
C ASP A 28 13.85 -4.41 5.01
N GLN A 29 14.29 -4.68 3.77
CA GLN A 29 15.47 -4.05 3.20
C GLN A 29 15.34 -2.53 3.11
N LEU A 30 14.17 -2.03 2.72
CA LEU A 30 13.96 -0.58 2.56
C LEU A 30 14.06 0.14 3.91
N ILE A 31 13.47 -0.43 4.97
CA ILE A 31 13.54 0.11 6.35
C ILE A 31 14.93 -0.20 6.99
N THR A 32 15.65 -1.21 6.51
CA THR A 32 17.04 -1.50 6.95
C THR A 32 18.00 -0.40 6.48
N ALA A 33 17.85 0.07 5.24
CA ALA A 33 18.68 1.13 4.64
C ALA A 33 18.17 2.56 4.91
N GLN A 34 16.88 2.72 5.25
CA GLN A 34 16.19 4.02 5.40
C GLN A 34 15.25 4.00 6.63
N PRO A 35 15.77 3.89 7.87
CA PRO A 35 14.99 3.53 9.07
C PRO A 35 13.86 4.49 9.47
N GLN A 36 13.95 5.76 9.05
CA GLN A 36 13.08 6.84 9.49
C GLN A 36 12.38 7.52 8.28
N ASN A 37 12.46 6.94 7.08
CA ASN A 37 11.80 7.45 5.87
C ASN A 37 10.38 6.85 5.71
N PRO A 38 9.35 7.67 5.43
CA PRO A 38 7.98 7.18 5.22
C PRO A 38 7.83 6.28 3.98
N VAL A 39 8.78 6.31 3.03
CA VAL A 39 8.85 5.34 1.92
C VAL A 39 8.84 3.90 2.42
N GLY A 40 9.57 3.57 3.49
CA GLY A 40 9.62 2.21 4.01
C GLY A 40 8.28 1.78 4.62
N TYR A 41 7.61 2.72 5.31
CA TYR A 41 6.27 2.49 5.87
C TYR A 41 5.18 2.38 4.79
N SER A 42 5.29 3.13 3.69
CA SER A 42 4.42 2.97 2.50
C SER A 42 4.54 1.58 1.86
N ASN A 43 5.76 1.02 1.84
CA ASN A 43 6.01 -0.33 1.35
C ASN A 43 5.61 -1.43 2.36
N LYS A 44 5.63 -1.16 3.68
CA LYS A 44 4.99 -2.04 4.68
C LYS A 44 3.46 -2.01 4.56
N ALA A 45 2.84 -0.84 4.35
CA ALA A 45 1.40 -0.74 4.07
C ALA A 45 0.98 -1.48 2.78
N MET A 46 1.83 -1.45 1.74
CA MET A 46 1.70 -2.28 0.54
C MET A 46 1.77 -3.78 0.88
N ALA A 47 2.78 -4.21 1.64
CA ALA A 47 2.93 -5.60 2.07
C ALA A 47 1.70 -6.10 2.86
N LEU A 48 1.13 -5.27 3.74
CA LEU A 48 -0.06 -5.62 4.53
C LEU A 48 -1.29 -5.88 3.65
N ILE A 49 -1.54 -5.07 2.61
CA ILE A 49 -2.65 -5.34 1.65
C ILE A 49 -2.34 -6.51 0.69
N LYS A 50 -1.07 -6.86 0.52
CA LYS A 50 -0.62 -8.05 -0.23
C LYS A 50 -0.54 -9.33 0.62
N LEU A 51 -0.70 -9.25 1.94
CA LEU A 51 -0.85 -10.38 2.90
C LEU A 51 -2.28 -10.46 3.51
N GLY A 52 -3.21 -9.64 3.01
CA GLY A 52 -4.62 -9.67 3.40
C GLY A 52 -4.96 -9.06 4.76
N GLU A 53 -4.07 -8.23 5.34
CA GLU A 53 -4.25 -7.53 6.63
C GLU A 53 -4.58 -6.04 6.39
N TYR A 54 -5.60 -5.78 5.56
CA TYR A 54 -6.07 -4.45 5.19
C TYR A 54 -6.49 -3.61 6.41
N THR A 55 -6.96 -4.22 7.50
CA THR A 55 -7.28 -3.53 8.76
C THR A 55 -6.05 -2.90 9.42
N GLN A 56 -4.84 -3.44 9.19
CA GLN A 56 -3.60 -2.74 9.57
C GLN A 56 -3.26 -1.62 8.60
N ALA A 57 -3.45 -1.84 7.29
CA ALA A 57 -3.07 -0.87 6.26
C ALA A 57 -3.84 0.45 6.36
N ILE A 58 -5.14 0.41 6.68
CA ILE A 58 -5.96 1.64 6.89
C ILE A 58 -5.49 2.49 8.08
N GLN A 59 -4.93 1.86 9.12
CA GLN A 59 -4.27 2.56 10.24
C GLN A 59 -2.87 3.04 9.86
N MET A 60 -2.06 2.19 9.22
CA MET A 60 -0.68 2.54 8.84
C MET A 60 -0.60 3.67 7.81
N CYS A 61 -1.61 3.84 6.94
CA CYS A 61 -1.67 4.99 6.05
C CYS A 61 -1.89 6.31 6.81
N GLN A 62 -2.73 6.33 7.86
CA GLN A 62 -2.86 7.49 8.74
C GLN A 62 -1.55 7.78 9.46
N GLN A 63 -0.89 6.74 10.00
CA GLN A 63 0.44 6.88 10.60
C GLN A 63 1.47 7.46 9.63
N GLY A 64 1.44 7.14 8.33
CA GLY A 64 2.37 7.71 7.33
C GLY A 64 2.00 9.10 6.83
N LEU A 65 0.73 9.52 6.89
CA LEU A 65 0.33 10.92 6.60
C LEU A 65 0.89 11.92 7.63
N ARG A 66 1.31 11.45 8.80
CA ARG A 66 2.07 12.23 9.82
C ARG A 66 3.54 12.52 9.44
N TYR A 67 3.97 12.16 8.23
CA TYR A 67 5.34 12.33 7.69
C TYR A 67 5.31 13.18 6.40
N THR A 68 4.55 14.28 6.38
CA THR A 68 4.18 15.01 5.14
C THR A 68 4.36 16.54 5.16
N SER A 69 4.80 17.14 6.28
CA SER A 69 4.70 18.59 6.51
C SER A 69 5.51 19.53 5.57
N THR A 70 6.49 19.04 4.79
CA THR A 70 7.39 19.89 3.98
C THR A 70 7.33 19.57 2.48
N ALA A 71 7.88 20.47 1.65
CA ALA A 71 8.04 20.29 0.20
C ALA A 71 8.98 19.15 -0.21
N GLU A 72 9.58 18.43 0.74
CA GLU A 72 10.33 17.17 0.51
C GLU A 72 9.40 15.95 0.46
N HIS A 73 8.17 16.08 0.95
CA HIS A 73 7.24 14.97 1.26
C HIS A 73 5.82 15.16 0.67
N VAL A 74 5.63 16.08 -0.28
CA VAL A 74 4.33 16.26 -0.97
C VAL A 74 3.93 15.02 -1.81
N ALA A 75 4.92 14.28 -2.32
CA ALA A 75 4.70 12.98 -2.97
C ALA A 75 4.25 11.90 -1.97
N ILE A 76 4.80 11.89 -0.75
CA ILE A 76 4.40 11.00 0.34
C ILE A 76 2.93 11.25 0.74
N ARG A 77 2.51 12.52 0.72
CA ARG A 77 1.14 12.93 1.05
C ARG A 77 0.10 12.34 0.09
N SER A 78 0.37 12.36 -1.22
CA SER A 78 -0.40 11.60 -2.23
C SER A 78 -0.27 10.09 -2.02
N LYS A 79 0.96 9.60 -1.84
CA LYS A 79 1.27 8.16 -1.80
C LYS A 79 0.50 7.42 -0.70
N LEU A 80 0.42 7.96 0.52
CA LEU A 80 -0.40 7.30 1.58
C LEU A 80 -1.92 7.53 1.42
N GLN A 81 -2.38 8.59 0.75
CA GLN A 81 -3.82 8.80 0.49
C GLN A 81 -4.39 7.90 -0.61
N TYR A 82 -3.61 7.58 -1.66
CA TYR A 82 -4.01 6.54 -2.61
C TYR A 82 -3.81 5.13 -2.03
N ARG A 83 -2.76 4.88 -1.22
CA ARG A 83 -2.60 3.60 -0.48
C ARG A 83 -3.80 3.32 0.43
N LEU A 84 -4.34 4.33 1.13
CA LEU A 84 -5.54 4.22 1.96
C LEU A 84 -6.80 3.90 1.14
N GLU A 85 -6.97 4.55 -0.02
CA GLU A 85 -8.08 4.31 -0.93
C GLU A 85 -7.99 2.91 -1.54
N LEU A 86 -6.80 2.42 -1.91
CA LEU A 86 -6.59 1.11 -2.52
C LEU A 86 -6.51 -0.05 -1.52
N ALA A 87 -6.23 0.20 -0.24
CA ALA A 87 -6.46 -0.78 0.82
C ALA A 87 -7.96 -1.06 0.98
N GLN A 88 -8.76 0.00 1.10
CA GLN A 88 -10.23 -0.07 1.07
C GLN A 88 -10.75 -0.60 -0.28
N GLY A 89 -9.99 -0.39 -1.37
CA GLY A 89 -10.22 -0.87 -2.72
C GLY A 89 -10.10 -2.39 -2.84
N ALA A 90 -8.96 -2.93 -2.41
CA ALA A 90 -8.60 -4.35 -2.46
C ALA A 90 -9.50 -5.20 -1.54
N VAL A 91 -9.94 -4.66 -0.40
CA VAL A 91 -10.89 -5.35 0.51
C VAL A 91 -12.35 -5.17 0.07
N GLY A 92 -12.75 -3.97 -0.36
CA GLY A 92 -14.16 -3.62 -0.62
C GLY A 92 -14.70 -3.92 -2.02
N SER A 93 -13.83 -4.09 -3.01
CA SER A 93 -14.25 -4.42 -4.39
C SER A 93 -14.70 -5.87 -4.52
N VAL A 94 -15.69 -6.11 -5.38
CA VAL A 94 -16.21 -7.45 -5.74
C VAL A 94 -16.30 -7.68 -7.26
N GLN A 95 -16.05 -6.65 -8.06
CA GLN A 95 -15.99 -6.62 -9.53
C GLN A 95 -17.30 -6.92 -10.29
N ILE A 96 -18.36 -7.33 -9.61
CA ILE A 96 -19.71 -7.49 -10.18
C ILE A 96 -20.43 -6.12 -10.23
N PRO A 97 -20.78 -5.58 -11.42
CA PRO A 97 -21.55 -4.34 -11.56
C PRO A 97 -23.07 -4.54 -11.48
N VAL A 98 -23.55 -5.78 -11.63
CA VAL A 98 -24.97 -6.20 -11.52
C VAL A 98 -25.91 -5.56 -12.58
N VAL A 99 -25.33 -5.03 -13.66
CA VAL A 99 -25.98 -4.36 -14.79
C VAL A 99 -25.14 -4.57 -16.06
N GLU A 100 -25.79 -4.48 -17.22
CA GLU A 100 -25.15 -4.51 -18.56
C GLU A 100 -24.24 -5.75 -18.79
N VAL A 101 -23.27 -5.68 -19.71
CA VAL A 101 -22.32 -6.77 -20.05
C VAL A 101 -20.87 -6.29 -20.29
N ASP A 102 -20.51 -5.10 -19.80
CA ASP A 102 -19.25 -4.40 -20.09
C ASP A 102 -18.01 -5.13 -19.56
N GLU A 103 -18.07 -5.69 -18.35
CA GLU A 103 -16.97 -6.47 -17.76
C GLU A 103 -17.47 -7.81 -17.21
N LEU A 104 -18.16 -7.78 -16.06
CA LEU A 104 -18.69 -8.94 -15.31
C LEU A 104 -17.61 -9.94 -14.80
N PRO A 105 -17.91 -10.75 -13.77
CA PRO A 105 -17.28 -12.06 -13.59
C PRO A 105 -17.58 -13.01 -14.76
N GLU A 106 -16.89 -14.15 -14.83
CA GLU A 106 -17.04 -15.12 -15.93
C GLU A 106 -18.42 -15.82 -15.91
N GLY A 107 -19.03 -15.99 -17.09
CA GLY A 107 -20.43 -16.36 -17.21
C GLY A 107 -21.36 -15.19 -16.87
N TYR A 108 -22.11 -15.34 -15.77
CA TYR A 108 -23.12 -14.42 -15.24
C TYR A 108 -24.31 -14.13 -16.16
N ASP A 109 -24.11 -13.41 -17.27
CA ASP A 109 -25.21 -12.90 -18.12
C ASP A 109 -24.91 -12.98 -19.65
N ARG A 110 -23.97 -13.85 -20.05
CA ARG A 110 -23.57 -14.04 -21.46
C ARG A 110 -23.45 -15.51 -21.89
N SER A 111 -24.31 -16.36 -21.32
CA SER A 111 -24.40 -17.82 -21.57
C SER A 111 -25.87 -18.26 -21.70
N MET B 1 0.80 10.17 -7.10
CA MET B 1 2.13 9.53 -6.96
C MET B 1 1.92 8.08 -6.56
N GLU B 2 2.25 7.14 -7.44
CA GLU B 2 1.99 5.71 -7.26
C GLU B 2 3.26 4.91 -6.99
N GLU B 3 3.12 3.83 -6.23
CA GLU B 3 4.20 2.92 -5.83
C GLU B 3 3.63 1.52 -5.64
N VAL B 4 3.96 0.60 -6.55
CA VAL B 4 3.60 -0.83 -6.51
C VAL B 4 2.09 -1.13 -6.63
N ASP B 5 1.75 -2.08 -7.51
CA ASP B 5 0.41 -2.36 -8.03
C ASP B 5 -0.50 -3.12 -7.04
N MET A 1 20.82 2.98 -4.72
CA MET A 1 19.46 3.50 -5.02
C MET A 1 18.59 2.43 -5.68
N SER A 2 18.94 2.00 -6.89
CA SER A 2 18.11 1.16 -7.77
C SER A 2 17.69 -0.20 -7.20
N GLN A 3 18.47 -0.84 -6.32
CA GLN A 3 18.07 -2.10 -5.69
C GLN A 3 16.85 -1.93 -4.76
N PHE A 4 16.66 -0.76 -4.15
CA PHE A 4 15.50 -0.47 -3.28
C PHE A 4 14.20 -0.30 -4.10
N GLU A 5 14.31 0.19 -5.33
CA GLU A 5 13.27 0.16 -6.38
C GLU A 5 13.03 -1.26 -6.92
N LYS A 6 14.05 -2.12 -6.89
CA LYS A 6 13.96 -3.51 -7.38
C LYS A 6 13.31 -4.46 -6.38
N GLN A 7 13.66 -4.42 -5.09
CA GLN A 7 13.03 -5.34 -4.13
C GLN A 7 11.54 -5.06 -3.92
N LYS A 8 11.06 -3.82 -4.12
CA LYS A 8 9.62 -3.55 -4.02
C LYS A 8 8.84 -4.29 -5.12
N GLU A 9 9.28 -4.26 -6.37
CA GLU A 9 8.63 -5.01 -7.45
C GLU A 9 8.90 -6.52 -7.43
N GLN A 10 10.10 -6.98 -7.03
CA GLN A 10 10.38 -8.43 -6.90
C GLN A 10 9.64 -9.04 -5.71
N GLY A 11 9.57 -8.33 -4.57
CA GLY A 11 8.73 -8.73 -3.42
C GLY A 11 7.23 -8.71 -3.77
N ASN A 12 6.77 -7.79 -4.60
CA ASN A 12 5.42 -7.82 -5.16
C ASN A 12 5.17 -9.07 -6.03
N SER A 13 6.15 -9.49 -6.84
CA SER A 13 6.09 -10.78 -7.56
C SER A 13 6.07 -11.98 -6.59
N LEU A 14 6.77 -11.93 -5.46
CA LEU A 14 6.70 -12.95 -4.40
C LEU A 14 5.31 -12.99 -3.72
N PHE A 15 4.64 -11.85 -3.51
CA PHE A 15 3.21 -11.82 -3.12
C PHE A 15 2.29 -12.37 -4.22
N LYS A 16 2.64 -12.16 -5.50
CA LYS A 16 1.97 -12.75 -6.68
C LYS A 16 2.23 -14.26 -6.88
N GLN A 17 3.05 -14.87 -6.01
CA GLN A 17 3.35 -16.31 -5.95
C GLN A 17 2.81 -16.97 -4.67
N GLY A 18 3.11 -16.41 -3.50
CA GLY A 18 2.74 -16.95 -2.17
C GLY A 18 3.85 -16.93 -1.11
N LEU A 19 5.04 -16.43 -1.48
CA LEU A 19 6.27 -16.37 -0.66
C LEU A 19 6.29 -15.13 0.23
N TYR A 20 5.20 -14.96 0.98
CA TYR A 20 4.92 -13.79 1.80
C TYR A 20 6.00 -13.52 2.86
N ARG A 21 6.64 -14.54 3.44
CA ARG A 21 7.68 -14.33 4.47
C ARG A 21 8.92 -13.69 3.85
N GLU A 22 9.39 -14.21 2.72
CA GLU A 22 10.53 -13.63 1.99
C GLU A 22 10.16 -12.26 1.39
N ALA A 23 8.93 -12.09 0.91
CA ALA A 23 8.43 -10.82 0.38
C ALA A 23 8.42 -9.70 1.43
N VAL A 24 7.86 -9.98 2.63
CA VAL A 24 7.88 -9.04 3.77
C VAL A 24 9.32 -8.76 4.22
N HIS A 25 10.21 -9.75 4.19
CA HIS A 25 11.61 -9.55 4.57
C HIS A 25 12.32 -8.54 3.67
N CYS A 26 12.04 -8.55 2.36
CA CYS A 26 12.56 -7.57 1.41
C CYS A 26 12.01 -6.16 1.67
N TYR A 27 10.73 -6.02 2.00
CA TYR A 27 10.13 -4.73 2.34
C TYR A 27 10.64 -4.17 3.67
N ASP A 28 10.88 -5.01 4.66
CA ASP A 28 11.55 -4.63 5.91
C ASP A 28 13.01 -4.17 5.69
N GLN A 29 13.70 -4.62 4.63
CA GLN A 29 15.05 -4.12 4.31
C GLN A 29 15.04 -2.74 3.66
N LEU A 30 13.96 -2.35 2.96
CA LEU A 30 13.83 -0.96 2.47
C LEU A 30 13.79 0.01 3.66
N ILE A 31 13.24 -0.44 4.80
CA ILE A 31 13.24 0.29 6.07
C ILE A 31 14.59 0.17 6.79
N THR A 32 15.23 -1.00 6.84
CA THR A 32 16.59 -1.16 7.42
C THR A 32 17.59 -0.17 6.80
N ALA A 33 17.55 0.02 5.49
CA ALA A 33 18.38 0.99 4.77
C ALA A 33 17.93 2.46 4.94
N GLN A 34 16.65 2.71 5.23
CA GLN A 34 16.03 4.05 5.20
C GLN A 34 15.03 4.28 6.37
N PRO A 35 15.42 4.16 7.65
CA PRO A 35 14.46 4.09 8.77
C PRO A 35 13.60 5.34 8.99
N GLN A 36 14.08 6.50 8.54
CA GLN A 36 13.43 7.79 8.73
C GLN A 36 12.56 8.20 7.54
N ASN A 37 12.68 7.53 6.38
CA ASN A 37 12.02 7.94 5.13
C ASN A 37 10.60 7.33 4.99
N PRO A 38 9.56 8.14 4.72
CA PRO A 38 8.20 7.63 4.51
C PRO A 38 8.07 6.66 3.32
N VAL A 39 8.98 6.71 2.34
CA VAL A 39 9.05 5.80 1.19
C VAL A 39 9.15 4.31 1.58
N GLY A 40 9.76 3.96 2.72
CA GLY A 40 9.78 2.57 3.21
C GLY A 40 8.41 2.15 3.78
N TYR A 41 7.70 3.07 4.42
CA TYR A 41 6.40 2.83 5.05
C TYR A 41 5.25 2.85 4.03
N SER A 42 5.32 3.68 2.97
CA SER A 42 4.38 3.62 1.84
C SER A 42 4.46 2.28 1.09
N ASN A 43 5.65 1.67 1.07
CA ASN A 43 5.88 0.33 0.56
C ASN A 43 5.41 -0.74 1.57
N LYS A 44 5.73 -0.66 2.86
CA LYS A 44 5.23 -1.62 3.86
C LYS A 44 3.69 -1.68 3.91
N ALA A 45 3.01 -0.55 3.72
CA ALA A 45 1.55 -0.51 3.51
C ALA A 45 1.08 -1.27 2.25
N MET A 46 1.84 -1.18 1.14
CA MET A 46 1.58 -1.93 -0.10
C MET A 46 1.74 -3.44 0.11
N ALA A 47 2.79 -3.87 0.82
CA ALA A 47 2.99 -5.26 1.19
C ALA A 47 1.85 -5.82 2.05
N LEU A 48 1.40 -5.08 3.07
CA LEU A 48 0.30 -5.51 3.95
C LEU A 48 -1.00 -5.78 3.17
N ILE A 49 -1.36 -4.94 2.19
CA ILE A 49 -2.54 -5.19 1.35
C ILE A 49 -2.32 -6.33 0.33
N LYS A 50 -1.09 -6.52 -0.17
CA LYS A 50 -0.71 -7.63 -1.06
C LYS A 50 -0.69 -9.00 -0.34
N LEU A 51 -0.63 -9.01 0.99
CA LEU A 51 -0.61 -10.18 1.89
C LEU A 51 -2.03 -10.52 2.41
N GLY A 52 -2.82 -9.50 2.74
CA GLY A 52 -4.20 -9.64 3.25
C GLY A 52 -4.47 -9.02 4.62
N GLU A 53 -3.60 -8.14 5.09
CA GLU A 53 -3.67 -7.46 6.40
C GLU A 53 -4.18 -6.01 6.24
N TYR A 54 -5.27 -5.85 5.48
CA TYR A 54 -5.84 -4.55 5.08
C TYR A 54 -6.15 -3.64 6.30
N THR A 55 -6.62 -4.24 7.40
CA THR A 55 -6.91 -3.53 8.67
C THR A 55 -5.65 -2.97 9.35
N GLN A 56 -4.46 -3.48 9.03
CA GLN A 56 -3.18 -2.86 9.46
C GLN A 56 -2.80 -1.70 8.52
N ALA A 57 -3.01 -1.87 7.22
CA ALA A 57 -2.62 -0.90 6.20
C ALA A 57 -3.37 0.44 6.31
N ILE A 58 -4.66 0.41 6.66
CA ILE A 58 -5.46 1.64 6.89
C ILE A 58 -4.93 2.48 8.05
N GLN A 59 -4.37 1.85 9.10
CA GLN A 59 -3.67 2.54 10.18
C GLN A 59 -2.27 3.01 9.74
N MET A 60 -1.49 2.17 9.03
CA MET A 60 -0.16 2.54 8.51
C MET A 60 -0.20 3.81 7.65
N CYS A 61 -1.24 3.99 6.82
CA CYS A 61 -1.42 5.22 6.02
C CYS A 61 -1.54 6.49 6.89
N GLN A 62 -2.27 6.41 8.01
CA GLN A 62 -2.43 7.51 8.96
C GLN A 62 -1.19 7.72 9.85
N GLN A 63 -0.42 6.65 10.10
CA GLN A 63 0.92 6.74 10.68
C GLN A 63 1.95 7.35 9.70
N GLY A 64 1.83 7.14 8.38
CA GLY A 64 2.69 7.78 7.38
C GLY A 64 2.32 9.24 7.07
N LEU A 65 1.06 9.64 7.27
CA LEU A 65 0.66 11.08 7.28
C LEU A 65 1.44 11.90 8.33
N ARG A 66 2.01 11.27 9.36
CA ARG A 66 2.90 11.90 10.39
C ARG A 66 4.29 12.29 9.89
N TYR A 67 4.56 12.11 8.59
CA TYR A 67 5.83 12.36 7.90
C TYR A 67 5.68 13.33 6.71
N THR A 68 4.71 14.27 6.76
CA THR A 68 4.25 15.02 5.56
C THR A 68 4.25 16.55 5.66
N SER A 69 4.87 17.17 6.67
CA SER A 69 4.74 18.62 6.96
C SER A 69 5.44 19.58 5.98
N THR A 70 6.21 19.06 5.03
CA THR A 70 7.07 19.83 4.10
C THR A 70 6.90 19.35 2.65
N ALA A 71 7.23 20.23 1.69
CA ALA A 71 7.29 19.95 0.25
C ALA A 71 8.09 18.68 -0.08
N GLU A 72 9.11 18.37 0.70
CA GLU A 72 9.97 17.17 0.57
C GLU A 72 9.18 15.83 0.58
N HIS A 73 7.95 15.85 1.11
CA HIS A 73 7.05 14.71 1.32
C HIS A 73 5.62 14.98 0.80
N VAL A 74 5.40 15.99 -0.06
CA VAL A 74 4.06 16.33 -0.57
C VAL A 74 3.52 15.30 -1.56
N ALA A 75 4.39 14.68 -2.37
CA ALA A 75 3.99 13.56 -3.23
C ALA A 75 3.71 12.28 -2.41
N ILE A 76 4.46 12.07 -1.33
CA ILE A 76 4.21 11.06 -0.28
C ILE A 76 2.85 11.27 0.42
N ARG A 77 2.42 12.52 0.65
CA ARG A 77 1.11 12.81 1.27
C ARG A 77 -0.07 12.24 0.47
N SER A 78 0.06 12.19 -0.85
CA SER A 78 -0.85 11.44 -1.73
C SER A 78 -0.56 9.92 -1.73
N LYS A 79 0.72 9.52 -1.76
CA LYS A 79 1.11 8.10 -1.86
C LYS A 79 0.75 7.24 -0.63
N LEU A 80 0.43 7.83 0.53
CA LEU A 80 -0.30 7.14 1.62
C LEU A 80 -1.82 7.34 1.57
N GLN A 81 -2.35 8.50 1.19
CA GLN A 81 -3.81 8.71 1.21
C GLN A 81 -4.56 7.97 0.10
N TYR A 82 -3.96 7.76 -1.07
CA TYR A 82 -4.53 6.84 -2.07
C TYR A 82 -4.35 5.37 -1.65
N ARG A 83 -3.28 5.03 -0.92
CA ARG A 83 -3.07 3.68 -0.36
C ARG A 83 -4.14 3.31 0.66
N LEU A 84 -4.67 4.27 1.44
CA LEU A 84 -5.82 4.07 2.32
C LEU A 84 -7.10 3.71 1.54
N GLU A 85 -7.35 4.42 0.44
CA GLU A 85 -8.48 4.18 -0.46
C GLU A 85 -8.32 2.85 -1.23
N LEU A 86 -7.10 2.44 -1.55
CA LEU A 86 -6.79 1.15 -2.18
C LEU A 86 -6.65 -0.02 -1.19
N ALA A 87 -6.49 0.22 0.11
CA ALA A 87 -6.54 -0.85 1.12
C ALA A 87 -7.97 -1.40 1.26
N GLN A 88 -8.95 -0.50 1.36
CA GLN A 88 -10.38 -0.85 1.25
C GLN A 88 -10.82 -1.17 -0.20
N GLY A 89 -9.93 -0.96 -1.18
CA GLY A 89 -10.02 -1.54 -2.54
C GLY A 89 -9.57 -3.01 -2.61
N ALA A 90 -8.40 -3.32 -2.06
CA ALA A 90 -7.74 -4.62 -2.09
C ALA A 90 -8.49 -5.73 -1.32
N VAL A 91 -9.28 -5.36 -0.31
CA VAL A 91 -10.24 -6.27 0.38
C VAL A 91 -11.46 -6.60 -0.50
N GLY A 92 -11.74 -5.78 -1.53
CA GLY A 92 -12.85 -5.93 -2.47
C GLY A 92 -14.19 -5.41 -1.91
N SER A 93 -15.29 -5.88 -2.49
CA SER A 93 -16.67 -5.57 -2.06
C SER A 93 -17.04 -4.08 -2.14
N VAL A 94 -16.40 -3.31 -3.04
CA VAL A 94 -16.51 -1.84 -3.15
C VAL A 94 -17.85 -1.40 -3.78
N GLN A 95 -18.34 -0.22 -3.40
CA GLN A 95 -19.63 0.37 -3.80
C GLN A 95 -19.52 1.81 -4.30
N ILE A 96 -20.68 2.39 -4.66
CA ILE A 96 -20.88 3.73 -5.21
C ILE A 96 -20.04 4.00 -6.48
N PRO A 97 -20.16 3.19 -7.55
CA PRO A 97 -19.37 3.34 -8.78
C PRO A 97 -19.77 4.56 -9.64
N VAL A 98 -20.72 5.39 -9.19
CA VAL A 98 -21.44 6.39 -10.01
C VAL A 98 -22.08 5.70 -11.22
N VAL A 99 -22.10 6.37 -12.38
CA VAL A 99 -22.49 5.82 -13.69
C VAL A 99 -23.89 5.19 -13.68
N GLU A 100 -24.84 5.98 -13.18
CA GLU A 100 -26.31 5.87 -13.32
C GLU A 100 -26.99 4.65 -12.66
N VAL A 101 -26.51 3.44 -12.95
CA VAL A 101 -27.18 2.16 -12.64
C VAL A 101 -26.20 1.00 -12.40
N ASP A 102 -24.88 1.24 -12.46
CA ASP A 102 -23.89 0.19 -12.73
C ASP A 102 -23.75 -0.88 -11.63
N GLU A 103 -23.90 -0.49 -10.36
CA GLU A 103 -24.25 -1.39 -9.26
C GLU A 103 -25.03 -0.60 -8.18
N LEU A 104 -24.35 0.31 -7.48
CA LEU A 104 -24.89 1.33 -6.55
C LEU A 104 -25.62 0.78 -5.30
N PRO A 105 -25.65 1.52 -4.16
CA PRO A 105 -26.40 1.13 -2.98
C PRO A 105 -27.91 1.32 -3.17
N GLU A 106 -28.68 0.25 -2.99
CA GLU A 106 -30.16 0.20 -3.09
C GLU A 106 -30.77 0.82 -4.37
N GLY A 107 -30.01 0.90 -5.46
CA GLY A 107 -30.38 1.62 -6.68
C GLY A 107 -30.59 3.12 -6.46
N TYR A 108 -29.57 3.78 -5.90
CA TYR A 108 -29.55 5.18 -5.46
C TYR A 108 -30.17 6.20 -6.45
N ASP A 109 -29.92 6.08 -7.76
CA ASP A 109 -30.31 7.10 -8.75
C ASP A 109 -31.64 6.80 -9.46
N ARG A 110 -32.35 5.73 -9.06
CA ARG A 110 -33.74 5.48 -9.48
C ARG A 110 -34.68 6.60 -9.02
N SER A 111 -35.77 6.84 -9.74
CA SER A 111 -36.76 7.90 -9.46
C SER A 111 -37.45 7.72 -8.11
N MET B 1 -0.33 6.86 -12.23
CA MET B 1 0.20 6.16 -11.04
C MET B 1 1.64 5.68 -11.24
N GLU B 2 1.90 4.81 -12.22
CA GLU B 2 3.21 4.18 -12.46
C GLU B 2 3.81 3.55 -11.19
N GLU B 3 3.04 2.74 -10.44
CA GLU B 3 3.49 2.09 -9.20
C GLU B 3 3.46 0.55 -9.28
N VAL B 4 4.11 -0.09 -8.30
CA VAL B 4 4.18 -1.52 -7.98
C VAL B 4 2.98 -2.34 -8.51
N ASP B 5 3.29 -3.36 -9.33
CA ASP B 5 2.38 -4.05 -10.27
C ASP B 5 1.12 -4.70 -9.69
N MET A 1 20.21 4.72 -6.47
CA MET A 1 19.99 3.63 -5.49
C MET A 1 19.29 2.46 -6.17
N SER A 2 19.87 1.92 -7.25
CA SER A 2 19.18 0.99 -8.16
C SER A 2 18.77 -0.35 -7.53
N GLN A 3 19.58 -0.91 -6.63
CA GLN A 3 19.21 -2.13 -5.90
C GLN A 3 17.97 -1.90 -5.02
N PHE A 4 17.88 -0.76 -4.34
CA PHE A 4 16.68 -0.39 -3.58
C PHE A 4 15.48 -0.04 -4.47
N GLU A 5 15.72 0.65 -5.58
CA GLU A 5 14.69 1.07 -6.52
C GLU A 5 14.05 -0.09 -7.29
N LYS A 6 14.79 -1.19 -7.40
CA LYS A 6 14.27 -2.51 -7.70
C LYS A 6 13.53 -3.11 -6.52
N GLN A 7 14.23 -3.35 -5.39
CA GLN A 7 13.73 -4.24 -4.34
C GLN A 7 12.40 -3.74 -3.72
N LYS A 8 12.17 -2.42 -3.69
CA LYS A 8 10.93 -1.81 -3.18
C LYS A 8 9.70 -2.15 -4.04
N GLU A 9 9.82 -2.24 -5.36
CA GLU A 9 8.69 -2.59 -6.24
C GLU A 9 8.64 -4.11 -6.53
N GLN A 10 9.80 -4.77 -6.56
CA GLN A 10 9.95 -6.24 -6.53
C GLN A 10 9.11 -6.86 -5.39
N GLY A 11 9.07 -6.25 -4.21
CA GLY A 11 8.25 -6.71 -3.08
C GLY A 11 6.77 -6.93 -3.44
N ASN A 12 6.13 -6.04 -4.19
CA ASN A 12 4.73 -6.22 -4.59
C ASN A 12 4.57 -7.36 -5.62
N SER A 13 5.52 -7.47 -6.56
CA SER A 13 5.59 -8.55 -7.54
C SER A 13 5.82 -9.92 -6.88
N LEU A 14 6.53 -10.00 -5.74
CA LEU A 14 6.72 -11.24 -4.99
C LEU A 14 5.43 -11.72 -4.31
N PHE A 15 4.58 -10.81 -3.80
CA PHE A 15 3.19 -11.15 -3.42
C PHE A 15 2.35 -11.62 -4.63
N LYS A 16 2.64 -11.07 -5.81
CA LYS A 16 2.06 -11.44 -7.12
C LYS A 16 2.69 -12.68 -7.78
N GLN A 17 3.52 -13.41 -7.04
CA GLN A 17 3.99 -14.76 -7.36
C GLN A 17 3.61 -15.75 -6.25
N GLY A 18 3.78 -15.37 -4.99
CA GLY A 18 3.46 -16.19 -3.81
C GLY A 18 4.54 -16.18 -2.71
N LEU A 19 5.65 -15.49 -2.92
CA LEU A 19 6.88 -15.51 -2.10
C LEU A 19 6.79 -14.49 -0.97
N TYR A 20 5.72 -14.57 -0.18
CA TYR A 20 5.36 -13.61 0.87
C TYR A 20 6.50 -13.36 1.88
N ARG A 21 7.29 -14.40 2.23
CA ARG A 21 8.38 -14.25 3.21
C ARG A 21 9.60 -13.53 2.62
N GLU A 22 9.89 -13.69 1.32
CA GLU A 22 10.87 -12.85 0.61
C GLU A 22 10.31 -11.45 0.29
N ALA A 23 9.00 -11.33 0.08
CA ALA A 23 8.36 -10.03 -0.12
C ALA A 23 8.47 -9.13 1.13
N VAL A 24 8.21 -9.71 2.31
CA VAL A 24 8.46 -9.06 3.61
C VAL A 24 9.95 -8.77 3.81
N HIS A 25 10.83 -9.71 3.44
CA HIS A 25 12.28 -9.50 3.50
C HIS A 25 12.74 -8.25 2.73
N CYS A 26 12.16 -7.98 1.56
CA CYS A 26 12.49 -6.80 0.74
C CYS A 26 12.02 -5.49 1.38
N TYR A 27 10.84 -5.42 2.03
CA TYR A 27 10.48 -4.20 2.77
C TYR A 27 11.35 -4.03 4.02
N ASP A 28 11.71 -5.14 4.68
CA ASP A 28 12.54 -5.15 5.89
C ASP A 28 13.99 -4.70 5.62
N GLN A 29 14.47 -4.78 4.37
CA GLN A 29 15.73 -4.13 3.98
C GLN A 29 15.60 -2.60 4.03
N LEU A 30 14.54 -2.01 3.46
CA LEU A 30 14.42 -0.53 3.43
C LEU A 30 14.19 0.03 4.84
N ILE A 31 13.41 -0.67 5.69
CA ILE A 31 13.17 -0.23 7.08
C ILE A 31 14.39 -0.48 8.00
N THR A 32 15.31 -1.39 7.64
CA THR A 32 16.60 -1.56 8.34
C THR A 32 17.62 -0.49 7.92
N ALA A 33 17.71 -0.16 6.62
CA ALA A 33 18.67 0.79 6.07
C ALA A 33 18.23 2.26 6.15
N GLN A 34 16.92 2.54 6.21
CA GLN A 34 16.33 3.89 6.19
C GLN A 34 15.17 4.01 7.21
N PRO A 35 15.42 3.88 8.55
CA PRO A 35 14.38 3.67 9.55
C PRO A 35 13.34 4.77 9.78
N GLN A 36 13.54 5.97 9.24
CA GLN A 36 12.62 7.11 9.38
C GLN A 36 12.12 7.64 8.02
N ASN A 37 12.50 7.00 6.91
CA ASN A 37 12.02 7.35 5.58
C ASN A 37 10.63 6.73 5.33
N PRO A 38 9.60 7.53 5.00
CA PRO A 38 8.25 7.00 4.74
C PRO A 38 8.16 6.06 3.53
N VAL A 39 9.21 5.99 2.69
CA VAL A 39 9.34 4.94 1.67
C VAL A 39 9.21 3.52 2.26
N GLY A 40 9.71 3.28 3.49
CA GLY A 40 9.61 1.99 4.16
C GLY A 40 8.17 1.71 4.64
N TYR A 41 7.58 2.66 5.36
CA TYR A 41 6.21 2.55 5.89
C TYR A 41 5.15 2.40 4.77
N SER A 42 5.29 3.14 3.68
CA SER A 42 4.41 3.01 2.51
C SER A 42 4.61 1.70 1.72
N ASN A 43 5.77 1.05 1.85
CA ASN A 43 6.01 -0.30 1.32
C ASN A 43 5.38 -1.37 2.22
N LYS A 44 5.58 -1.29 3.55
CA LYS A 44 4.93 -2.17 4.54
C LYS A 44 3.40 -2.11 4.48
N ALA A 45 2.81 -0.93 4.31
CA ALA A 45 1.37 -0.79 4.11
C ALA A 45 0.85 -1.52 2.84
N MET A 46 1.67 -1.62 1.78
CA MET A 46 1.35 -2.43 0.59
C MET A 46 1.39 -3.93 0.92
N ALA A 47 2.41 -4.39 1.65
CA ALA A 47 2.53 -5.78 2.09
C ALA A 47 1.39 -6.23 3.02
N LEU A 48 0.90 -5.33 3.89
CA LEU A 48 -0.24 -5.61 4.76
C LEU A 48 -1.53 -5.84 3.96
N ILE A 49 -1.86 -5.00 2.97
CA ILE A 49 -3.04 -5.22 2.13
C ILE A 49 -2.89 -6.44 1.18
N LYS A 50 -1.66 -6.77 0.75
CA LYS A 50 -1.38 -7.94 -0.09
C LYS A 50 -1.30 -9.28 0.67
N LEU A 51 -1.50 -9.26 2.00
CA LEU A 51 -1.63 -10.44 2.89
C LEU A 51 -2.92 -10.41 3.77
N GLY A 52 -3.87 -9.51 3.49
CA GLY A 52 -5.18 -9.46 4.15
C GLY A 52 -5.22 -8.80 5.54
N GLU A 53 -4.19 -8.05 5.93
CA GLU A 53 -4.11 -7.27 7.18
C GLU A 53 -4.60 -5.82 7.02
N TYR A 54 -5.74 -5.65 6.33
CA TYR A 54 -6.31 -4.34 5.99
C TYR A 54 -6.55 -3.45 7.22
N THR A 55 -6.97 -4.03 8.35
CA THR A 55 -7.24 -3.31 9.62
C THR A 55 -5.98 -2.65 10.19
N GLN A 56 -4.81 -3.23 9.94
CA GLN A 56 -3.53 -2.66 10.36
C GLN A 56 -2.98 -1.67 9.31
N ALA A 57 -3.31 -1.88 8.03
CA ALA A 57 -2.91 -1.03 6.92
C ALA A 57 -3.61 0.34 6.93
N ILE A 58 -4.92 0.41 7.22
CA ILE A 58 -5.65 1.68 7.34
C ILE A 58 -5.08 2.58 8.43
N GLN A 59 -4.59 1.99 9.54
CA GLN A 59 -3.85 2.70 10.57
C GLN A 59 -2.47 3.16 10.05
N MET A 60 -1.67 2.27 9.45
CA MET A 60 -0.31 2.60 9.00
C MET A 60 -0.29 3.67 7.90
N CYS A 61 -1.33 3.75 7.06
CA CYS A 61 -1.43 4.83 6.07
C CYS A 61 -1.61 6.21 6.72
N GLN A 62 -2.47 6.32 7.74
CA GLN A 62 -2.66 7.57 8.50
C GLN A 62 -1.40 7.92 9.32
N GLN A 63 -0.72 6.93 9.89
CA GLN A 63 0.62 7.11 10.49
C GLN A 63 1.67 7.58 9.48
N GLY A 64 1.59 7.17 8.20
CA GLY A 64 2.51 7.65 7.16
C GLY A 64 2.19 9.05 6.62
N LEU A 65 0.95 9.53 6.73
CA LEU A 65 0.60 10.93 6.41
C LEU A 65 1.25 11.95 7.36
N ARG A 66 1.67 11.51 8.56
CA ARG A 66 2.51 12.29 9.50
C ARG A 66 3.95 12.58 9.00
N TYR A 67 4.32 12.03 7.84
CA TYR A 67 5.62 12.14 7.19
C TYR A 67 5.46 12.73 5.77
N THR A 68 4.74 13.86 5.62
CA THR A 68 4.42 14.44 4.30
C THR A 68 4.57 15.96 4.15
N SER A 69 5.06 16.69 5.16
CA SER A 69 4.94 18.16 5.22
C SER A 69 5.73 18.92 4.15
N THR A 70 6.86 18.38 3.68
CA THR A 70 7.84 19.08 2.83
C THR A 70 7.91 18.49 1.41
N ALA A 71 8.55 19.20 0.48
CA ALA A 71 8.58 18.84 -0.94
C ALA A 71 9.14 17.43 -1.24
N GLU A 72 10.08 16.90 -0.45
CA GLU A 72 10.61 15.52 -0.61
C GLU A 72 9.66 14.37 -0.20
N HIS A 73 8.36 14.66 -0.06
CA HIS A 73 7.31 13.71 0.28
C HIS A 73 6.05 13.82 -0.62
N VAL A 74 6.09 14.58 -1.71
CA VAL A 74 4.90 14.83 -2.56
C VAL A 74 4.32 13.58 -3.22
N ALA A 75 5.15 12.58 -3.54
CA ALA A 75 4.69 11.28 -4.05
C ALA A 75 4.28 10.35 -2.88
N ILE A 76 4.99 10.41 -1.76
CA ILE A 76 4.63 9.70 -0.51
C ILE A 76 3.21 10.08 -0.06
N ARG A 77 2.86 11.37 -0.10
CA ARG A 77 1.54 11.89 0.30
C ARG A 77 0.40 11.27 -0.54
N SER A 78 0.63 11.12 -1.85
CA SER A 78 -0.27 10.36 -2.75
C SER A 78 -0.30 8.87 -2.43
N LYS A 79 0.86 8.22 -2.24
CA LYS A 79 0.93 6.79 -1.89
C LYS A 79 0.04 6.46 -0.69
N LEU A 80 0.23 7.10 0.47
CA LEU A 80 -0.54 6.73 1.67
C LEU A 80 -2.05 7.05 1.55
N GLN A 81 -2.45 8.06 0.77
CA GLN A 81 -3.88 8.34 0.54
C GLN A 81 -4.54 7.32 -0.40
N TYR A 82 -3.93 6.98 -1.54
CA TYR A 82 -4.52 5.97 -2.42
C TYR A 82 -4.46 4.56 -1.78
N ARG A 83 -3.43 4.24 -0.99
CA ARG A 83 -3.38 3.00 -0.18
C ARG A 83 -4.59 2.87 0.75
N LEU A 84 -5.08 3.97 1.33
CA LEU A 84 -6.27 3.95 2.20
C LEU A 84 -7.56 3.67 1.41
N GLU A 85 -7.74 4.30 0.25
CA GLU A 85 -8.85 4.02 -0.68
C GLU A 85 -8.80 2.58 -1.26
N LEU A 86 -7.60 2.00 -1.43
CA LEU A 86 -7.42 0.63 -1.91
C LEU A 86 -7.39 -0.43 -0.80
N ALA A 87 -7.13 -0.09 0.46
CA ALA A 87 -7.33 -1.01 1.58
C ALA A 87 -8.83 -1.33 1.74
N GLN A 88 -9.67 -0.29 1.75
CA GLN A 88 -11.14 -0.43 1.71
C GLN A 88 -11.67 -0.95 0.36
N GLY A 89 -10.84 -0.89 -0.69
CA GLY A 89 -11.07 -1.50 -2.00
C GLY A 89 -10.86 -3.01 -2.00
N ALA A 90 -9.71 -3.46 -1.51
CA ALA A 90 -9.27 -4.85 -1.52
C ALA A 90 -10.02 -5.73 -0.51
N VAL A 91 -10.35 -5.17 0.67
CA VAL A 91 -11.18 -5.85 1.69
C VAL A 91 -12.61 -6.10 1.20
N GLY A 92 -13.14 -5.22 0.36
CA GLY A 92 -14.51 -5.27 -0.14
C GLY A 92 -15.56 -5.13 0.97
N SER A 93 -16.05 -6.26 1.46
CA SER A 93 -17.21 -6.38 2.35
C SER A 93 -17.06 -5.70 3.72
N VAL A 94 -18.19 -5.27 4.28
CA VAL A 94 -18.32 -4.70 5.65
C VAL A 94 -18.27 -5.77 6.76
N GLN A 95 -17.45 -6.80 6.56
CA GLN A 95 -17.45 -8.08 7.32
C GLN A 95 -16.60 -8.02 8.61
N ILE A 96 -15.96 -6.88 8.91
CA ILE A 96 -15.03 -6.68 10.03
C ILE A 96 -15.47 -5.46 10.84
N PRO A 97 -16.47 -5.58 11.72
CA PRO A 97 -17.05 -4.46 12.48
C PRO A 97 -16.34 -4.19 13.82
N VAL A 98 -15.46 -5.11 14.26
CA VAL A 98 -14.65 -5.02 15.49
C VAL A 98 -15.47 -4.82 16.78
N VAL A 99 -16.68 -5.41 16.84
CA VAL A 99 -17.58 -5.37 18.02
C VAL A 99 -18.27 -6.71 18.24
N GLU A 100 -17.85 -7.42 19.31
CA GLU A 100 -18.56 -8.54 19.96
C GLU A 100 -19.11 -9.66 19.03
N VAL A 101 -20.44 -9.72 18.83
CA VAL A 101 -21.16 -10.87 18.22
C VAL A 101 -22.31 -10.39 17.33
N ASP A 102 -22.25 -10.69 16.04
CA ASP A 102 -23.32 -10.48 15.03
C ASP A 102 -22.97 -11.27 13.75
N GLU A 103 -22.04 -10.72 12.95
CA GLU A 103 -21.31 -11.37 11.86
C GLU A 103 -19.91 -10.73 11.81
N LEU A 104 -18.89 -11.52 12.12
CA LEU A 104 -17.50 -11.10 12.37
C LEU A 104 -16.48 -12.14 11.83
N PRO A 105 -15.18 -11.81 11.73
CA PRO A 105 -14.12 -12.77 11.44
C PRO A 105 -14.08 -13.99 12.39
N GLU A 106 -13.41 -15.04 11.91
CA GLU A 106 -13.17 -16.29 12.63
C GLU A 106 -12.44 -16.06 13.96
N GLY A 107 -12.77 -16.84 14.99
CA GLY A 107 -12.15 -16.75 16.31
C GLY A 107 -12.44 -15.48 17.14
N TYR A 108 -12.97 -14.41 16.54
CA TYR A 108 -13.25 -13.16 17.24
C TYR A 108 -14.39 -13.35 18.25
N ASP A 109 -14.10 -13.07 19.53
CA ASP A 109 -14.95 -13.36 20.71
C ASP A 109 -15.26 -14.87 20.94
N ARG A 110 -14.58 -15.79 20.22
CA ARG A 110 -14.91 -17.22 20.14
C ARG A 110 -13.77 -18.12 20.67
N SER A 111 -14.15 -19.19 21.37
CA SER A 111 -13.27 -20.13 22.09
C SER A 111 -12.22 -20.79 21.21
N MET B 1 7.55 3.24 -10.33
CA MET B 1 6.08 3.35 -10.30
C MET B 1 5.46 2.22 -11.12
N GLU B 2 5.39 1.03 -10.54
CA GLU B 2 4.67 -0.14 -11.10
C GLU B 2 3.81 -0.85 -10.04
N GLU B 3 3.15 -0.10 -9.16
CA GLU B 3 2.28 -0.60 -8.08
C GLU B 3 0.89 -1.08 -8.59
N VAL B 4 0.87 -1.77 -9.73
CA VAL B 4 -0.32 -2.00 -10.58
C VAL B 4 -1.36 -2.99 -10.02
N ASP B 5 -0.95 -3.98 -9.22
CA ASP B 5 -1.80 -5.06 -8.67
C ASP B 5 -1.74 -5.18 -7.13
N MET A 1 19.37 4.06 -6.08
CA MET A 1 20.06 2.77 -6.31
C MET A 1 19.09 1.75 -6.88
N SER A 2 19.39 1.15 -8.03
CA SER A 2 18.46 0.26 -8.76
C SER A 2 17.98 -0.95 -7.96
N GLN A 3 18.82 -1.55 -7.11
CA GLN A 3 18.43 -2.69 -6.27
C GLN A 3 17.34 -2.35 -5.24
N PHE A 4 17.15 -1.07 -4.90
CA PHE A 4 16.04 -0.60 -4.06
C PHE A 4 14.73 -0.37 -4.83
N GLU A 5 14.77 -0.30 -6.16
CA GLU A 5 13.60 -0.56 -7.01
C GLU A 5 13.35 -2.06 -7.04
N LYS A 6 14.39 -2.85 -7.35
CA LYS A 6 14.31 -4.31 -7.48
C LYS A 6 13.67 -4.97 -6.27
N GLN A 7 13.96 -4.53 -5.03
CA GLN A 7 13.36 -5.08 -3.82
C GLN A 7 11.87 -4.71 -3.60
N LYS A 8 11.39 -3.55 -4.09
CA LYS A 8 9.95 -3.20 -4.05
C LYS A 8 9.14 -3.85 -5.18
N GLU A 9 9.74 -3.99 -6.35
CA GLU A 9 9.13 -4.63 -7.52
C GLU A 9 9.10 -6.16 -7.37
N GLN A 10 10.18 -6.76 -6.86
CA GLN A 10 10.21 -8.16 -6.42
C GLN A 10 9.18 -8.41 -5.30
N GLY A 11 9.02 -7.47 -4.36
CA GLY A 11 8.03 -7.59 -3.28
C GLY A 11 6.62 -7.88 -3.81
N ASN A 12 6.14 -7.09 -4.77
CA ASN A 12 4.81 -7.33 -5.38
C ASN A 12 4.79 -8.65 -6.18
N SER A 13 5.86 -8.95 -6.93
CA SER A 13 6.02 -10.21 -7.69
C SER A 13 5.93 -11.47 -6.78
N LEU A 14 6.56 -11.44 -5.60
CA LEU A 14 6.47 -12.50 -4.58
C LEU A 14 5.07 -12.60 -3.97
N PHE A 15 4.37 -11.47 -3.78
CA PHE A 15 2.96 -11.44 -3.34
C PHE A 15 1.96 -11.95 -4.40
N LYS A 16 2.27 -11.83 -5.69
CA LYS A 16 1.49 -12.44 -6.80
C LYS A 16 1.68 -13.97 -6.90
N GLN A 17 2.70 -14.50 -6.22
CA GLN A 17 2.99 -15.94 -6.14
C GLN A 17 2.47 -16.57 -4.84
N GLY A 18 2.83 -16.02 -3.67
CA GLY A 18 2.53 -16.61 -2.35
C GLY A 18 3.70 -16.60 -1.35
N LEU A 19 4.77 -15.83 -1.61
CA LEU A 19 5.99 -15.74 -0.80
C LEU A 19 5.97 -14.47 0.06
N TYR A 20 4.93 -14.38 0.89
CA TYR A 20 4.56 -13.18 1.64
C TYR A 20 5.61 -12.75 2.66
N ARG A 21 6.30 -13.69 3.34
CA ARG A 21 7.29 -13.38 4.39
C ARG A 21 8.65 -13.05 3.77
N GLU A 22 9.00 -13.68 2.65
CA GLU A 22 10.15 -13.25 1.84
C GLU A 22 9.92 -11.84 1.28
N ALA A 23 8.70 -11.53 0.84
CA ALA A 23 8.35 -10.20 0.38
C ALA A 23 8.39 -9.14 1.50
N VAL A 24 7.80 -9.43 2.67
CA VAL A 24 7.91 -8.56 3.86
C VAL A 24 9.37 -8.34 4.27
N HIS A 25 10.25 -9.33 4.14
CA HIS A 25 11.69 -9.13 4.37
C HIS A 25 12.29 -8.10 3.39
N CYS A 26 11.97 -8.15 2.10
CA CYS A 26 12.43 -7.20 1.08
C CYS A 26 11.99 -5.75 1.40
N TYR A 27 10.76 -5.55 1.87
CA TYR A 27 10.25 -4.25 2.30
C TYR A 27 10.82 -3.79 3.65
N ASP A 28 10.99 -4.70 4.62
CA ASP A 28 11.66 -4.40 5.88
C ASP A 28 13.14 -3.99 5.67
N GLN A 29 13.82 -4.52 4.64
CA GLN A 29 15.18 -4.08 4.31
C GLN A 29 15.25 -2.65 3.74
N LEU A 30 14.18 -2.13 3.09
CA LEU A 30 14.10 -0.69 2.79
C LEU A 30 14.22 0.15 4.08
N ILE A 31 13.55 -0.30 5.15
CA ILE A 31 13.54 0.37 6.47
C ILE A 31 14.80 0.02 7.30
N THR A 32 15.49 -1.08 7.00
CA THR A 32 16.84 -1.37 7.54
C THR A 32 17.86 -0.36 7.01
N ALA A 33 17.82 -0.07 5.71
CA ALA A 33 18.74 0.85 5.03
C ALA A 33 18.34 2.33 5.12
N GLN A 34 17.07 2.63 5.41
CA GLN A 34 16.50 4.00 5.46
C GLN A 34 15.49 4.14 6.63
N PRO A 35 15.92 4.12 7.90
CA PRO A 35 15.01 3.98 9.06
C PRO A 35 14.06 5.16 9.34
N GLN A 36 14.38 6.36 8.86
CA GLN A 36 13.62 7.59 9.09
C GLN A 36 12.72 7.95 7.89
N ASN A 37 13.11 7.53 6.68
CA ASN A 37 12.45 7.93 5.44
C ASN A 37 11.03 7.35 5.27
N PRO A 38 10.05 8.13 4.80
CA PRO A 38 8.69 7.65 4.57
C PRO A 38 8.57 6.58 3.48
N VAL A 39 9.56 6.49 2.56
CA VAL A 39 9.60 5.51 1.45
C VAL A 39 9.25 4.09 1.92
N GLY A 40 10.01 3.52 2.85
CA GLY A 40 9.86 2.12 3.26
C GLY A 40 8.54 1.83 3.97
N TYR A 41 8.02 2.76 4.77
CA TYR A 41 6.67 2.68 5.34
C TYR A 41 5.60 2.67 4.24
N SER A 42 5.74 3.52 3.21
CA SER A 42 4.81 3.57 2.08
C SER A 42 4.84 2.31 1.20
N ASN A 43 5.96 1.57 1.18
CA ASN A 43 6.07 0.27 0.50
C ASN A 43 5.60 -0.89 1.42
N LYS A 44 5.88 -0.88 2.73
CA LYS A 44 5.35 -1.87 3.69
C LYS A 44 3.81 -1.81 3.80
N ALA A 45 3.21 -0.63 3.63
CA ALA A 45 1.75 -0.49 3.50
C ALA A 45 1.17 -1.26 2.29
N MET A 46 1.87 -1.28 1.15
CA MET A 46 1.50 -2.08 -0.02
C MET A 46 1.57 -3.58 0.28
N ALA A 47 2.63 -4.01 0.98
CA ALA A 47 2.77 -5.40 1.44
C ALA A 47 1.59 -5.84 2.30
N LEU A 48 1.14 -5.00 3.24
CA LEU A 48 0.02 -5.34 4.13
C LEU A 48 -1.30 -5.54 3.38
N ILE A 49 -1.62 -4.75 2.33
CA ILE A 49 -2.82 -5.01 1.50
C ILE A 49 -2.67 -6.20 0.53
N LYS A 50 -1.44 -6.53 0.11
CA LYS A 50 -1.12 -7.70 -0.75
C LYS A 50 -1.00 -9.01 0.05
N LEU A 51 -0.79 -8.95 1.36
CA LEU A 51 -0.95 -10.05 2.31
C LEU A 51 -2.44 -10.22 2.68
N GLY A 52 -3.13 -9.10 2.92
CA GLY A 52 -4.53 -9.08 3.37
C GLY A 52 -4.69 -8.76 4.86
N GLU A 53 -3.80 -7.94 5.43
CA GLU A 53 -3.90 -7.37 6.78
C GLU A 53 -4.38 -5.91 6.69
N TYR A 54 -5.55 -5.72 6.08
CA TYR A 54 -6.06 -4.38 5.73
C TYR A 54 -6.22 -3.48 6.96
N THR A 55 -6.60 -4.06 8.11
CA THR A 55 -6.68 -3.34 9.40
C THR A 55 -5.32 -2.80 9.87
N GLN A 56 -4.19 -3.43 9.53
CA GLN A 56 -2.87 -2.84 9.80
C GLN A 56 -2.48 -1.80 8.73
N ALA A 57 -2.86 -2.02 7.48
CA ALA A 57 -2.56 -1.10 6.38
C ALA A 57 -3.18 0.29 6.56
N ILE A 58 -4.44 0.37 7.04
CA ILE A 58 -5.12 1.64 7.33
C ILE A 58 -4.45 2.42 8.48
N GLN A 59 -3.82 1.72 9.44
CA GLN A 59 -2.99 2.34 10.47
C GLN A 59 -1.68 2.84 9.86
N MET A 60 -0.96 1.99 9.11
CA MET A 60 0.36 2.35 8.57
C MET A 60 0.29 3.51 7.56
N CYS A 61 -0.79 3.63 6.78
CA CYS A 61 -0.95 4.77 5.88
C CYS A 61 -1.21 6.07 6.64
N GLN A 62 -2.06 6.06 7.67
CA GLN A 62 -2.32 7.25 8.50
C GLN A 62 -1.10 7.66 9.34
N GLN A 63 -0.34 6.68 9.84
CA GLN A 63 0.99 6.88 10.44
C GLN A 63 1.98 7.47 9.42
N GLY A 64 1.99 7.04 8.16
CA GLY A 64 2.84 7.62 7.12
C GLY A 64 2.42 9.03 6.68
N LEU A 65 1.15 9.41 6.85
CA LEU A 65 0.71 10.80 6.67
C LEU A 65 1.28 11.75 7.72
N ARG A 66 1.65 11.25 8.92
CA ARG A 66 2.41 12.02 9.93
C ARG A 66 3.76 12.48 9.37
N TYR A 67 4.52 11.55 8.76
CA TYR A 67 5.83 11.81 8.15
C TYR A 67 5.76 12.79 6.96
N THR A 68 4.63 12.84 6.25
CA THR A 68 4.57 13.36 4.87
C THR A 68 3.68 14.59 4.64
N SER A 69 2.99 15.10 5.67
CA SER A 69 2.15 16.31 5.61
C SER A 69 2.98 17.62 5.65
N THR A 70 4.00 17.70 4.79
CA THR A 70 4.94 18.82 4.70
C THR A 70 5.63 18.89 3.32
N ALA A 71 6.06 20.08 2.92
CA ALA A 71 6.44 20.45 1.55
C ALA A 71 7.45 19.52 0.84
N GLU A 72 8.42 18.94 1.56
CA GLU A 72 9.46 18.07 0.98
C GLU A 72 9.02 16.61 0.71
N HIS A 73 7.78 16.25 1.07
CA HIS A 73 7.22 14.90 1.02
C HIS A 73 5.81 14.84 0.39
N VAL A 74 5.34 15.91 -0.26
CA VAL A 74 3.97 16.00 -0.80
C VAL A 74 3.65 14.96 -1.89
N ALA A 75 4.64 14.44 -2.61
CA ALA A 75 4.43 13.33 -3.54
C ALA A 75 4.28 11.99 -2.79
N ILE A 76 5.04 11.83 -1.68
CA ILE A 76 4.92 10.69 -0.77
C ILE A 76 3.58 10.70 -0.04
N ARG A 77 3.02 11.89 0.27
CA ARG A 77 1.71 12.07 0.91
C ARG A 77 0.59 11.40 0.10
N SER A 78 0.58 11.58 -1.22
CA SER A 78 -0.32 10.85 -2.13
C SER A 78 0.00 9.35 -2.20
N LYS A 79 1.29 8.98 -2.09
CA LYS A 79 1.74 7.60 -1.92
C LYS A 79 1.37 6.97 -0.56
N LEU A 80 0.71 7.70 0.35
CA LEU A 80 -0.11 7.12 1.44
C LEU A 80 -1.63 7.33 1.24
N GLN A 81 -2.11 8.43 0.64
CA GLN A 81 -3.55 8.60 0.30
C GLN A 81 -4.08 7.44 -0.54
N TYR A 82 -3.43 7.16 -1.68
CA TYR A 82 -3.93 6.18 -2.62
C TYR A 82 -3.85 4.75 -2.07
N ARG A 83 -2.87 4.46 -1.20
CA ARG A 83 -2.79 3.20 -0.44
C ARG A 83 -3.96 3.06 0.55
N LEU A 84 -4.35 4.15 1.21
CA LEU A 84 -5.47 4.17 2.15
C LEU A 84 -6.82 4.03 1.43
N GLU A 85 -6.93 4.51 0.20
CA GLU A 85 -8.05 4.17 -0.70
C GLU A 85 -8.01 2.70 -1.14
N LEU A 86 -6.85 2.19 -1.58
CA LEU A 86 -6.73 0.79 -2.04
C LEU A 86 -6.82 -0.24 -0.91
N ALA A 87 -6.67 0.14 0.36
CA ALA A 87 -7.05 -0.72 1.49
C ALA A 87 -8.57 -1.01 1.47
N GLN A 88 -9.40 0.01 1.25
CA GLN A 88 -10.86 -0.16 1.06
C GLN A 88 -11.19 -0.86 -0.27
N GLY A 89 -10.32 -0.68 -1.27
CA GLY A 89 -10.41 -1.30 -2.59
C GLY A 89 -10.17 -2.81 -2.57
N ALA A 90 -9.10 -3.23 -1.87
CA ALA A 90 -8.64 -4.61 -1.78
C ALA A 90 -9.44 -5.45 -0.77
N VAL A 91 -9.94 -4.84 0.32
CA VAL A 91 -10.89 -5.53 1.23
C VAL A 91 -12.26 -5.70 0.57
N GLY A 92 -12.67 -4.75 -0.28
CA GLY A 92 -13.86 -4.81 -1.13
C GLY A 92 -13.69 -5.64 -2.40
N SER A 93 -12.71 -6.56 -2.46
CA SER A 93 -12.41 -7.42 -3.62
C SER A 93 -12.39 -8.92 -3.29
N VAL A 94 -13.03 -9.33 -2.19
CA VAL A 94 -13.14 -10.74 -1.77
C VAL A 94 -14.39 -11.42 -2.35
N GLN A 95 -14.24 -12.69 -2.73
CA GLN A 95 -15.29 -13.53 -3.32
C GLN A 95 -15.76 -14.65 -2.37
N ILE A 96 -16.75 -15.43 -2.83
CA ILE A 96 -17.49 -16.46 -2.09
C ILE A 96 -18.34 -15.81 -0.97
N PRO A 97 -19.58 -15.38 -1.26
CA PRO A 97 -20.48 -14.85 -0.24
C PRO A 97 -21.02 -15.93 0.72
N VAL A 98 -20.92 -17.23 0.37
CA VAL A 98 -21.36 -18.38 1.18
C VAL A 98 -22.90 -18.40 1.35
N VAL A 99 -23.63 -18.20 0.25
CA VAL A 99 -25.11 -18.21 0.22
C VAL A 99 -25.66 -19.05 -0.95
N GLU A 100 -26.98 -19.28 -0.98
CA GLU A 100 -27.65 -20.03 -2.05
C GLU A 100 -27.87 -19.18 -3.32
N VAL A 101 -28.17 -17.89 -3.15
CA VAL A 101 -28.33 -16.94 -4.25
C VAL A 101 -27.68 -15.57 -3.97
N ASP A 102 -26.81 -15.15 -4.88
CA ASP A 102 -26.34 -13.78 -5.11
C ASP A 102 -25.77 -13.74 -6.56
N GLU A 103 -24.61 -13.13 -6.80
CA GLU A 103 -23.92 -13.23 -8.10
C GLU A 103 -23.00 -14.48 -8.14
N LEU A 104 -22.31 -14.77 -7.03
CA LEU A 104 -21.57 -16.01 -6.68
C LEU A 104 -20.37 -16.34 -7.61
N PRO A 105 -19.25 -16.88 -7.11
CA PRO A 105 -18.10 -17.25 -7.95
C PRO A 105 -18.34 -18.58 -8.69
N GLU A 106 -18.26 -18.56 -10.02
CA GLU A 106 -18.56 -19.71 -10.90
C GLU A 106 -19.90 -20.41 -10.52
N GLY A 107 -20.93 -19.61 -10.22
CA GLY A 107 -22.27 -20.04 -9.85
C GLY A 107 -22.45 -20.51 -8.40
N TYR A 108 -21.52 -21.31 -7.84
CA TYR A 108 -21.51 -21.88 -6.47
C TYR A 108 -22.70 -22.80 -6.07
N ASP A 109 -23.94 -22.44 -6.42
CA ASP A 109 -25.15 -23.27 -6.31
C ASP A 109 -25.96 -23.22 -7.62
N ARG A 110 -26.18 -24.39 -8.22
CA ARG A 110 -26.98 -24.59 -9.45
C ARG A 110 -27.75 -25.90 -9.39
N SER A 111 -28.85 -25.98 -10.12
CA SER A 111 -29.72 -27.16 -10.27
C SER A 111 -29.56 -27.81 -11.64
N MET B 1 10.51 3.90 -9.79
CA MET B 1 10.36 4.35 -8.39
C MET B 1 9.21 3.66 -7.65
N GLU B 2 8.19 3.18 -8.38
CA GLU B 2 6.89 2.73 -7.88
C GLU B 2 6.63 1.22 -8.05
N GLU B 3 5.60 0.70 -7.39
CA GLU B 3 4.96 -0.60 -7.65
C GLU B 3 3.41 -0.46 -7.64
N VAL B 4 2.67 -1.33 -8.34
CA VAL B 4 1.21 -1.18 -8.53
C VAL B 4 0.46 -2.52 -8.68
N ASP B 5 -0.70 -2.63 -8.05
CA ASP B 5 -1.69 -3.73 -8.16
C ASP B 5 -3.04 -3.29 -7.59
N MET A 1 20.12 4.23 -5.86
CA MET A 1 19.74 4.36 -7.27
C MET A 1 18.57 3.43 -7.60
N SER A 2 18.81 2.18 -8.01
CA SER A 2 17.77 1.26 -8.48
C SER A 2 17.66 -0.06 -7.71
N GLN A 3 18.65 -0.50 -6.91
CA GLN A 3 18.53 -1.77 -6.18
C GLN A 3 17.39 -1.77 -5.14
N PHE A 4 17.07 -0.60 -4.56
CA PHE A 4 15.93 -0.46 -3.65
C PHE A 4 14.57 -0.37 -4.38
N GLU A 5 14.56 -0.15 -5.70
CA GLU A 5 13.40 -0.38 -6.56
C GLU A 5 13.29 -1.89 -6.83
N LYS A 6 14.41 -2.52 -7.21
CA LYS A 6 14.48 -3.96 -7.47
C LYS A 6 13.93 -4.78 -6.31
N GLN A 7 14.30 -4.48 -5.06
CA GLN A 7 13.81 -5.21 -3.89
C GLN A 7 12.30 -5.03 -3.62
N LYS A 8 11.67 -3.91 -4.05
CA LYS A 8 10.21 -3.71 -3.91
C LYS A 8 9.41 -4.28 -5.09
N GLU A 9 9.97 -4.30 -6.30
CA GLU A 9 9.34 -4.94 -7.48
C GLU A 9 9.49 -6.48 -7.42
N GLN A 10 10.59 -6.96 -6.83
CA GLN A 10 10.75 -8.32 -6.30
C GLN A 10 9.68 -8.62 -5.23
N GLY A 11 9.52 -7.77 -4.22
CA GLY A 11 8.48 -7.93 -3.19
C GLY A 11 7.07 -8.05 -3.76
N ASN A 12 6.71 -7.19 -4.71
CA ASN A 12 5.45 -7.25 -5.46
C ASN A 12 5.29 -8.60 -6.19
N SER A 13 6.29 -9.02 -6.95
CA SER A 13 6.28 -10.27 -7.72
C SER A 13 6.11 -11.49 -6.79
N LEU A 14 6.89 -11.54 -5.71
CA LEU A 14 6.82 -12.57 -4.68
C LEU A 14 5.41 -12.67 -4.06
N PHE A 15 4.67 -11.57 -3.90
CA PHE A 15 3.27 -11.62 -3.45
C PHE A 15 2.31 -12.27 -4.46
N LYS A 16 2.44 -11.99 -5.76
CA LYS A 16 1.66 -12.71 -6.79
C LYS A 16 2.00 -14.21 -6.81
N GLN A 17 3.27 -14.56 -6.70
CA GLN A 17 3.74 -15.96 -6.68
C GLN A 17 3.41 -16.72 -5.38
N GLY A 18 3.24 -16.00 -4.26
CA GLY A 18 2.75 -16.54 -2.98
C GLY A 18 3.77 -16.59 -1.84
N LEU A 19 4.92 -15.93 -1.99
CA LEU A 19 6.08 -15.94 -1.10
C LEU A 19 6.07 -14.72 -0.17
N TYR A 20 5.02 -14.62 0.64
CA TYR A 20 4.77 -13.50 1.54
C TYR A 20 5.88 -13.25 2.57
N ARG A 21 6.62 -14.27 3.01
CA ARG A 21 7.69 -14.15 4.03
C ARG A 21 9.01 -13.73 3.39
N GLU A 22 9.28 -14.15 2.15
CA GLU A 22 10.35 -13.57 1.31
C GLU A 22 10.03 -12.12 0.95
N ALA A 23 8.77 -11.82 0.61
CA ALA A 23 8.38 -10.48 0.20
C ALA A 23 8.48 -9.47 1.36
N VAL A 24 7.95 -9.80 2.53
CA VAL A 24 8.04 -8.95 3.73
C VAL A 24 9.50 -8.72 4.14
N HIS A 25 10.41 -9.68 3.95
CA HIS A 25 11.85 -9.46 4.16
C HIS A 25 12.42 -8.35 3.28
N CYS A 26 12.06 -8.32 2.00
CA CYS A 26 12.54 -7.31 1.05
C CYS A 26 11.96 -5.91 1.34
N TYR A 27 10.71 -5.83 1.80
CA TYR A 27 10.09 -4.58 2.27
C TYR A 27 10.65 -4.11 3.62
N ASP A 28 10.90 -5.01 4.57
CA ASP A 28 11.56 -4.72 5.84
C ASP A 28 12.97 -4.14 5.61
N GLN A 29 13.69 -4.60 4.58
CA GLN A 29 15.01 -4.08 4.23
C GLN A 29 14.97 -2.71 3.52
N LEU A 30 13.82 -2.26 3.00
CA LEU A 30 13.65 -0.83 2.68
C LEU A 30 13.74 0.02 3.95
N ILE A 31 13.16 -0.47 5.05
CA ILE A 31 13.13 0.22 6.35
C ILE A 31 14.49 0.12 7.04
N THR A 32 15.14 -1.04 7.05
CA THR A 32 16.46 -1.21 7.69
C THR A 32 17.53 -0.30 7.05
N ALA A 33 17.43 -0.06 5.73
CA ALA A 33 18.29 0.89 5.03
C ALA A 33 17.88 2.37 5.20
N GLN A 34 16.62 2.65 5.55
CA GLN A 34 16.02 4.01 5.56
C GLN A 34 15.02 4.20 6.73
N PRO A 35 15.43 4.08 8.01
CA PRO A 35 14.49 3.77 9.11
C PRO A 35 13.43 4.82 9.42
N GLN A 36 13.65 6.08 9.01
CA GLN A 36 12.76 7.20 9.27
C GLN A 36 12.11 7.73 7.97
N ASN A 37 12.37 7.11 6.81
CA ASN A 37 11.79 7.51 5.53
C ASN A 37 10.36 6.95 5.35
N PRO A 38 9.35 7.77 5.04
CA PRO A 38 8.01 7.28 4.73
C PRO A 38 7.93 6.40 3.47
N VAL A 39 8.97 6.40 2.61
CA VAL A 39 9.09 5.46 1.48
C VAL A 39 9.04 3.99 1.94
N GLY A 40 9.61 3.66 3.10
CA GLY A 40 9.59 2.29 3.63
C GLY A 40 8.19 1.92 4.12
N TYR A 41 7.59 2.77 4.94
CA TYR A 41 6.25 2.55 5.53
C TYR A 41 5.12 2.55 4.48
N SER A 42 5.19 3.42 3.47
CA SER A 42 4.25 3.43 2.33
C SER A 42 4.41 2.23 1.37
N ASN A 43 5.51 1.48 1.47
CA ASN A 43 5.69 0.19 0.81
C ASN A 43 5.25 -0.98 1.71
N LYS A 44 5.57 -0.97 3.02
CA LYS A 44 5.11 -2.00 3.98
C LYS A 44 3.57 -2.04 4.12
N ALA A 45 2.89 -0.89 4.07
CA ALA A 45 1.43 -0.85 3.99
C ALA A 45 0.88 -1.53 2.72
N MET A 46 1.59 -1.44 1.59
CA MET A 46 1.23 -2.11 0.33
C MET A 46 1.41 -3.63 0.45
N ALA A 47 2.50 -4.08 1.08
CA ALA A 47 2.74 -5.48 1.39
C ALA A 47 1.60 -6.06 2.25
N LEU A 48 1.17 -5.34 3.30
CA LEU A 48 0.09 -5.77 4.18
C LEU A 48 -1.24 -5.99 3.44
N ILE A 49 -1.57 -5.19 2.41
CA ILE A 49 -2.78 -5.39 1.58
C ILE A 49 -2.60 -6.40 0.44
N LYS A 50 -1.36 -6.72 0.05
CA LYS A 50 -1.03 -7.83 -0.86
C LYS A 50 -0.93 -9.19 -0.13
N LEU A 51 -0.86 -9.17 1.21
CA LEU A 51 -0.86 -10.32 2.13
C LEU A 51 -2.27 -10.63 2.66
N GLY A 52 -2.98 -9.62 3.16
CA GLY A 52 -4.35 -9.75 3.72
C GLY A 52 -4.56 -9.21 5.14
N GLU A 53 -3.64 -8.39 5.66
CA GLU A 53 -3.72 -7.76 7.00
C GLU A 53 -4.09 -6.26 6.86
N TYR A 54 -5.19 -5.98 6.14
CA TYR A 54 -5.61 -4.63 5.78
C TYR A 54 -5.89 -3.73 7.00
N THR A 55 -6.33 -4.30 8.14
CA THR A 55 -6.50 -3.57 9.41
C THR A 55 -5.18 -2.96 9.91
N GLN A 56 -4.04 -3.59 9.59
CA GLN A 56 -2.70 -3.03 9.86
C GLN A 56 -2.34 -1.93 8.85
N ALA A 57 -2.76 -2.09 7.59
CA ALA A 57 -2.45 -1.14 6.51
C ALA A 57 -3.19 0.20 6.65
N ILE A 58 -4.46 0.20 7.09
CA ILE A 58 -5.22 1.43 7.34
C ILE A 58 -4.62 2.25 8.50
N GLN A 59 -4.05 1.58 9.50
CA GLN A 59 -3.28 2.23 10.57
C GLN A 59 -1.96 2.80 10.03
N MET A 60 -1.23 2.03 9.21
CA MET A 60 0.10 2.42 8.74
C MET A 60 0.07 3.53 7.67
N CYS A 61 -0.97 3.61 6.84
CA CYS A 61 -1.11 4.72 5.90
C CYS A 61 -1.36 6.05 6.65
N GLN A 62 -2.18 6.05 7.70
CA GLN A 62 -2.38 7.23 8.55
C GLN A 62 -1.12 7.60 9.34
N GLN A 63 -0.36 6.61 9.82
CA GLN A 63 0.96 6.82 10.42
C GLN A 63 1.96 7.42 9.42
N GLY A 64 1.88 7.12 8.13
CA GLY A 64 2.72 7.77 7.11
C GLY A 64 2.28 9.18 6.72
N LEU A 65 0.99 9.55 6.88
CA LEU A 65 0.54 10.95 6.75
C LEU A 65 1.20 11.87 7.80
N ARG A 66 1.69 11.32 8.93
CA ARG A 66 2.53 12.05 9.91
C ARG A 66 3.91 12.52 9.38
N TYR A 67 4.26 12.20 8.14
CA TYR A 67 5.57 12.47 7.51
C TYR A 67 5.42 13.35 6.24
N THR A 68 4.54 14.36 6.27
CA THR A 68 4.06 15.05 5.05
C THR A 68 3.99 16.59 5.10
N SER A 69 4.50 17.25 6.15
CA SER A 69 4.33 18.70 6.37
C SER A 69 5.34 19.60 5.62
N THR A 70 5.99 19.07 4.58
CA THR A 70 6.95 19.74 3.71
C THR A 70 6.78 19.25 2.28
N ALA A 71 6.96 20.14 1.29
CA ALA A 71 6.90 19.80 -0.13
C ALA A 71 8.02 18.85 -0.59
N GLU A 72 9.03 18.58 0.25
CA GLU A 72 9.97 17.47 0.09
C GLU A 72 9.25 16.09 0.07
N HIS A 73 8.05 16.01 0.66
CA HIS A 73 7.22 14.82 0.83
C HIS A 73 5.77 15.03 0.36
N VAL A 74 5.50 15.99 -0.54
CA VAL A 74 4.15 16.15 -1.14
C VAL A 74 3.71 14.92 -1.95
N ALA A 75 4.66 14.24 -2.60
CA ALA A 75 4.39 13.00 -3.32
C ALA A 75 4.04 11.86 -2.36
N ILE A 76 4.66 11.82 -1.17
CA ILE A 76 4.30 10.91 -0.07
C ILE A 76 2.90 11.24 0.47
N ARG A 77 2.52 12.52 0.54
CA ARG A 77 1.18 12.96 1.00
C ARG A 77 0.06 12.37 0.13
N SER A 78 0.26 12.32 -1.19
CA SER A 78 -0.60 11.58 -2.14
C SER A 78 -0.45 10.05 -1.97
N LYS A 79 0.78 9.53 -1.89
CA LYS A 79 1.10 8.09 -1.82
C LYS A 79 0.76 7.40 -0.48
N LEU A 80 0.29 8.12 0.54
CA LEU A 80 -0.48 7.52 1.65
C LEU A 80 -2.00 7.74 1.53
N GLN A 81 -2.48 8.87 0.99
CA GLN A 81 -3.92 9.13 0.86
C GLN A 81 -4.59 8.18 -0.15
N TYR A 82 -4.07 8.03 -1.38
CA TYR A 82 -4.60 7.05 -2.33
C TYR A 82 -4.35 5.60 -1.84
N ARG A 83 -3.25 5.34 -1.15
CA ARG A 83 -2.91 4.01 -0.61
C ARG A 83 -3.90 3.55 0.46
N LEU A 84 -4.47 4.48 1.23
CA LEU A 84 -5.59 4.23 2.15
C LEU A 84 -6.92 3.98 1.41
N GLU A 85 -7.18 4.69 0.31
CA GLU A 85 -8.32 4.40 -0.59
C GLU A 85 -8.20 3.00 -1.22
N LEU A 86 -6.98 2.56 -1.56
CA LEU A 86 -6.74 1.23 -2.14
C LEU A 86 -6.68 0.11 -1.09
N ALA A 87 -6.33 0.37 0.17
CA ALA A 87 -6.53 -0.61 1.24
C ALA A 87 -8.02 -0.94 1.45
N GLN A 88 -8.88 0.10 1.42
CA GLN A 88 -10.34 -0.06 1.40
C GLN A 88 -10.83 -0.74 0.11
N GLY A 89 -10.08 -0.60 -0.98
CA GLY A 89 -10.29 -1.28 -2.26
C GLY A 89 -9.99 -2.78 -2.20
N ALA A 90 -8.86 -3.16 -1.59
CA ALA A 90 -8.39 -4.53 -1.49
C ALA A 90 -9.18 -5.36 -0.47
N VAL A 91 -9.73 -4.74 0.59
CA VAL A 91 -10.53 -5.46 1.62
C VAL A 91 -11.98 -5.74 1.20
N GLY A 92 -12.53 -4.95 0.27
CA GLY A 92 -13.84 -5.20 -0.36
C GLY A 92 -13.71 -5.94 -1.70
N SER A 93 -14.73 -5.83 -2.57
CA SER A 93 -14.64 -6.20 -3.98
C SER A 93 -15.30 -5.16 -4.90
N VAL A 94 -14.71 -5.01 -6.10
CA VAL A 94 -15.12 -4.07 -7.17
C VAL A 94 -15.41 -2.65 -6.65
N GLN A 95 -14.62 -2.18 -5.67
CA GLN A 95 -14.85 -0.95 -4.92
C GLN A 95 -14.62 0.27 -5.81
N ILE A 96 -15.70 1.02 -6.03
CA ILE A 96 -15.94 1.89 -7.19
C ILE A 96 -15.81 1.07 -8.49
N PRO A 97 -16.93 0.57 -9.05
CA PRO A 97 -16.95 -0.18 -10.31
C PRO A 97 -16.88 0.75 -11.54
N VAL A 98 -16.90 2.07 -11.34
CA VAL A 98 -16.69 3.09 -12.38
C VAL A 98 -17.81 3.06 -13.45
N VAL A 99 -19.06 2.99 -12.96
CA VAL A 99 -20.32 2.97 -13.74
C VAL A 99 -21.40 3.81 -13.05
N GLU A 100 -21.04 5.01 -12.57
CA GLU A 100 -21.88 5.89 -11.76
C GLU A 100 -22.52 5.14 -10.56
N VAL A 101 -23.81 5.34 -10.28
CA VAL A 101 -24.47 4.88 -9.04
C VAL A 101 -25.06 3.46 -9.08
N ASP A 102 -24.81 2.69 -10.15
CA ASP A 102 -25.40 1.37 -10.40
C ASP A 102 -25.28 0.38 -9.22
N GLU A 103 -24.14 0.35 -8.53
CA GLU A 103 -23.89 -0.50 -7.35
C GLU A 103 -23.18 0.26 -6.22
N LEU A 104 -21.99 0.80 -6.50
CA LEU A 104 -21.07 1.53 -5.59
C LEU A 104 -20.69 0.83 -4.25
N PRO A 105 -19.61 1.31 -3.61
CA PRO A 105 -19.29 1.03 -2.20
C PRO A 105 -19.92 2.00 -1.17
N GLU A 106 -20.30 3.20 -1.60
CA GLU A 106 -20.56 4.36 -0.73
C GLU A 106 -21.59 5.33 -1.36
N GLY A 107 -22.06 6.32 -0.59
CA GLY A 107 -22.78 7.52 -1.06
C GLY A 107 -21.91 8.45 -1.92
N TYR A 108 -21.36 7.91 -3.00
CA TYR A 108 -20.34 8.48 -3.88
C TYR A 108 -20.95 9.11 -5.15
N ASP A 109 -20.12 9.75 -5.99
CA ASP A 109 -20.53 10.31 -7.29
C ASP A 109 -21.70 11.33 -7.18
N ARG A 110 -21.61 12.24 -6.19
CA ARG A 110 -22.64 13.22 -5.79
C ARG A 110 -22.78 14.42 -6.76
N SER A 111 -22.89 14.14 -8.06
CA SER A 111 -22.90 15.08 -9.21
C SER A 111 -21.63 15.92 -9.29
N MET B 1 3.94 8.95 -8.01
CA MET B 1 4.74 7.91 -8.70
C MET B 1 4.61 6.60 -7.94
N GLU B 2 3.99 5.58 -8.56
CA GLU B 2 3.66 4.31 -7.90
C GLU B 2 4.48 3.11 -8.47
N GLU B 3 4.60 2.05 -7.68
CA GLU B 3 5.69 1.06 -7.79
C GLU B 3 5.31 -0.41 -7.55
N VAL B 4 4.05 -0.69 -7.18
CA VAL B 4 3.57 -2.04 -6.80
C VAL B 4 2.13 -2.22 -7.27
N ASP B 5 1.85 -3.35 -7.92
CA ASP B 5 0.49 -3.84 -8.22
C ASP B 5 -0.01 -4.90 -7.24
N MET A 1 16.69 5.90 -4.99
CA MET A 1 17.37 4.59 -4.92
C MET A 1 16.85 3.69 -6.04
N SER A 2 17.56 3.68 -7.18
CA SER A 2 17.24 2.89 -8.39
C SER A 2 16.97 1.41 -8.11
N GLN A 3 17.80 0.76 -7.29
CA GLN A 3 17.69 -0.66 -6.97
C GLN A 3 16.45 -0.92 -6.10
N PHE A 4 16.10 -0.02 -5.19
CA PHE A 4 14.88 -0.09 -4.38
C PHE A 4 13.61 -0.01 -5.24
N GLU A 5 13.59 0.82 -6.29
CA GLU A 5 12.43 0.98 -7.17
C GLU A 5 12.19 -0.23 -8.08
N LYS A 6 13.18 -1.11 -8.27
CA LYS A 6 12.96 -2.46 -8.82
C LYS A 6 12.75 -3.54 -7.74
N GLN A 7 13.31 -3.39 -6.54
CA GLN A 7 13.20 -4.40 -5.48
C GLN A 7 11.80 -4.46 -4.86
N LYS A 8 11.09 -3.32 -4.72
CA LYS A 8 9.69 -3.33 -4.25
C LYS A 8 8.79 -4.13 -5.21
N GLU A 9 9.10 -4.09 -6.50
CA GLU A 9 8.37 -4.85 -7.54
C GLU A 9 8.69 -6.36 -7.52
N GLN A 10 9.93 -6.76 -7.18
CA GLN A 10 10.26 -8.16 -6.91
C GLN A 10 9.53 -8.68 -5.65
N GLY A 11 9.47 -7.88 -4.58
CA GLY A 11 8.71 -8.21 -3.37
C GLY A 11 7.21 -8.37 -3.64
N ASN A 12 6.63 -7.49 -4.47
CA ASN A 12 5.25 -7.63 -4.95
C ASN A 12 5.01 -8.95 -5.71
N SER A 13 5.97 -9.40 -6.51
CA SER A 13 5.86 -10.71 -7.20
C SER A 13 5.94 -11.88 -6.20
N LEU A 14 6.85 -11.85 -5.22
CA LEU A 14 6.93 -12.91 -4.19
C LEU A 14 5.60 -13.08 -3.44
N PHE A 15 4.89 -12.00 -3.09
CA PHE A 15 3.54 -12.09 -2.54
C PHE A 15 2.56 -12.82 -3.49
N LYS A 16 2.65 -12.61 -4.81
CA LYS A 16 1.80 -13.28 -5.80
C LYS A 16 2.09 -14.78 -5.97
N GLN A 17 3.32 -15.24 -5.70
CA GLN A 17 3.62 -16.68 -5.61
C GLN A 17 3.34 -17.28 -4.23
N GLY A 18 2.77 -16.50 -3.31
CA GLY A 18 2.44 -16.96 -1.97
C GLY A 18 3.62 -16.92 -0.98
N LEU A 19 4.78 -16.41 -1.38
CA LEU A 19 6.03 -16.46 -0.60
C LEU A 19 6.12 -15.32 0.40
N TYR A 20 5.07 -15.21 1.23
CA TYR A 20 4.86 -14.11 2.17
C TYR A 20 6.02 -13.93 3.17
N ARG A 21 6.72 -14.99 3.59
CA ARG A 21 7.84 -14.89 4.54
C ARG A 21 9.16 -14.51 3.87
N GLU A 22 9.34 -14.79 2.58
CA GLU A 22 10.43 -14.18 1.79
C GLU A 22 10.10 -12.72 1.42
N ALA A 23 8.83 -12.40 1.14
CA ALA A 23 8.38 -11.07 0.75
C ALA A 23 8.31 -10.05 1.92
N VAL A 24 7.88 -10.47 3.11
CA VAL A 24 7.95 -9.65 4.34
C VAL A 24 9.41 -9.39 4.72
N HIS A 25 10.32 -10.34 4.51
CA HIS A 25 11.77 -10.11 4.67
C HIS A 25 12.29 -9.00 3.74
N CYS A 26 11.72 -8.86 2.54
CA CYS A 26 12.04 -7.75 1.65
C CYS A 26 11.62 -6.38 2.22
N TYR A 27 10.49 -6.27 2.95
CA TYR A 27 10.07 -4.96 3.48
C TYR A 27 11.00 -4.38 4.55
N ASP A 28 11.69 -5.23 5.34
CA ASP A 28 12.73 -4.72 6.26
C ASP A 28 13.95 -4.16 5.51
N GLN A 29 14.34 -4.76 4.37
CA GLN A 29 15.48 -4.26 3.58
C GLN A 29 15.27 -2.83 3.05
N LEU A 30 14.02 -2.46 2.72
CA LEU A 30 13.69 -1.12 2.22
C LEU A 30 13.93 -0.05 3.29
N ILE A 31 13.63 -0.41 4.54
CA ILE A 31 13.74 0.48 5.71
C ILE A 31 15.20 0.51 6.22
N THR A 32 15.95 -0.58 6.17
CA THR A 32 17.38 -0.57 6.57
C THR A 32 18.23 0.33 5.66
N ALA A 33 17.88 0.46 4.37
CA ALA A 33 18.49 1.46 3.48
C ALA A 33 17.98 2.89 3.72
N GLN A 34 16.73 3.05 4.18
CA GLN A 34 16.01 4.34 4.25
C GLN A 34 15.28 4.53 5.61
N PRO A 35 15.99 4.57 6.76
CA PRO A 35 15.38 4.33 8.09
C PRO A 35 14.32 5.34 8.55
N GLN A 36 14.38 6.57 8.06
CA GLN A 36 13.48 7.66 8.45
C GLN A 36 12.67 8.20 7.26
N ASN A 37 12.48 7.40 6.19
CA ASN A 37 11.71 7.80 5.01
C ASN A 37 10.33 7.11 4.94
N PRO A 38 9.22 7.88 4.87
CA PRO A 38 7.88 7.33 4.67
C PRO A 38 7.66 6.52 3.38
N VAL A 39 8.56 6.57 2.39
CA VAL A 39 8.60 5.63 1.25
C VAL A 39 8.72 4.16 1.70
N GLY A 40 9.50 3.88 2.75
CA GLY A 40 9.62 2.53 3.32
C GLY A 40 8.34 2.09 4.03
N TYR A 41 7.74 2.98 4.83
CA TYR A 41 6.48 2.73 5.54
C TYR A 41 5.30 2.54 4.57
N SER A 42 5.27 3.30 3.48
CA SER A 42 4.31 3.14 2.37
C SER A 42 4.44 1.76 1.71
N ASN A 43 5.66 1.25 1.59
CA ASN A 43 5.92 -0.08 1.00
C ASN A 43 5.69 -1.23 2.00
N LYS A 44 5.81 -0.99 3.32
CA LYS A 44 5.28 -1.91 4.35
C LYS A 44 3.75 -1.98 4.31
N ALA A 45 3.05 -0.86 4.12
CA ALA A 45 1.59 -0.86 3.91
C ALA A 45 1.19 -1.61 2.61
N MET A 46 1.95 -1.46 1.54
CA MET A 46 1.82 -2.25 0.29
C MET A 46 2.02 -3.75 0.54
N ALA A 47 3.03 -4.16 1.34
CA ALA A 47 3.19 -5.56 1.76
C ALA A 47 1.97 -6.08 2.55
N LEU A 48 1.44 -5.29 3.50
CA LEU A 48 0.28 -5.67 4.32
C LEU A 48 -0.98 -5.93 3.47
N ILE A 49 -1.30 -5.06 2.49
CA ILE A 49 -2.44 -5.30 1.59
C ILE A 49 -2.20 -6.47 0.61
N LYS A 50 -0.94 -6.74 0.24
CA LYS A 50 -0.56 -7.91 -0.57
C LYS A 50 -0.54 -9.24 0.22
N LEU A 51 -0.66 -9.19 1.56
CA LEU A 51 -0.93 -10.32 2.46
C LEU A 51 -2.42 -10.37 2.92
N GLY A 52 -3.22 -9.36 2.58
CA GLY A 52 -4.64 -9.26 2.96
C GLY A 52 -4.92 -8.69 4.36
N GLU A 53 -3.93 -8.07 5.02
CA GLU A 53 -4.04 -7.45 6.34
C GLU A 53 -4.45 -5.97 6.21
N TYR A 54 -5.52 -5.72 5.46
CA TYR A 54 -6.01 -4.39 5.09
C TYR A 54 -6.28 -3.50 6.32
N THR A 55 -6.79 -4.09 7.41
CA THR A 55 -7.07 -3.42 8.68
C THR A 55 -5.81 -2.90 9.40
N GLN A 56 -4.63 -3.47 9.11
CA GLN A 56 -3.36 -2.89 9.59
C GLN A 56 -2.92 -1.73 8.67
N ALA A 57 -3.10 -1.88 7.37
CA ALA A 57 -2.66 -0.91 6.37
C ALA A 57 -3.41 0.44 6.48
N ILE A 58 -4.71 0.43 6.80
CA ILE A 58 -5.49 1.67 6.98
C ILE A 58 -5.00 2.52 8.16
N GLN A 59 -4.49 1.91 9.24
CA GLN A 59 -3.79 2.63 10.30
C GLN A 59 -2.40 3.09 9.84
N MET A 60 -1.62 2.22 9.21
CA MET A 60 -0.24 2.53 8.83
C MET A 60 -0.13 3.66 7.79
N CYS A 61 -1.11 3.81 6.88
CA CYS A 61 -1.14 4.92 5.93
C CYS A 61 -1.41 6.26 6.64
N GLN A 62 -2.32 6.29 7.62
CA GLN A 62 -2.58 7.49 8.42
C GLN A 62 -1.37 7.82 9.34
N GLN A 63 -0.69 6.81 9.89
CA GLN A 63 0.61 6.98 10.54
C GLN A 63 1.68 7.55 9.59
N GLY A 64 1.64 7.29 8.28
CA GLY A 64 2.54 7.96 7.32
C GLY A 64 2.13 9.39 7.00
N LEU A 65 0.83 9.73 7.02
CA LEU A 65 0.37 11.12 6.86
C LEU A 65 0.86 12.02 8.02
N ARG A 66 1.07 11.48 9.23
CA ARG A 66 1.73 12.21 10.34
C ARG A 66 3.16 12.70 10.02
N TYR A 67 3.81 12.19 8.97
CA TYR A 67 5.11 12.66 8.47
C TYR A 67 5.01 13.80 7.43
N THR A 68 3.80 14.30 7.13
CA THR A 68 3.54 15.20 5.97
C THR A 68 3.11 16.63 6.36
N SER A 69 4.09 17.47 6.72
CA SER A 69 3.92 18.92 6.92
C SER A 69 5.03 19.78 6.27
N THR A 70 5.94 19.19 5.48
CA THR A 70 7.13 19.85 4.90
C THR A 70 7.43 19.35 3.48
N ALA A 71 8.22 20.12 2.71
CA ALA A 71 8.35 19.98 1.25
C ALA A 71 9.08 18.73 0.73
N GLU A 72 9.66 17.89 1.61
CA GLU A 72 10.27 16.60 1.23
C GLU A 72 9.35 15.37 1.47
N HIS A 73 8.08 15.60 1.79
CA HIS A 73 7.06 14.54 1.97
C HIS A 73 5.69 14.85 1.30
N VAL A 74 5.60 15.88 0.45
CA VAL A 74 4.33 16.31 -0.19
C VAL A 74 3.79 15.32 -1.23
N ALA A 75 4.64 14.65 -2.01
CA ALA A 75 4.21 13.55 -2.89
C ALA A 75 4.00 12.25 -2.11
N ILE A 76 4.73 12.05 -1.01
CA ILE A 76 4.42 11.02 0.00
C ILE A 76 3.01 11.21 0.58
N ARG A 77 2.53 12.45 0.75
CA ARG A 77 1.15 12.71 1.18
C ARG A 77 0.15 12.07 0.20
N SER A 78 0.34 12.25 -1.12
CA SER A 78 -0.42 11.55 -2.17
C SER A 78 -0.20 10.04 -2.19
N LYS A 79 1.02 9.54 -1.92
CA LYS A 79 1.32 8.10 -1.76
C LYS A 79 0.45 7.49 -0.66
N LEU A 80 0.38 8.09 0.53
CA LEU A 80 -0.49 7.58 1.61
C LEU A 80 -1.99 7.88 1.40
N GLN A 81 -2.39 8.93 0.66
CA GLN A 81 -3.79 9.07 0.21
C GLN A 81 -4.20 7.85 -0.63
N TYR A 82 -3.43 7.51 -1.68
CA TYR A 82 -3.80 6.44 -2.62
C TYR A 82 -3.59 5.04 -2.02
N ARG A 83 -2.62 4.83 -1.12
CA ARG A 83 -2.51 3.58 -0.35
C ARG A 83 -3.78 3.28 0.46
N LEU A 84 -4.43 4.29 1.02
CA LEU A 84 -5.70 4.13 1.74
C LEU A 84 -6.87 3.86 0.78
N GLU A 85 -6.91 4.52 -0.38
CA GLU A 85 -7.85 4.19 -1.47
C GLU A 85 -7.68 2.73 -1.95
N LEU A 86 -6.45 2.23 -2.06
CA LEU A 86 -6.15 0.87 -2.54
C LEU A 86 -6.26 -0.20 -1.45
N ALA A 87 -6.19 0.14 -0.16
CA ALA A 87 -6.62 -0.78 0.90
C ALA A 87 -8.15 -0.98 0.89
N GLN A 88 -8.91 0.07 0.61
CA GLN A 88 -10.37 -0.01 0.34
C GLN A 88 -10.66 -0.72 -1.00
N GLY A 89 -9.74 -0.61 -1.96
CA GLY A 89 -9.75 -1.25 -3.26
C GLY A 89 -9.58 -2.76 -3.15
N ALA A 90 -8.49 -3.20 -2.51
CA ALA A 90 -8.07 -4.58 -2.39
C ALA A 90 -9.00 -5.43 -1.49
N VAL A 91 -9.68 -4.83 -0.51
CA VAL A 91 -10.70 -5.54 0.29
C VAL A 91 -12.02 -5.76 -0.48
N GLY A 92 -12.29 -4.90 -1.48
CA GLY A 92 -13.39 -5.08 -2.44
C GLY A 92 -14.80 -4.80 -1.92
N SER A 93 -15.80 -5.18 -2.72
CA SER A 93 -17.23 -4.91 -2.48
C SER A 93 -18.14 -6.02 -3.03
N VAL A 94 -19.44 -5.92 -2.72
CA VAL A 94 -20.52 -6.62 -3.44
C VAL A 94 -20.68 -6.08 -4.88
N GLN A 95 -20.30 -4.82 -5.13
CA GLN A 95 -20.20 -4.23 -6.47
C GLN A 95 -18.92 -4.65 -7.22
N ILE A 96 -18.83 -4.29 -8.50
CA ILE A 96 -17.76 -4.61 -9.46
C ILE A 96 -17.53 -6.14 -9.53
N PRO A 97 -18.40 -6.89 -10.23
CA PRO A 97 -18.32 -8.34 -10.28
C PRO A 97 -17.30 -8.84 -11.32
N VAL A 98 -16.84 -7.95 -12.21
CA VAL A 98 -16.02 -8.25 -13.40
C VAL A 98 -16.68 -9.30 -14.31
N VAL A 99 -17.90 -8.99 -14.73
CA VAL A 99 -18.74 -9.81 -15.61
C VAL A 99 -19.30 -8.94 -16.74
N GLU A 100 -19.07 -9.36 -17.98
CA GLU A 100 -19.48 -8.68 -19.23
C GLU A 100 -19.26 -7.15 -19.18
N VAL A 101 -20.33 -6.35 -19.40
CA VAL A 101 -20.31 -4.87 -19.37
C VAL A 101 -21.54 -4.25 -18.68
N ASP A 102 -22.71 -4.90 -18.69
CA ASP A 102 -23.94 -4.39 -18.05
C ASP A 102 -23.96 -4.54 -16.51
N GLU A 103 -23.12 -5.41 -15.94
CA GLU A 103 -23.11 -5.71 -14.50
C GLU A 103 -22.12 -4.83 -13.70
N LEU A 104 -21.54 -3.82 -14.35
CA LEU A 104 -20.48 -2.95 -13.83
C LEU A 104 -20.95 -1.48 -13.72
N PRO A 105 -20.42 -0.69 -12.76
CA PRO A 105 -20.77 0.72 -12.56
C PRO A 105 -20.02 1.69 -13.48
N GLU A 106 -20.52 2.92 -13.62
CA GLU A 106 -19.85 3.96 -14.42
C GLU A 106 -18.55 4.45 -13.76
N GLY A 107 -17.57 4.77 -14.60
CA GLY A 107 -16.15 4.81 -14.26
C GLY A 107 -15.45 3.52 -14.72
N TYR A 108 -16.09 2.36 -14.61
CA TYR A 108 -15.59 1.09 -15.15
C TYR A 108 -16.12 0.83 -16.56
N ASP A 109 -17.44 0.76 -16.74
CA ASP A 109 -18.09 0.62 -18.06
C ASP A 109 -19.49 1.25 -18.05
N ARG A 110 -19.95 1.81 -19.18
CA ARG A 110 -21.31 2.35 -19.33
C ARG A 110 -21.88 2.05 -20.74
N SER A 111 -23.17 1.78 -20.82
CA SER A 111 -23.85 1.27 -22.04
C SER A 111 -24.30 2.36 -23.00
N MET B 1 4.86 9.29 -8.70
CA MET B 1 4.63 8.72 -7.35
C MET B 1 4.00 7.32 -7.37
N GLU B 2 3.30 6.90 -8.44
CA GLU B 2 2.60 5.61 -8.52
C GLU B 2 3.53 4.37 -8.45
N GLU B 3 3.04 3.27 -7.89
CA GLU B 3 3.76 1.99 -7.70
C GLU B 3 2.96 0.81 -8.29
N VAL B 4 3.63 -0.34 -8.46
CA VAL B 4 3.15 -1.50 -9.26
C VAL B 4 1.83 -2.18 -8.81
N ASP B 5 1.32 -1.90 -7.61
CA ASP B 5 -0.02 -2.26 -7.06
C ASP B 5 -0.69 -3.56 -7.55
N MET A 1 20.14 4.23 -4.94
CA MET A 1 18.66 4.18 -5.02
C MET A 1 18.15 2.90 -5.64
N SER A 2 18.66 2.49 -6.80
CA SER A 2 18.04 1.47 -7.67
C SER A 2 17.83 0.11 -7.00
N GLN A 3 18.69 -0.33 -6.07
CA GLN A 3 18.47 -1.61 -5.35
C GLN A 3 17.16 -1.57 -4.54
N PHE A 4 16.92 -0.47 -3.82
CA PHE A 4 15.72 -0.26 -3.02
C PHE A 4 14.46 -0.17 -3.90
N GLU A 5 14.56 0.50 -5.05
CA GLU A 5 13.53 0.55 -6.11
C GLU A 5 13.24 -0.84 -6.71
N LYS A 6 14.20 -1.75 -6.65
CA LYS A 6 14.07 -3.12 -7.14
C LYS A 6 13.28 -3.99 -6.17
N GLN A 7 13.59 -3.95 -4.87
CA GLN A 7 12.91 -4.80 -3.89
C GLN A 7 11.46 -4.39 -3.63
N LYS A 8 11.11 -3.10 -3.72
CA LYS A 8 9.70 -2.65 -3.55
C LYS A 8 8.76 -3.31 -4.55
N GLU A 9 9.20 -3.56 -5.79
CA GLU A 9 8.39 -4.27 -6.79
C GLU A 9 8.64 -5.79 -6.82
N GLN A 10 9.78 -6.28 -6.32
CA GLN A 10 10.03 -7.71 -6.12
C GLN A 10 9.02 -8.31 -5.13
N GLY A 11 8.73 -7.60 -4.04
CA GLY A 11 7.78 -8.05 -3.02
C GLY A 11 6.36 -8.30 -3.54
N ASN A 12 5.86 -7.49 -4.48
CA ASN A 12 4.56 -7.69 -5.14
C ASN A 12 4.48 -9.07 -5.82
N SER A 13 5.53 -9.43 -6.56
CA SER A 13 5.66 -10.73 -7.23
C SER A 13 5.81 -11.86 -6.22
N LEU A 14 6.64 -11.69 -5.17
CA LEU A 14 6.81 -12.69 -4.11
C LEU A 14 5.48 -13.02 -3.42
N PHE A 15 4.63 -12.03 -3.10
CA PHE A 15 3.27 -12.30 -2.64
C PHE A 15 2.44 -13.10 -3.65
N LYS A 16 2.58 -12.80 -4.95
CA LYS A 16 1.85 -13.48 -6.04
C LYS A 16 2.23 -14.97 -6.20
N GLN A 17 3.48 -15.37 -5.94
CA GLN A 17 3.89 -16.78 -5.82
C GLN A 17 3.55 -17.44 -4.47
N GLY A 18 3.11 -16.67 -3.47
CA GLY A 18 2.84 -17.14 -2.10
C GLY A 18 4.05 -17.12 -1.16
N LEU A 19 5.10 -16.35 -1.49
CA LEU A 19 6.37 -16.24 -0.76
C LEU A 19 6.31 -15.07 0.22
N TYR A 20 5.30 -15.11 1.09
CA TYR A 20 4.91 -13.97 1.93
C TYR A 20 6.01 -13.51 2.89
N ARG A 21 6.78 -14.43 3.49
CA ARG A 21 7.88 -14.06 4.41
C ARG A 21 9.06 -13.49 3.65
N GLU A 22 9.38 -14.03 2.49
CA GLU A 22 10.41 -13.48 1.60
C GLU A 22 10.03 -12.11 1.05
N ALA A 23 8.74 -11.88 0.78
CA ALA A 23 8.23 -10.57 0.39
C ALA A 23 8.38 -9.53 1.51
N VAL A 24 7.90 -9.82 2.72
CA VAL A 24 8.01 -8.89 3.86
C VAL A 24 9.47 -8.63 4.24
N HIS A 25 10.39 -9.61 4.08
CA HIS A 25 11.83 -9.38 4.23
C HIS A 25 12.32 -8.23 3.35
N CYS A 26 11.99 -8.26 2.05
CA CYS A 26 12.39 -7.24 1.07
C CYS A 26 11.92 -5.84 1.48
N TYR A 27 10.69 -5.70 1.99
CA TYR A 27 10.18 -4.41 2.47
C TYR A 27 10.87 -3.94 3.76
N ASP A 28 11.13 -4.84 4.72
CA ASP A 28 11.88 -4.50 5.93
C ASP A 28 13.37 -4.18 5.64
N GLN A 29 13.95 -4.69 4.55
CA GLN A 29 15.29 -4.26 4.08
C GLN A 29 15.29 -2.78 3.63
N LEU A 30 14.17 -2.27 3.07
CA LEU A 30 14.02 -0.85 2.72
C LEU A 30 13.99 0.04 3.97
N ILE A 31 13.31 -0.42 5.04
CA ILE A 31 13.31 0.26 6.36
C ILE A 31 14.70 0.19 7.01
N THR A 32 15.41 -0.94 6.85
CA THR A 32 16.75 -1.17 7.41
C THR A 32 17.78 -0.16 6.92
N ALA A 33 17.66 0.33 5.68
CA ALA A 33 18.55 1.34 5.10
C ALA A 33 18.03 2.79 5.20
N GLN A 34 16.73 2.99 5.46
CA GLN A 34 16.05 4.29 5.30
C GLN A 34 15.06 4.60 6.47
N PRO A 35 15.46 4.52 7.76
CA PRO A 35 14.50 4.36 8.87
C PRO A 35 13.49 5.49 9.07
N GLN A 36 13.81 6.73 8.67
CA GLN A 36 12.93 7.89 8.82
C GLN A 36 12.22 8.29 7.52
N ASN A 37 12.44 7.58 6.41
CA ASN A 37 11.84 7.93 5.11
C ASN A 37 10.40 7.38 4.97
N PRO A 38 9.37 8.23 4.79
CA PRO A 38 7.99 7.77 4.52
C PRO A 38 7.85 6.83 3.32
N VAL A 39 8.77 6.88 2.34
CA VAL A 39 8.79 5.98 1.17
C VAL A 39 8.74 4.50 1.59
N GLY A 40 9.53 4.09 2.59
CA GLY A 40 9.62 2.70 3.03
C GLY A 40 8.34 2.23 3.72
N TYR A 41 7.79 3.05 4.62
CA TYR A 41 6.48 2.79 5.26
C TYR A 41 5.34 2.72 4.22
N SER A 42 5.42 3.49 3.13
CA SER A 42 4.48 3.38 2.01
C SER A 42 4.64 2.08 1.22
N ASN A 43 5.87 1.64 0.95
CA ASN A 43 6.11 0.34 0.32
C ASN A 43 5.66 -0.83 1.23
N LYS A 44 5.79 -0.70 2.55
CA LYS A 44 5.31 -1.68 3.54
C LYS A 44 3.78 -1.66 3.70
N ALA A 45 3.12 -0.51 3.53
CA ALA A 45 1.66 -0.45 3.41
C ALA A 45 1.15 -1.14 2.13
N MET A 46 1.85 -0.98 1.00
CA MET A 46 1.61 -1.75 -0.24
C MET A 46 1.78 -3.26 -0.01
N ALA A 47 2.77 -3.68 0.77
CA ALA A 47 2.96 -5.08 1.17
C ALA A 47 1.75 -5.64 1.95
N LEU A 48 1.23 -4.88 2.93
CA LEU A 48 0.13 -5.32 3.79
C LEU A 48 -1.20 -5.49 3.02
N ILE A 49 -1.50 -4.65 2.02
CA ILE A 49 -2.67 -4.87 1.15
C ILE A 49 -2.47 -6.05 0.18
N LYS A 50 -1.22 -6.35 -0.23
CA LYS A 50 -0.92 -7.48 -1.14
C LYS A 50 -0.82 -8.84 -0.44
N LEU A 51 -0.60 -8.86 0.88
CA LEU A 51 -0.78 -10.03 1.76
C LEU A 51 -2.27 -10.19 2.14
N GLY A 52 -2.98 -9.05 2.26
CA GLY A 52 -4.43 -8.99 2.52
C GLY A 52 -4.81 -8.63 3.97
N GLU A 53 -3.91 -8.01 4.73
CA GLU A 53 -4.16 -7.52 6.09
C GLU A 53 -4.53 -6.02 6.06
N TYR A 54 -5.59 -5.72 5.32
CA TYR A 54 -6.03 -4.35 5.01
C TYR A 54 -6.25 -3.50 6.28
N THR A 55 -6.77 -4.10 7.36
CA THR A 55 -6.99 -3.42 8.66
C THR A 55 -5.68 -2.99 9.32
N GLN A 56 -4.56 -3.64 8.99
CA GLN A 56 -3.21 -3.23 9.42
C GLN A 56 -2.58 -2.21 8.46
N ALA A 57 -2.92 -2.29 7.17
CA ALA A 57 -2.45 -1.35 6.16
C ALA A 57 -3.02 0.06 6.36
N ILE A 58 -4.30 0.19 6.73
CA ILE A 58 -4.93 1.50 7.01
C ILE A 58 -4.25 2.21 8.19
N GLN A 59 -3.87 1.47 9.23
CA GLN A 59 -3.08 1.99 10.36
C GLN A 59 -1.69 2.45 9.90
N MET A 60 -1.01 1.65 9.07
CA MET A 60 0.31 2.05 8.54
C MET A 60 0.23 3.28 7.61
N CYS A 61 -0.86 3.48 6.88
CA CYS A 61 -1.05 4.68 6.08
C CYS A 61 -1.26 5.93 6.97
N GLN A 62 -2.06 5.84 8.03
CA GLN A 62 -2.21 6.91 9.03
C GLN A 62 -0.89 7.22 9.74
N GLN A 63 -0.13 6.18 10.10
CA GLN A 63 1.22 6.30 10.66
C GLN A 63 2.20 6.95 9.66
N GLY A 64 2.06 6.72 8.36
CA GLY A 64 2.91 7.34 7.33
C GLY A 64 2.59 8.81 7.04
N LEU A 65 1.32 9.24 7.16
CA LEU A 65 0.95 10.67 7.10
C LEU A 65 1.66 11.49 8.18
N ARG A 66 1.98 10.91 9.35
CA ARG A 66 2.78 11.58 10.41
C ARG A 66 4.22 11.91 9.99
N TYR A 67 4.75 11.31 8.92
CA TYR A 67 6.12 11.56 8.40
C TYR A 67 6.16 12.66 7.32
N THR A 68 5.33 13.71 7.41
CA THR A 68 5.10 14.63 6.28
C THR A 68 4.89 16.09 6.71
N SER A 69 5.50 17.04 5.97
CA SER A 69 5.14 18.47 6.00
C SER A 69 5.68 19.29 4.81
N THR A 70 6.98 19.18 4.51
CA THR A 70 7.66 20.00 3.49
C THR A 70 7.54 19.41 2.06
N ALA A 71 8.04 20.11 1.04
CA ALA A 71 7.82 19.76 -0.37
C ALA A 71 8.46 18.44 -0.85
N GLU A 72 9.35 17.82 -0.05
CA GLU A 72 9.81 16.43 -0.27
C GLU A 72 8.81 15.36 0.22
N HIS A 73 7.69 15.77 0.82
CA HIS A 73 6.63 14.88 1.36
C HIS A 73 5.24 15.08 0.73
N VAL A 74 5.00 16.12 -0.08
CA VAL A 74 3.63 16.41 -0.58
C VAL A 74 3.10 15.36 -1.57
N ALA A 75 3.95 14.72 -2.37
CA ALA A 75 3.59 13.50 -3.09
C ALA A 75 3.49 12.28 -2.15
N ILE A 76 4.39 12.17 -1.15
CA ILE A 76 4.32 11.10 -0.14
C ILE A 76 2.98 11.06 0.61
N ARG A 77 2.34 12.22 0.84
CA ARG A 77 1.00 12.33 1.43
C ARG A 77 -0.06 11.64 0.58
N SER A 78 -0.06 11.84 -0.74
CA SER A 78 -0.90 11.06 -1.67
C SER A 78 -0.48 9.59 -1.70
N LYS A 79 0.83 9.30 -1.65
CA LYS A 79 1.40 7.95 -1.60
C LYS A 79 1.21 7.23 -0.24
N LEU A 80 0.45 7.79 0.71
CA LEU A 80 -0.26 7.03 1.75
C LEU A 80 -1.80 7.14 1.63
N GLN A 81 -2.37 8.26 1.17
CA GLN A 81 -3.82 8.41 0.99
C GLN A 81 -4.41 7.53 -0.12
N TYR A 82 -3.77 7.39 -1.28
CA TYR A 82 -4.24 6.46 -2.32
C TYR A 82 -4.11 5.00 -1.87
N ARG A 83 -3.07 4.67 -1.08
CA ARG A 83 -2.91 3.33 -0.46
C ARG A 83 -4.08 3.01 0.47
N LEU A 84 -4.60 3.99 1.20
CA LEU A 84 -5.77 3.88 2.07
C LEU A 84 -7.07 3.72 1.26
N GLU A 85 -7.23 4.45 0.16
CA GLU A 85 -8.34 4.25 -0.79
C GLU A 85 -8.28 2.88 -1.48
N LEU A 86 -7.08 2.31 -1.70
CA LEU A 86 -6.90 0.98 -2.28
C LEU A 86 -6.89 -0.17 -1.26
N ALA A 87 -6.59 0.07 0.01
CA ALA A 87 -6.86 -0.91 1.06
C ALA A 87 -8.38 -1.17 1.17
N GLN A 88 -9.18 -0.10 1.05
CA GLN A 88 -10.64 -0.16 0.99
C GLN A 88 -11.14 -0.74 -0.35
N GLY A 89 -10.41 -0.51 -1.45
CA GLY A 89 -10.66 -1.09 -2.78
C GLY A 89 -10.42 -2.60 -2.84
N ALA A 90 -9.29 -3.04 -2.30
CA ALA A 90 -8.82 -4.41 -2.31
C ALA A 90 -9.59 -5.32 -1.35
N VAL A 91 -10.17 -4.78 -0.26
CA VAL A 91 -11.03 -5.58 0.64
C VAL A 91 -12.43 -5.82 0.05
N GLY A 92 -12.98 -4.88 -0.73
CA GLY A 92 -14.29 -5.05 -1.37
C GLY A 92 -14.69 -3.91 -2.34
N SER A 93 -15.40 -4.26 -3.41
CA SER A 93 -15.93 -3.34 -4.43
C SER A 93 -17.42 -3.06 -4.23
N VAL A 94 -17.88 -1.85 -4.55
CA VAL A 94 -19.23 -1.33 -4.22
C VAL A 94 -20.12 -1.09 -5.46
N GLN A 95 -19.84 -1.80 -6.56
CA GLN A 95 -20.64 -1.76 -7.79
C GLN A 95 -22.09 -2.25 -7.61
N ILE A 96 -22.95 -2.02 -8.61
CA ILE A 96 -24.41 -2.23 -8.58
C ILE A 96 -25.04 -1.35 -7.48
N PRO A 97 -25.50 -0.12 -7.81
CA PRO A 97 -26.02 0.81 -6.81
C PRO A 97 -27.47 0.54 -6.40
N VAL A 98 -28.34 0.17 -7.35
CA VAL A 98 -29.83 0.15 -7.17
C VAL A 98 -30.36 1.50 -6.62
N VAL A 99 -29.80 2.59 -7.15
CA VAL A 99 -30.18 4.00 -6.92
C VAL A 99 -29.99 4.77 -8.22
N GLU A 100 -31.10 5.28 -8.78
CA GLU A 100 -31.18 6.09 -10.01
C GLU A 100 -30.10 5.73 -11.08
N VAL A 101 -29.06 6.55 -11.21
CA VAL A 101 -27.89 6.37 -12.11
C VAL A 101 -26.57 6.71 -11.40
N ASP A 102 -26.43 6.33 -10.12
CA ASP A 102 -25.32 6.75 -9.24
C ASP A 102 -23.91 6.33 -9.75
N GLU A 103 -23.78 5.15 -10.36
CA GLU A 103 -22.59 4.72 -11.11
C GLU A 103 -22.99 3.77 -12.26
N LEU A 104 -23.55 2.60 -11.90
CA LEU A 104 -24.01 1.50 -12.75
C LEU A 104 -22.89 0.75 -13.53
N PRO A 105 -22.86 -0.61 -13.48
CA PRO A 105 -21.85 -1.43 -14.17
C PRO A 105 -21.95 -1.41 -15.71
N GLU A 106 -20.81 -1.18 -16.37
CA GLU A 106 -20.62 -1.22 -17.85
C GLU A 106 -21.70 -0.48 -18.67
N GLY A 107 -22.17 0.67 -18.17
CA GLY A 107 -23.15 1.55 -18.81
C GLY A 107 -24.52 1.52 -18.11
N TYR A 108 -25.46 0.76 -18.67
CA TYR A 108 -26.66 0.22 -17.98
C TYR A 108 -27.71 1.23 -17.46
N ASP A 109 -27.66 2.52 -17.83
CA ASP A 109 -28.66 3.50 -17.37
C ASP A 109 -30.05 3.35 -18.01
N ARG A 110 -31.08 3.65 -17.21
CA ARG A 110 -32.52 3.52 -17.54
C ARG A 110 -32.90 2.14 -18.11
N SER A 111 -32.20 1.09 -17.65
CA SER A 111 -32.30 -0.30 -18.09
C SER A 111 -33.64 -0.97 -17.80
N MET B 1 11.16 4.85 -8.86
CA MET B 1 10.10 3.96 -9.36
C MET B 1 8.91 4.00 -8.40
N GLU B 2 7.71 3.76 -8.91
CA GLU B 2 6.48 3.69 -8.09
C GLU B 2 5.62 2.47 -8.46
N GLU B 3 5.04 1.82 -7.46
CA GLU B 3 4.21 0.63 -7.62
C GLU B 3 2.83 0.97 -8.22
N VAL B 4 2.34 0.12 -9.11
CA VAL B 4 1.00 0.18 -9.72
C VAL B 4 0.51 -1.25 -9.96
N ASP B 5 0.36 -2.02 -8.87
CA ASP B 5 0.14 -3.47 -8.87
C ASP B 5 -1.31 -3.88 -8.62
N MET A 1 19.06 5.59 -5.86
CA MET A 1 19.24 4.99 -7.21
C MET A 1 18.13 3.97 -7.48
N SER A 2 17.88 3.61 -8.75
CA SER A 2 16.75 2.75 -9.16
C SER A 2 16.78 1.31 -8.62
N GLN A 3 17.90 0.89 -8.05
CA GLN A 3 18.06 -0.38 -7.32
C GLN A 3 17.01 -0.57 -6.20
N PHE A 4 16.53 0.52 -5.57
CA PHE A 4 15.47 0.46 -4.56
C PHE A 4 14.03 0.65 -5.13
N GLU A 5 13.91 0.85 -6.45
CA GLU A 5 12.65 0.90 -7.20
C GLU A 5 12.32 -0.44 -7.86
N LYS A 6 13.33 -1.17 -8.39
CA LYS A 6 13.12 -2.54 -8.88
C LYS A 6 12.72 -3.49 -7.75
N GLN A 7 13.33 -3.35 -6.56
CA GLN A 7 13.13 -4.30 -5.46
C GLN A 7 11.71 -4.22 -4.83
N LYS A 8 11.03 -3.07 -4.94
CA LYS A 8 9.60 -2.97 -4.54
C LYS A 8 8.64 -3.60 -5.56
N GLU A 9 8.92 -3.48 -6.86
CA GLU A 9 8.21 -4.22 -7.93
C GLU A 9 8.45 -5.73 -7.84
N GLN A 10 9.66 -6.15 -7.47
CA GLN A 10 10.03 -7.52 -7.17
C GLN A 10 9.25 -8.05 -5.94
N GLY A 11 9.25 -7.31 -4.83
CA GLY A 11 8.43 -7.64 -3.65
C GLY A 11 6.93 -7.77 -3.95
N ASN A 12 6.37 -6.90 -4.81
CA ASN A 12 4.96 -7.00 -5.20
C ASN A 12 4.67 -8.26 -6.04
N SER A 13 5.61 -8.65 -6.93
CA SER A 13 5.54 -9.93 -7.66
C SER A 13 5.66 -11.13 -6.73
N LEU A 14 6.62 -11.14 -5.79
CA LEU A 14 6.80 -12.21 -4.79
C LEU A 14 5.53 -12.42 -3.94
N PHE A 15 4.84 -11.34 -3.58
CA PHE A 15 3.51 -11.43 -2.95
C PHE A 15 2.51 -12.21 -3.82
N LYS A 16 2.51 -11.98 -5.13
CA LYS A 16 1.61 -12.65 -6.09
C LYS A 16 1.87 -14.16 -6.25
N GLN A 17 3.05 -14.67 -5.89
CA GLN A 17 3.33 -16.12 -5.77
C GLN A 17 3.08 -16.69 -4.36
N GLY A 18 2.75 -15.85 -3.38
CA GLY A 18 2.57 -16.26 -1.98
C GLY A 18 3.87 -16.29 -1.15
N LEU A 19 4.97 -15.73 -1.67
CA LEU A 19 6.27 -15.57 -1.00
C LEU A 19 6.27 -14.32 -0.12
N TYR A 20 5.23 -14.22 0.71
CA TYR A 20 4.92 -13.07 1.56
C TYR A 20 6.07 -12.66 2.48
N ARG A 21 6.86 -13.62 3.00
CA ARG A 21 7.90 -13.35 4.01
C ARG A 21 9.23 -12.97 3.36
N GLU A 22 9.56 -13.54 2.20
CA GLU A 22 10.65 -13.02 1.34
C GLU A 22 10.34 -11.60 0.85
N ALA A 23 9.09 -11.32 0.48
CA ALA A 23 8.67 -9.99 0.04
C ALA A 23 8.73 -8.95 1.17
N VAL A 24 8.23 -9.28 2.36
CA VAL A 24 8.39 -8.43 3.56
C VAL A 24 9.87 -8.23 3.92
N HIS A 25 10.74 -9.23 3.71
CA HIS A 25 12.18 -9.10 3.95
C HIS A 25 12.81 -8.02 3.05
N CYS A 26 12.39 -7.94 1.78
CA CYS A 26 12.82 -6.90 0.83
C CYS A 26 12.34 -5.51 1.29
N TYR A 27 11.08 -5.39 1.70
CA TYR A 27 10.55 -4.13 2.24
C TYR A 27 11.27 -3.70 3.53
N ASP A 28 11.61 -4.65 4.40
CA ASP A 28 12.45 -4.43 5.59
C ASP A 28 13.88 -3.97 5.24
N GLN A 29 14.41 -4.31 4.05
CA GLN A 29 15.70 -3.76 3.60
C GLN A 29 15.62 -2.28 3.20
N LEU A 30 14.47 -1.78 2.74
CA LEU A 30 14.31 -0.33 2.55
C LEU A 30 14.40 0.42 3.89
N ILE A 31 13.73 -0.12 4.92
CA ILE A 31 13.72 0.40 6.29
C ILE A 31 15.13 0.29 6.91
N THR A 32 15.80 -0.85 6.75
CA THR A 32 17.16 -1.10 7.29
C THR A 32 18.20 -0.11 6.73
N ALA A 33 18.02 0.38 5.50
CA ALA A 33 18.83 1.42 4.89
C ALA A 33 18.42 2.86 5.31
N GLN A 34 17.14 3.08 5.63
CA GLN A 34 16.50 4.40 5.81
C GLN A 34 15.51 4.41 7.01
N PRO A 35 15.95 4.23 8.28
CA PRO A 35 15.06 3.83 9.39
C PRO A 35 13.99 4.83 9.85
N GLN A 36 14.13 6.12 9.56
CA GLN A 36 13.14 7.14 9.91
C GLN A 36 12.27 7.56 8.72
N ASN A 37 12.60 7.11 7.51
CA ASN A 37 11.91 7.53 6.30
C ASN A 37 10.54 6.85 6.13
N PRO A 38 9.51 7.57 5.66
CA PRO A 38 8.20 6.97 5.37
C PRO A 38 8.19 6.08 4.12
N VAL A 39 9.25 6.05 3.32
CA VAL A 39 9.34 5.24 2.10
C VAL A 39 9.24 3.73 2.39
N GLY A 40 9.96 3.22 3.40
CA GLY A 40 9.88 1.83 3.83
C GLY A 40 8.55 1.51 4.54
N TYR A 41 8.01 2.43 5.34
CA TYR A 41 6.65 2.32 5.89
C TYR A 41 5.59 2.19 4.78
N SER A 42 5.74 2.93 3.68
CA SER A 42 4.86 2.84 2.51
C SER A 42 4.88 1.46 1.86
N ASN A 43 6.00 0.73 1.93
CA ASN A 43 6.09 -0.65 1.47
C ASN A 43 5.70 -1.70 2.54
N LYS A 44 5.88 -1.46 3.85
CA LYS A 44 5.23 -2.30 4.88
C LYS A 44 3.70 -2.20 4.81
N ALA A 45 3.14 -1.01 4.55
CA ALA A 45 1.72 -0.84 4.24
C ALA A 45 1.30 -1.57 2.94
N MET A 46 2.19 -1.64 1.93
CA MET A 46 1.98 -2.43 0.71
C MET A 46 1.88 -3.93 1.02
N ALA A 47 2.72 -4.45 1.93
CA ALA A 47 2.59 -5.83 2.42
C ALA A 47 1.26 -6.06 3.13
N LEU A 48 0.84 -5.18 4.04
CA LEU A 48 -0.43 -5.36 4.78
C LEU A 48 -1.64 -5.51 3.83
N ILE A 49 -1.73 -4.72 2.75
CA ILE A 49 -2.81 -4.87 1.75
C ILE A 49 -2.63 -6.06 0.80
N LYS A 50 -1.41 -6.61 0.62
CA LYS A 50 -1.14 -7.78 -0.24
C LYS A 50 -1.11 -9.13 0.52
N LEU A 51 -1.01 -9.11 1.85
CA LEU A 51 -1.18 -10.26 2.76
C LEU A 51 -2.62 -10.34 3.29
N GLY A 52 -3.33 -9.21 3.38
CA GLY A 52 -4.74 -9.15 3.73
C GLY A 52 -5.07 -8.71 5.16
N GLU A 53 -4.20 -7.91 5.78
CA GLU A 53 -4.46 -7.24 7.07
C GLU A 53 -4.88 -5.79 6.84
N TYR A 54 -5.93 -5.62 6.01
CA TYR A 54 -6.36 -4.32 5.47
C TYR A 54 -6.73 -3.30 6.56
N THR A 55 -7.27 -3.74 7.71
CA THR A 55 -7.60 -2.86 8.85
C THR A 55 -6.33 -2.43 9.62
N GLN A 56 -5.22 -3.17 9.53
CA GLN A 56 -3.91 -2.64 9.96
C GLN A 56 -3.37 -1.63 8.94
N ALA A 57 -3.60 -1.87 7.66
CA ALA A 57 -3.07 -1.03 6.58
C ALA A 57 -3.64 0.39 6.59
N ILE A 58 -4.95 0.55 6.83
CA ILE A 58 -5.57 1.88 6.93
C ILE A 58 -5.00 2.69 8.09
N GLN A 59 -4.68 2.04 9.22
CA GLN A 59 -4.00 2.66 10.37
C GLN A 59 -2.57 3.07 10.00
N MET A 60 -1.78 2.16 9.41
CA MET A 60 -0.40 2.43 9.02
C MET A 60 -0.28 3.53 7.93
N CYS A 61 -1.26 3.64 7.02
CA CYS A 61 -1.27 4.71 6.01
C CYS A 61 -1.54 6.09 6.63
N GLN A 62 -2.49 6.20 7.57
CA GLN A 62 -2.80 7.47 8.25
C GLN A 62 -1.68 7.88 9.23
N GLN A 63 -1.04 6.91 9.87
CA GLN A 63 0.24 7.08 10.57
C GLN A 63 1.36 7.57 9.62
N GLY A 64 1.42 7.11 8.37
CA GLY A 64 2.41 7.59 7.40
C GLY A 64 2.14 9.00 6.87
N LEU A 65 0.88 9.44 6.78
CA LEU A 65 0.52 10.83 6.44
C LEU A 65 1.08 11.85 7.46
N ARG A 66 1.40 11.45 8.70
CA ARG A 66 2.13 12.27 9.69
C ARG A 66 3.58 12.61 9.32
N TYR A 67 4.11 11.98 8.26
CA TYR A 67 5.46 12.17 7.70
C TYR A 67 5.42 12.90 6.34
N THR A 68 4.41 13.74 6.04
CA THR A 68 4.13 14.25 4.68
C THR A 68 3.83 15.75 4.52
N SER A 69 3.80 16.52 5.62
CA SER A 69 3.57 17.98 5.60
C SER A 69 4.82 18.80 5.19
N THR A 70 5.57 18.31 4.21
CA THR A 70 6.82 18.88 3.69
C THR A 70 7.03 18.55 2.21
N ALA A 71 7.62 19.47 1.45
CA ALA A 71 8.07 19.26 0.07
C ALA A 71 9.12 18.14 -0.10
N GLU A 72 9.73 17.65 1.00
CA GLU A 72 10.57 16.45 1.04
C GLU A 72 9.74 15.15 0.85
N HIS A 73 8.46 15.17 1.25
CA HIS A 73 7.58 14.01 1.35
C HIS A 73 6.17 14.26 0.76
N VAL A 74 6.04 15.25 -0.13
CA VAL A 74 4.78 15.55 -0.86
C VAL A 74 4.34 14.39 -1.74
N ALA A 75 5.28 13.64 -2.34
CA ALA A 75 4.96 12.42 -3.09
C ALA A 75 4.50 11.28 -2.16
N ILE A 76 5.02 11.24 -0.93
CA ILE A 76 4.59 10.30 0.11
C ILE A 76 3.15 10.60 0.57
N ARG A 77 2.71 11.86 0.55
CA ARG A 77 1.31 12.24 0.82
C ARG A 77 0.35 11.55 -0.15
N SER A 78 0.74 11.47 -1.43
CA SER A 78 0.04 10.75 -2.49
C SER A 78 0.22 9.22 -2.43
N LYS A 79 1.40 8.71 -2.03
CA LYS A 79 1.60 7.28 -1.72
C LYS A 79 0.55 6.80 -0.71
N LEU A 80 0.53 7.34 0.52
CA LEU A 80 -0.29 6.75 1.57
C LEU A 80 -1.80 6.97 1.34
N GLN A 81 -2.22 8.04 0.63
CA GLN A 81 -3.63 8.21 0.28
C GLN A 81 -4.12 7.27 -0.84
N TYR A 82 -3.28 6.92 -1.83
CA TYR A 82 -3.67 5.89 -2.80
C TYR A 82 -3.59 4.49 -2.17
N ARG A 83 -2.60 4.20 -1.31
CA ARG A 83 -2.57 2.95 -0.50
C ARG A 83 -3.84 2.79 0.34
N LEU A 84 -4.31 3.87 0.96
CA LEU A 84 -5.53 3.89 1.78
C LEU A 84 -6.80 3.69 0.94
N GLU A 85 -6.88 4.29 -0.25
CA GLU A 85 -7.96 4.02 -1.21
C GLU A 85 -7.94 2.57 -1.73
N LEU A 86 -6.77 1.96 -1.93
CA LEU A 86 -6.66 0.56 -2.38
C LEU A 86 -6.74 -0.47 -1.25
N ALA A 87 -6.48 -0.11 0.02
CA ALA A 87 -6.76 -0.97 1.16
C ALA A 87 -8.25 -1.34 1.22
N GLN A 88 -9.12 -0.34 1.08
CA GLN A 88 -10.57 -0.58 0.97
C GLN A 88 -10.98 -1.09 -0.43
N GLY A 89 -10.22 -0.77 -1.47
CA GLY A 89 -10.41 -1.28 -2.84
C GLY A 89 -10.12 -2.78 -3.01
N ALA A 90 -9.26 -3.34 -2.16
CA ALA A 90 -8.95 -4.75 -2.09
C ALA A 90 -9.91 -5.53 -1.17
N VAL A 91 -10.40 -4.92 -0.09
CA VAL A 91 -11.22 -5.62 0.92
C VAL A 91 -12.73 -5.59 0.64
N GLY A 92 -13.24 -4.54 0.00
CA GLY A 92 -14.62 -4.05 0.16
C GLY A 92 -15.73 -4.79 -0.61
N SER A 93 -15.82 -6.12 -0.48
CA SER A 93 -17.01 -6.90 -0.89
C SER A 93 -18.21 -6.58 0.02
N VAL A 94 -19.41 -6.57 -0.55
CA VAL A 94 -20.60 -5.97 0.10
C VAL A 94 -21.36 -6.94 1.02
N GLN A 95 -21.98 -6.41 2.06
CA GLN A 95 -22.73 -7.17 3.07
C GLN A 95 -23.91 -6.37 3.66
N ILE A 96 -24.69 -7.06 4.51
CA ILE A 96 -25.85 -6.57 5.26
C ILE A 96 -27.02 -6.15 4.34
N PRO A 97 -27.93 -7.09 3.98
CA PRO A 97 -29.11 -6.77 3.18
C PRO A 97 -30.24 -6.12 4.00
N VAL A 98 -30.18 -6.16 5.34
CA VAL A 98 -31.16 -5.64 6.34
C VAL A 98 -32.63 -6.10 6.24
N VAL A 99 -32.95 -6.95 5.28
CA VAL A 99 -34.31 -7.45 4.95
C VAL A 99 -34.42 -8.97 4.79
N GLU A 100 -33.33 -9.68 5.06
CA GLU A 100 -33.22 -11.15 4.92
C GLU A 100 -32.64 -11.79 6.19
N VAL A 101 -32.39 -13.10 6.14
CA VAL A 101 -31.84 -13.90 7.26
C VAL A 101 -30.81 -14.94 6.81
N ASP A 102 -30.91 -15.47 5.59
CA ASP A 102 -30.19 -16.67 5.15
C ASP A 102 -28.69 -16.47 4.86
N GLU A 103 -28.25 -15.29 4.45
CA GLU A 103 -26.82 -14.96 4.28
C GLU A 103 -26.36 -14.08 5.45
N LEU A 104 -26.28 -12.75 5.26
CA LEU A 104 -25.85 -11.75 6.26
C LEU A 104 -24.38 -11.97 6.70
N PRO A 105 -23.73 -11.03 7.42
CA PRO A 105 -22.48 -11.32 8.09
C PRO A 105 -22.68 -12.12 9.39
N GLU A 106 -21.59 -12.65 9.96
CA GLU A 106 -21.57 -13.43 11.19
C GLU A 106 -22.28 -12.72 12.35
N GLY A 107 -23.28 -13.38 12.96
CA GLY A 107 -23.99 -12.94 14.17
C GLY A 107 -24.90 -11.72 14.05
N TYR A 108 -25.24 -11.27 12.84
CA TYR A 108 -26.03 -10.06 12.61
C TYR A 108 -27.54 -10.27 12.79
N ASP A 109 -28.06 -11.45 12.40
CA ASP A 109 -29.51 -11.70 12.40
C ASP A 109 -30.15 -11.61 13.79
N ARG A 110 -31.45 -11.30 13.82
CA ARG A 110 -32.28 -11.09 15.03
C ARG A 110 -31.91 -9.87 15.90
N SER A 111 -30.94 -9.05 15.46
CA SER A 111 -30.60 -7.75 16.08
C SER A 111 -31.57 -6.63 15.72
N MET B 1 10.06 6.09 -10.13
CA MET B 1 9.11 5.09 -10.66
C MET B 1 7.86 5.03 -9.81
N GLU B 2 6.76 4.54 -10.40
CA GLU B 2 5.52 4.19 -9.70
C GLU B 2 5.38 2.66 -9.50
N GLU B 3 4.56 2.26 -8.53
CA GLU B 3 4.18 0.85 -8.26
C GLU B 3 2.85 0.53 -8.98
N VAL B 4 2.90 -0.35 -9.99
CA VAL B 4 1.84 -0.47 -11.02
C VAL B 4 0.82 -1.59 -10.78
N ASP B 5 1.02 -2.43 -9.75
CA ASP B 5 0.12 -3.55 -9.37
C ASP B 5 -0.33 -4.44 -10.55
N MET A 1 19.22 5.64 -8.45
CA MET A 1 18.45 5.12 -7.30
C MET A 1 17.42 4.07 -7.75
N SER A 2 17.81 3.16 -8.63
CA SER A 2 16.91 2.21 -9.31
C SER A 2 16.83 0.86 -8.60
N GLN A 3 17.87 0.51 -7.83
CA GLN A 3 18.01 -0.77 -7.11
C GLN A 3 16.90 -0.96 -6.06
N PHE A 4 16.64 0.07 -5.23
CA PHE A 4 15.62 -0.03 -4.18
C PHE A 4 14.18 0.11 -4.70
N GLU A 5 13.99 0.45 -5.98
CA GLU A 5 12.71 0.43 -6.69
C GLU A 5 12.44 -0.94 -7.30
N LYS A 6 13.41 -1.53 -8.01
CA LYS A 6 13.22 -2.86 -8.60
C LYS A 6 13.09 -3.97 -7.55
N GLN A 7 13.68 -3.82 -6.35
CA GLN A 7 13.50 -4.79 -5.26
C GLN A 7 12.10 -4.79 -4.62
N LYS A 8 11.37 -3.66 -4.63
CA LYS A 8 9.95 -3.66 -4.20
C LYS A 8 9.05 -4.26 -5.28
N GLU A 9 9.41 -4.12 -6.56
CA GLU A 9 8.74 -4.83 -7.67
C GLU A 9 9.04 -6.35 -7.70
N GLN A 10 10.22 -6.79 -7.24
CA GLN A 10 10.50 -8.19 -6.88
C GLN A 10 9.55 -8.64 -5.76
N GLY A 11 9.41 -7.84 -4.69
CA GLY A 11 8.47 -8.09 -3.59
C GLY A 11 7.02 -8.28 -4.06
N ASN A 12 6.57 -7.54 -5.07
CA ASN A 12 5.23 -7.68 -5.64
C ASN A 12 5.01 -9.10 -6.25
N SER A 13 5.96 -9.57 -7.05
CA SER A 13 5.93 -10.93 -7.62
C SER A 13 6.07 -12.01 -6.55
N LEU A 14 6.87 -11.80 -5.50
CA LEU A 14 6.98 -12.73 -4.39
C LEU A 14 5.63 -12.92 -3.68
N PHE A 15 4.89 -11.84 -3.40
CA PHE A 15 3.49 -11.94 -2.92
C PHE A 15 2.59 -12.69 -3.92
N LYS A 16 2.76 -12.46 -5.22
CA LYS A 16 1.96 -13.07 -6.30
C LYS A 16 2.19 -14.58 -6.50
N GLN A 17 3.38 -15.08 -6.18
CA GLN A 17 3.72 -16.51 -6.12
C GLN A 17 3.35 -17.17 -4.77
N GLY A 18 3.16 -16.37 -3.73
CA GLY A 18 2.79 -16.82 -2.37
C GLY A 18 3.94 -16.83 -1.36
N LEU A 19 5.09 -16.27 -1.75
CA LEU A 19 6.35 -16.21 -1.01
C LEU A 19 6.36 -14.98 -0.10
N TYR A 20 5.34 -14.89 0.77
CA TYR A 20 5.11 -13.75 1.65
C TYR A 20 6.29 -13.46 2.57
N ARG A 21 6.95 -14.50 3.13
CA ARG A 21 8.08 -14.31 4.07
C ARG A 21 9.30 -13.73 3.33
N GLU A 22 9.55 -14.17 2.11
CA GLU A 22 10.56 -13.60 1.21
C GLU A 22 10.19 -12.20 0.68
N ALA A 23 8.89 -11.92 0.47
CA ALA A 23 8.44 -10.57 0.10
C ALA A 23 8.58 -9.56 1.26
N VAL A 24 8.27 -9.98 2.49
CA VAL A 24 8.45 -9.19 3.71
C VAL A 24 9.93 -8.92 3.98
N HIS A 25 10.84 -9.84 3.67
CA HIS A 25 12.28 -9.59 3.73
C HIS A 25 12.72 -8.42 2.82
N CYS A 26 12.06 -8.22 1.68
CA CYS A 26 12.37 -7.11 0.77
C CYS A 26 11.98 -5.76 1.37
N TYR A 27 10.77 -5.61 1.95
CA TYR A 27 10.43 -4.35 2.65
C TYR A 27 11.30 -4.13 3.90
N ASP A 28 11.72 -5.20 4.58
CA ASP A 28 12.63 -5.12 5.73
C ASP A 28 14.01 -4.56 5.33
N GLN A 29 14.48 -4.78 4.09
CA GLN A 29 15.72 -4.14 3.59
C GLN A 29 15.52 -2.63 3.34
N LEU A 30 14.32 -2.18 2.98
CA LEU A 30 14.02 -0.74 2.92
C LEU A 30 14.18 -0.10 4.31
N ILE A 31 13.50 -0.66 5.31
CA ILE A 31 13.40 -0.06 6.66
C ILE A 31 14.71 -0.23 7.45
N THR A 32 15.51 -1.27 7.18
CA THR A 32 16.85 -1.44 7.79
C THR A 32 17.87 -0.43 7.23
N ALA A 33 17.68 0.06 5.99
CA ALA A 33 18.42 1.19 5.44
C ALA A 33 17.81 2.56 5.81
N GLN A 34 16.50 2.62 6.08
CA GLN A 34 15.69 3.84 6.17
C GLN A 34 14.61 3.74 7.29
N PRO A 35 14.95 3.91 8.58
CA PRO A 35 13.98 3.78 9.68
C PRO A 35 12.89 4.84 9.73
N GLN A 36 13.13 6.01 9.12
CA GLN A 36 12.37 7.24 9.36
C GLN A 36 11.96 7.98 8.08
N ASN A 37 12.49 7.62 6.90
CA ASN A 37 11.91 8.03 5.62
C ASN A 37 10.52 7.36 5.47
N PRO A 38 9.45 8.11 5.15
CA PRO A 38 8.10 7.55 5.04
C PRO A 38 7.96 6.47 3.96
N VAL A 39 8.86 6.47 2.96
CA VAL A 39 8.88 5.53 1.81
C VAL A 39 8.90 4.04 2.22
N GLY A 40 9.52 3.70 3.36
CA GLY A 40 9.51 2.34 3.88
C GLY A 40 8.14 1.93 4.42
N TYR A 41 7.41 2.87 5.03
CA TYR A 41 6.10 2.64 5.62
C TYR A 41 4.98 2.60 4.58
N SER A 42 5.05 3.42 3.53
CA SER A 42 4.12 3.35 2.39
C SER A 42 4.26 2.04 1.61
N ASN A 43 5.47 1.46 1.57
CA ASN A 43 5.70 0.13 0.99
C ASN A 43 5.29 -1.02 1.93
N LYS A 44 5.56 -0.91 3.25
CA LYS A 44 5.05 -1.85 4.27
C LYS A 44 3.52 -1.92 4.27
N ALA A 45 2.83 -0.79 4.11
CA ALA A 45 1.37 -0.77 3.93
C ALA A 45 0.90 -1.51 2.66
N MET A 46 1.68 -1.44 1.56
CA MET A 46 1.43 -2.22 0.34
C MET A 46 1.63 -3.73 0.58
N ALA A 47 2.72 -4.12 1.24
CA ALA A 47 2.98 -5.51 1.62
C ALA A 47 1.85 -6.07 2.49
N LEU A 48 1.34 -5.29 3.46
CA LEU A 48 0.22 -5.68 4.31
C LEU A 48 -1.06 -5.93 3.50
N ILE A 49 -1.43 -5.09 2.51
CA ILE A 49 -2.61 -5.39 1.66
C ILE A 49 -2.37 -6.53 0.66
N LYS A 50 -1.13 -6.78 0.24
CA LYS A 50 -0.76 -7.92 -0.63
C LYS A 50 -0.66 -9.26 0.14
N LEU A 51 -0.54 -9.23 1.47
CA LEU A 51 -0.71 -10.36 2.41
C LEU A 51 -2.16 -10.49 2.91
N GLY A 52 -2.97 -9.43 2.77
CA GLY A 52 -4.38 -9.38 3.15
C GLY A 52 -4.64 -8.99 4.62
N GLU A 53 -3.76 -8.18 5.21
CA GLU A 53 -3.85 -7.56 6.55
C GLU A 53 -4.30 -6.09 6.42
N TYR A 54 -5.41 -5.86 5.71
CA TYR A 54 -5.86 -4.51 5.32
C TYR A 54 -6.10 -3.59 6.54
N THR A 55 -6.62 -4.14 7.64
CA THR A 55 -6.80 -3.42 8.92
C THR A 55 -5.49 -2.91 9.53
N GLN A 56 -4.33 -3.52 9.20
CA GLN A 56 -3.02 -2.99 9.60
C GLN A 56 -2.55 -1.85 8.67
N ALA A 57 -2.85 -1.94 7.37
CA ALA A 57 -2.43 -0.96 6.37
C ALA A 57 -3.14 0.40 6.53
N ILE A 58 -4.44 0.41 6.86
CA ILE A 58 -5.22 1.63 7.08
C ILE A 58 -4.77 2.44 8.31
N GLN A 59 -4.25 1.77 9.35
CA GLN A 59 -3.53 2.42 10.46
C GLN A 59 -2.22 3.03 9.97
N MET A 60 -1.41 2.26 9.24
CA MET A 60 -0.07 2.69 8.83
C MET A 60 -0.07 3.88 7.85
N CYS A 61 -1.10 4.00 7.00
CA CYS A 61 -1.20 5.15 6.10
C CYS A 61 -1.57 6.46 6.85
N GLN A 62 -2.39 6.40 7.90
CA GLN A 62 -2.65 7.56 8.78
C GLN A 62 -1.44 7.92 9.64
N GLN A 63 -0.65 6.93 10.05
CA GLN A 63 0.67 7.14 10.66
C GLN A 63 1.69 7.73 9.67
N GLY A 64 1.56 7.48 8.35
CA GLY A 64 2.45 8.06 7.33
C GLY A 64 2.05 9.47 6.85
N LEU A 65 0.77 9.87 6.96
CA LEU A 65 0.34 11.27 6.80
C LEU A 65 1.10 12.25 7.72
N ARG A 66 1.59 11.75 8.87
CA ARG A 66 2.44 12.47 9.85
C ARG A 66 3.84 12.87 9.35
N TYR A 67 4.20 12.51 8.11
CA TYR A 67 5.52 12.71 7.51
C TYR A 67 5.48 13.63 6.27
N THR A 68 4.52 14.56 6.19
CA THR A 68 4.13 15.19 4.90
C THR A 68 4.22 16.72 4.85
N SER A 69 4.44 17.41 5.98
CA SER A 69 4.45 18.90 6.08
C SER A 69 5.72 19.58 5.53
N THR A 70 6.33 18.99 4.50
CA THR A 70 7.59 19.38 3.85
C THR A 70 7.55 19.06 2.35
N ALA A 71 8.16 19.88 1.51
CA ALA A 71 8.23 19.67 0.05
C ALA A 71 8.96 18.37 -0.34
N GLU A 72 9.81 17.83 0.54
CA GLU A 72 10.48 16.52 0.36
C GLU A 72 9.50 15.34 0.26
N HIS A 73 8.28 15.50 0.80
CA HIS A 73 7.29 14.44 0.97
C HIS A 73 5.90 14.84 0.41
N VAL A 74 5.83 15.79 -0.52
CA VAL A 74 4.57 16.18 -1.18
C VAL A 74 4.01 15.07 -2.09
N ALA A 75 4.86 14.20 -2.65
CA ALA A 75 4.43 13.00 -3.38
C ALA A 75 4.03 11.85 -2.44
N ILE A 76 4.65 11.78 -1.26
CA ILE A 76 4.29 10.87 -0.17
C ILE A 76 2.89 11.22 0.40
N ARG A 77 2.51 12.51 0.39
CA ARG A 77 1.18 12.96 0.84
C ARG A 77 0.03 12.40 -0.01
N SER A 78 0.23 12.30 -1.33
CA SER A 78 -0.63 11.53 -2.23
C SER A 78 -0.55 10.02 -1.97
N LYS A 79 0.67 9.48 -1.83
CA LYS A 79 0.93 8.04 -1.63
C LYS A 79 0.08 7.47 -0.50
N LEU A 80 0.16 8.02 0.72
CA LEU A 80 -0.61 7.45 1.84
C LEU A 80 -2.13 7.65 1.73
N GLN A 81 -2.60 8.75 1.12
CA GLN A 81 -4.05 8.96 0.94
C GLN A 81 -4.66 8.00 -0.10
N TYR A 82 -3.98 7.74 -1.23
CA TYR A 82 -4.47 6.73 -2.18
C TYR A 82 -4.29 5.31 -1.64
N ARG A 83 -3.25 4.99 -0.86
CA ARG A 83 -3.11 3.67 -0.20
C ARG A 83 -4.24 3.39 0.79
N LEU A 84 -4.69 4.39 1.54
CA LEU A 84 -5.82 4.26 2.47
C LEU A 84 -7.15 3.98 1.75
N GLU A 85 -7.35 4.59 0.59
CA GLU A 85 -8.49 4.29 -0.29
C GLU A 85 -8.36 2.92 -0.98
N LEU A 86 -7.21 2.59 -1.56
CA LEU A 86 -7.03 1.32 -2.27
C LEU A 86 -6.95 0.12 -1.31
N ALA A 87 -6.64 0.30 -0.02
CA ALA A 87 -6.79 -0.76 0.99
C ALA A 87 -8.27 -1.17 1.20
N GLN A 88 -9.20 -0.22 1.16
CA GLN A 88 -10.65 -0.53 1.12
C GLN A 88 -11.16 -0.96 -0.26
N GLY A 89 -10.35 -0.83 -1.32
CA GLY A 89 -10.56 -1.44 -2.65
C GLY A 89 -10.08 -2.90 -2.75
N ALA A 90 -8.90 -3.18 -2.20
CA ALA A 90 -8.22 -4.49 -2.23
C ALA A 90 -8.90 -5.55 -1.34
N VAL A 91 -9.57 -5.13 -0.26
CA VAL A 91 -10.40 -6.05 0.57
C VAL A 91 -11.68 -6.51 -0.14
N GLY A 92 -12.21 -5.72 -1.09
CA GLY A 92 -13.40 -6.05 -1.86
C GLY A 92 -13.89 -4.86 -2.70
N SER A 93 -14.48 -5.14 -3.86
CA SER A 93 -14.83 -4.12 -4.87
C SER A 93 -15.99 -3.21 -4.46
N VAL A 94 -16.72 -3.56 -3.40
CA VAL A 94 -17.62 -2.68 -2.64
C VAL A 94 -17.23 -2.77 -1.15
N GLN A 95 -17.07 -1.63 -0.48
CA GLN A 95 -16.83 -1.57 0.97
C GLN A 95 -17.50 -0.38 1.67
N ILE A 96 -18.34 0.39 0.97
CA ILE A 96 -19.38 1.18 1.63
C ILE A 96 -20.44 0.17 2.16
N PRO A 97 -20.73 0.11 3.46
CA PRO A 97 -21.58 -0.93 4.09
C PRO A 97 -23.08 -0.77 3.82
N VAL A 98 -23.53 0.37 3.29
CA VAL A 98 -24.96 0.72 3.14
C VAL A 98 -25.68 0.72 4.49
N VAL A 99 -25.05 1.37 5.48
CA VAL A 99 -25.64 1.79 6.76
C VAL A 99 -25.34 3.27 7.03
N GLU A 100 -26.02 3.86 8.01
CA GLU A 100 -25.93 5.30 8.28
C GLU A 100 -24.51 5.73 8.73
N VAL A 101 -23.98 5.10 9.79
CA VAL A 101 -22.66 5.44 10.38
C VAL A 101 -21.85 4.26 10.95
N ASP A 102 -22.47 3.15 11.35
CA ASP A 102 -21.86 2.21 12.32
C ASP A 102 -20.58 1.51 11.85
N GLU A 103 -20.43 1.17 10.56
CA GLU A 103 -19.31 0.35 10.05
C GLU A 103 -18.77 0.83 8.67
N LEU A 104 -18.71 2.14 8.48
CA LEU A 104 -18.26 2.82 7.25
C LEU A 104 -16.77 2.56 6.93
N PRO A 105 -16.31 2.82 5.68
CA PRO A 105 -14.89 3.06 5.39
C PRO A 105 -14.39 4.37 6.04
N GLU A 106 -13.08 4.49 6.24
CA GLU A 106 -12.44 5.60 6.96
C GLU A 106 -12.65 6.97 6.28
N GLY A 107 -12.97 7.99 7.09
CA GLY A 107 -13.14 9.39 6.69
C GLY A 107 -14.41 9.71 5.89
N TYR A 108 -15.28 8.72 5.66
CA TYR A 108 -16.50 8.85 4.85
C TYR A 108 -17.56 9.72 5.55
N ASP A 109 -17.86 9.47 6.83
CA ASP A 109 -18.65 10.39 7.68
C ASP A 109 -18.40 10.18 9.19
N ARG A 110 -18.91 11.12 10.01
CA ARG A 110 -18.87 11.13 11.49
C ARG A 110 -20.29 11.22 12.06
N SER A 111 -20.53 10.66 13.25
CA SER A 111 -21.88 10.47 13.83
C SER A 111 -22.36 11.65 14.65
N MET B 1 9.78 6.07 -8.80
CA MET B 1 9.67 5.16 -9.95
C MET B 1 8.53 4.17 -9.68
N GLU B 2 8.61 2.93 -10.17
CA GLU B 2 7.52 1.95 -10.06
C GLU B 2 7.33 1.38 -8.64
N GLU B 3 6.14 0.85 -8.33
CA GLU B 3 5.84 0.19 -7.06
C GLU B 3 4.78 -0.92 -7.18
N VAL B 4 4.87 -1.89 -6.26
CA VAL B 4 3.88 -2.90 -5.87
C VAL B 4 2.43 -2.52 -6.21
N ASP B 5 1.75 -3.38 -6.98
CA ASP B 5 0.31 -3.33 -7.28
C ASP B 5 -0.20 -4.70 -7.74
N MET A 1 17.39 6.29 -7.13
CA MET A 1 18.22 5.14 -6.71
C MET A 1 17.60 3.86 -7.29
N SER A 2 17.99 3.50 -8.52
CA SER A 2 17.34 2.48 -9.36
C SER A 2 17.25 1.08 -8.74
N GLN A 3 18.28 0.67 -8.00
CA GLN A 3 18.34 -0.63 -7.32
C GLN A 3 17.28 -0.75 -6.20
N PHE A 4 17.00 0.36 -5.50
CA PHE A 4 15.96 0.41 -4.46
C PHE A 4 14.54 0.55 -5.03
N GLU A 5 14.39 0.94 -6.30
CA GLU A 5 13.12 0.83 -7.02
C GLU A 5 12.84 -0.63 -7.44
N LYS A 6 13.80 -1.34 -8.07
CA LYS A 6 13.56 -2.74 -8.44
C LYS A 6 13.34 -3.65 -7.22
N GLN A 7 14.02 -3.41 -6.09
CA GLN A 7 13.86 -4.23 -4.89
C GLN A 7 12.50 -4.06 -4.17
N LYS A 8 11.78 -2.94 -4.38
CA LYS A 8 10.39 -2.79 -3.87
C LYS A 8 9.35 -3.41 -4.84
N GLU A 9 9.55 -3.27 -6.15
CA GLU A 9 8.68 -3.87 -7.17
C GLU A 9 8.70 -5.40 -7.11
N GLN A 10 9.83 -6.00 -6.74
CA GLN A 10 9.97 -7.42 -6.44
C GLN A 10 9.01 -7.88 -5.34
N GLY A 11 8.83 -7.09 -4.27
CA GLY A 11 7.98 -7.45 -3.13
C GLY A 11 6.52 -7.72 -3.51
N ASN A 12 5.94 -6.88 -4.38
CA ASN A 12 4.58 -7.06 -4.89
C ASN A 12 4.45 -8.34 -5.75
N SER A 13 5.47 -8.67 -6.54
CA SER A 13 5.52 -9.94 -7.29
C SER A 13 5.63 -11.15 -6.35
N LEU A 14 6.52 -11.11 -5.34
CA LEU A 14 6.70 -12.21 -4.38
C LEU A 14 5.40 -12.55 -3.61
N PHE A 15 4.58 -11.55 -3.29
CA PHE A 15 3.23 -11.77 -2.75
C PHE A 15 2.34 -12.61 -3.69
N LYS A 16 2.42 -12.36 -5.01
CA LYS A 16 1.71 -13.14 -6.04
C LYS A 16 2.16 -14.61 -6.08
N GLN A 17 3.46 -14.92 -5.92
CA GLN A 17 3.98 -16.30 -5.80
C GLN A 17 3.74 -16.95 -4.42
N GLY A 18 3.04 -16.26 -3.51
CA GLY A 18 2.74 -16.78 -2.17
C GLY A 18 3.87 -16.59 -1.15
N LEU A 19 4.97 -15.92 -1.54
CA LEU A 19 6.19 -15.75 -0.76
C LEU A 19 6.10 -14.50 0.13
N TYR A 20 5.04 -14.44 0.94
CA TYR A 20 4.72 -13.28 1.79
C TYR A 20 5.88 -12.92 2.74
N ARG A 21 6.58 -13.91 3.31
CA ARG A 21 7.70 -13.69 4.24
C ARG A 21 8.94 -13.16 3.51
N GLU A 22 9.23 -13.65 2.30
CA GLU A 22 10.27 -13.12 1.42
C GLU A 22 9.95 -11.68 0.96
N ALA A 23 8.68 -11.39 0.64
CA ALA A 23 8.25 -10.04 0.28
C ALA A 23 8.41 -9.06 1.45
N VAL A 24 7.97 -9.44 2.65
CA VAL A 24 8.20 -8.70 3.91
C VAL A 24 9.69 -8.52 4.19
N HIS A 25 10.54 -9.50 3.86
CA HIS A 25 12.00 -9.42 3.97
C HIS A 25 12.58 -8.34 3.05
N CYS A 26 12.13 -8.28 1.79
CA CYS A 26 12.53 -7.27 0.81
C CYS A 26 12.09 -5.86 1.21
N TYR A 27 10.86 -5.69 1.69
CA TYR A 27 10.39 -4.40 2.22
C TYR A 27 11.14 -3.99 3.50
N ASP A 28 11.52 -4.94 4.36
CA ASP A 28 12.35 -4.66 5.53
C ASP A 28 13.78 -4.27 5.16
N GLN A 29 14.32 -4.66 4.00
CA GLN A 29 15.61 -4.16 3.51
C GLN A 29 15.56 -2.66 3.19
N LEU A 30 14.42 -2.16 2.67
CA LEU A 30 14.25 -0.71 2.41
C LEU A 30 14.39 0.09 3.72
N ILE A 31 13.69 -0.36 4.77
CA ILE A 31 13.64 0.30 6.08
C ILE A 31 14.98 0.13 6.81
N THR A 32 15.59 -1.06 6.75
CA THR A 32 16.91 -1.33 7.36
C THR A 32 17.99 -0.39 6.84
N ALA A 33 17.97 -0.05 5.54
CA ALA A 33 18.88 0.93 4.95
C ALA A 33 18.49 2.40 5.24
N GLN A 34 17.19 2.70 5.41
CA GLN A 34 16.62 4.06 5.46
C GLN A 34 15.59 4.23 6.60
N PRO A 35 15.96 4.10 7.89
CA PRO A 35 14.98 3.85 8.97
C PRO A 35 13.96 4.95 9.26
N GLN A 36 14.26 6.21 8.91
CA GLN A 36 13.36 7.36 9.11
C GLN A 36 12.68 7.82 7.80
N ASN A 37 12.88 7.12 6.68
CA ASN A 37 12.24 7.46 5.40
C ASN A 37 10.83 6.85 5.32
N PRO A 38 9.76 7.66 5.23
CA PRO A 38 8.39 7.17 5.17
C PRO A 38 8.07 6.35 3.91
N VAL A 39 8.96 6.39 2.90
CA VAL A 39 8.91 5.53 1.72
C VAL A 39 8.82 4.04 2.08
N GLY A 40 9.59 3.60 3.08
CA GLY A 40 9.59 2.19 3.51
C GLY A 40 8.30 1.80 4.24
N TYR A 41 7.77 2.70 5.07
CA TYR A 41 6.45 2.52 5.70
C TYR A 41 5.36 2.40 4.63
N SER A 42 5.45 3.17 3.55
CA SER A 42 4.51 3.10 2.42
C SER A 42 4.53 1.75 1.69
N ASN A 43 5.71 1.14 1.56
CA ASN A 43 5.86 -0.19 0.94
C ASN A 43 5.47 -1.32 1.90
N LYS A 44 5.65 -1.17 3.22
CA LYS A 44 5.09 -2.10 4.20
C LYS A 44 3.55 -2.00 4.28
N ALA A 45 2.96 -0.81 4.10
CA ALA A 45 1.52 -0.67 3.89
C ALA A 45 1.05 -1.35 2.59
N MET A 46 1.83 -1.29 1.51
CA MET A 46 1.58 -2.08 0.28
C MET A 46 1.62 -3.59 0.55
N ALA A 47 2.53 -4.06 1.42
CA ALA A 47 2.57 -5.45 1.86
C ALA A 47 1.26 -5.88 2.55
N LEU A 48 0.74 -5.05 3.48
CA LEU A 48 -0.48 -5.37 4.22
C LEU A 48 -1.72 -5.48 3.31
N ILE A 49 -1.85 -4.66 2.27
CA ILE A 49 -2.93 -4.80 1.26
C ILE A 49 -2.69 -5.94 0.24
N LYS A 50 -1.51 -6.57 0.26
CA LYS A 50 -1.15 -7.73 -0.58
C LYS A 50 -1.12 -9.06 0.20
N LEU A 51 -1.05 -9.01 1.54
CA LEU A 51 -1.29 -10.12 2.47
C LEU A 51 -2.79 -10.23 2.80
N GLY A 52 -3.50 -9.10 2.88
CA GLY A 52 -4.94 -9.03 3.13
C GLY A 52 -5.33 -8.55 4.53
N GLU A 53 -4.41 -7.87 5.23
CA GLU A 53 -4.57 -7.34 6.59
C GLU A 53 -4.99 -5.86 6.53
N TYR A 54 -6.07 -5.57 5.78
CA TYR A 54 -6.49 -4.21 5.41
C TYR A 54 -6.73 -3.30 6.62
N THR A 55 -7.23 -3.86 7.73
CA THR A 55 -7.45 -3.14 9.00
C THR A 55 -6.13 -2.70 9.66
N GLN A 56 -5.00 -3.37 9.34
CA GLN A 56 -3.67 -2.89 9.73
C GLN A 56 -3.12 -1.90 8.69
N ALA A 57 -3.42 -2.11 7.40
CA ALA A 57 -2.96 -1.25 6.33
C ALA A 57 -3.47 0.20 6.47
N ILE A 58 -4.76 0.39 6.79
CA ILE A 58 -5.33 1.74 7.05
C ILE A 58 -4.62 2.44 8.21
N GLN A 59 -4.30 1.71 9.28
CA GLN A 59 -3.55 2.19 10.44
C GLN A 59 -2.12 2.59 10.06
N MET A 60 -1.42 1.78 9.27
CA MET A 60 -0.06 2.08 8.80
C MET A 60 -0.03 3.25 7.80
N CYS A 61 -1.06 3.45 6.98
CA CYS A 61 -1.15 4.61 6.09
C CYS A 61 -1.38 5.91 6.88
N GLN A 62 -2.26 5.90 7.88
CA GLN A 62 -2.45 7.02 8.81
C GLN A 62 -1.17 7.35 9.59
N GLN A 63 -0.44 6.32 10.02
CA GLN A 63 0.90 6.45 10.61
C GLN A 63 1.94 7.06 9.64
N GLY A 64 1.83 6.88 8.32
CA GLY A 64 2.72 7.52 7.35
C GLY A 64 2.35 8.97 7.01
N LEU A 65 1.08 9.37 7.10
CA LEU A 65 0.65 10.76 6.82
C LEU A 65 1.19 11.76 7.88
N ARG A 66 1.55 11.27 9.07
CA ARG A 66 2.36 11.99 10.09
C ARG A 66 3.74 12.48 9.59
N TYR A 67 4.19 12.03 8.42
CA TYR A 67 5.49 12.34 7.80
C TYR A 67 5.35 13.11 6.47
N THR A 68 4.32 13.96 6.31
CA THR A 68 3.92 14.54 4.99
C THR A 68 3.56 16.04 4.96
N SER A 69 3.79 16.80 6.03
CA SER A 69 3.28 18.19 6.15
C SER A 69 4.10 19.25 5.40
N THR A 70 5.14 18.88 4.64
CA THR A 70 6.05 19.82 3.95
C THR A 70 6.54 19.30 2.60
N ALA A 71 6.93 20.22 1.71
CA ALA A 71 7.18 20.03 0.27
C ALA A 71 8.14 18.87 -0.12
N GLU A 72 9.10 18.50 0.73
CA GLU A 72 10.00 17.36 0.50
C GLU A 72 9.37 15.96 0.70
N HIS A 73 8.08 15.92 1.06
CA HIS A 73 7.30 14.71 1.29
C HIS A 73 5.92 14.72 0.58
N VAL A 74 5.67 15.59 -0.41
CA VAL A 74 4.37 15.61 -1.14
C VAL A 74 4.14 14.36 -2.00
N ALA A 75 5.20 13.70 -2.47
CA ALA A 75 5.09 12.38 -3.10
C ALA A 75 4.71 11.30 -2.08
N ILE A 76 5.16 11.42 -0.83
CA ILE A 76 4.78 10.54 0.29
C ILE A 76 3.31 10.75 0.66
N ARG A 77 2.78 11.98 0.57
CA ARG A 77 1.34 12.25 0.74
C ARG A 77 0.52 11.34 -0.17
N SER A 78 0.74 11.42 -1.50
CA SER A 78 0.09 10.58 -2.51
C SER A 78 0.42 9.09 -2.34
N LYS A 79 1.66 8.74 -2.00
CA LYS A 79 2.10 7.36 -1.78
C LYS A 79 1.71 6.77 -0.42
N LEU A 80 0.94 7.49 0.42
CA LEU A 80 0.05 6.91 1.44
C LEU A 80 -1.45 7.11 1.12
N GLN A 81 -1.88 8.17 0.40
CA GLN A 81 -3.28 8.32 -0.06
C GLN A 81 -3.73 7.09 -0.86
N TYR A 82 -3.01 6.74 -1.95
CA TYR A 82 -3.46 5.69 -2.85
C TYR A 82 -3.43 4.31 -2.16
N ARG A 83 -2.51 4.09 -1.22
CA ARG A 83 -2.44 2.86 -0.40
C ARG A 83 -3.69 2.71 0.49
N LEU A 84 -4.13 3.81 1.11
CA LEU A 84 -5.35 3.86 1.93
C LEU A 84 -6.61 3.67 1.06
N GLU A 85 -6.65 4.30 -0.10
CA GLU A 85 -7.70 4.14 -1.11
C GLU A 85 -7.82 2.70 -1.65
N LEU A 86 -6.70 1.97 -1.77
CA LEU A 86 -6.71 0.56 -2.16
C LEU A 86 -6.72 -0.44 -1.01
N ALA A 87 -6.48 -0.03 0.25
CA ALA A 87 -6.81 -0.86 1.41
C ALA A 87 -8.33 -1.04 1.52
N GLN A 88 -9.09 0.05 1.39
CA GLN A 88 -10.56 0.00 1.30
C GLN A 88 -11.06 -0.51 -0.07
N GLY A 89 -10.20 -0.52 -1.09
CA GLY A 89 -10.42 -1.13 -2.41
C GLY A 89 -10.30 -2.66 -2.41
N ALA A 90 -9.25 -3.20 -1.81
CA ALA A 90 -8.93 -4.63 -1.75
C ALA A 90 -9.87 -5.42 -0.81
N VAL A 91 -10.37 -4.78 0.26
CA VAL A 91 -11.43 -5.35 1.11
C VAL A 91 -12.84 -5.25 0.48
N GLY A 92 -13.01 -4.43 -0.55
CA GLY A 92 -14.30 -4.03 -1.13
C GLY A 92 -14.26 -3.97 -2.66
N SER A 93 -14.77 -2.87 -3.23
CA SER A 93 -14.84 -2.64 -4.67
C SER A 93 -13.82 -1.59 -5.14
N VAL A 94 -13.14 -1.86 -6.25
CA VAL A 94 -12.18 -0.96 -6.92
C VAL A 94 -12.80 -0.25 -8.15
N GLN A 95 -12.06 0.69 -8.73
CA GLN A 95 -12.49 1.46 -9.91
C GLN A 95 -12.43 0.62 -11.21
N ILE A 96 -12.35 1.28 -12.36
CA ILE A 96 -12.48 0.69 -13.71
C ILE A 96 -13.88 0.03 -13.85
N PRO A 97 -14.96 0.85 -13.86
CA PRO A 97 -16.34 0.36 -13.89
C PRO A 97 -16.75 -0.21 -15.26
N VAL A 98 -15.99 0.08 -16.33
CA VAL A 98 -16.29 -0.34 -17.72
C VAL A 98 -17.63 0.22 -18.28
N VAL A 99 -18.10 1.31 -17.67
CA VAL A 99 -19.23 2.15 -18.12
C VAL A 99 -18.88 3.62 -17.88
N GLU A 100 -19.54 4.54 -18.59
CA GLU A 100 -19.21 5.97 -18.48
C GLU A 100 -19.41 6.56 -17.07
N VAL A 101 -18.57 7.53 -16.75
CA VAL A 101 -18.55 8.43 -15.57
C VAL A 101 -18.64 7.82 -14.15
N ASP A 102 -18.71 6.49 -13.98
CA ASP A 102 -19.08 5.86 -12.70
C ASP A 102 -17.92 5.64 -11.70
N GLU A 103 -17.18 6.69 -11.37
CA GLU A 103 -15.96 6.67 -10.53
C GLU A 103 -14.82 5.95 -11.25
N LEU A 104 -14.59 6.37 -12.49
CA LEU A 104 -13.56 5.88 -13.40
C LEU A 104 -12.20 6.61 -13.21
N PRO A 105 -11.07 5.98 -13.59
CA PRO A 105 -9.75 6.63 -13.55
C PRO A 105 -9.64 7.90 -14.43
N GLU A 106 -8.70 8.78 -14.11
CA GLU A 106 -8.46 10.07 -14.80
C GLU A 106 -8.21 9.94 -16.32
N GLY A 107 -7.65 8.81 -16.76
CA GLY A 107 -7.33 8.52 -18.17
C GLY A 107 -8.23 7.48 -18.86
N TYR A 108 -9.34 7.06 -18.25
CA TYR A 108 -10.14 5.92 -18.74
C TYR A 108 -11.23 6.28 -19.77
N ASP A 109 -11.88 7.43 -19.63
CA ASP A 109 -12.91 7.92 -20.57
C ASP A 109 -12.69 9.36 -21.07
N ARG A 110 -11.63 10.03 -20.59
CA ARG A 110 -11.14 11.32 -21.07
C ARG A 110 -9.64 11.25 -21.44
N SER A 111 -9.14 12.27 -22.13
CA SER A 111 -7.76 12.40 -22.65
C SER A 111 -7.27 11.20 -23.48
N MET B 1 8.67 3.83 -7.54
CA MET B 1 8.79 5.28 -7.81
C MET B 1 7.58 6.01 -7.23
N GLU B 2 6.46 6.12 -7.95
CA GLU B 2 5.17 6.58 -7.40
C GLU B 2 4.21 5.40 -7.12
N GLU B 3 4.38 4.29 -7.85
CA GLU B 3 3.69 3.00 -7.69
C GLU B 3 2.16 3.04 -7.95
N VAL B 4 1.56 1.85 -7.99
CA VAL B 4 0.13 1.58 -8.22
C VAL B 4 -0.20 0.17 -7.73
N ASP B 5 -1.50 -0.12 -7.53
CA ASP B 5 -2.07 -1.36 -6.98
C ASP B 5 -1.86 -1.60 -5.47
N MET A 1 20.89 3.15 -5.62
CA MET A 1 19.55 3.71 -5.90
C MET A 1 18.64 2.70 -6.60
N SER A 2 18.99 2.24 -7.80
CA SER A 2 18.11 1.39 -8.63
C SER A 2 17.85 0.00 -8.00
N GLN A 3 18.72 -0.43 -7.09
CA GLN A 3 18.54 -1.63 -6.26
C GLN A 3 17.32 -1.50 -5.34
N PHE A 4 17.10 -0.34 -4.72
CA PHE A 4 15.91 -0.12 -3.88
C PHE A 4 14.61 0.02 -4.68
N GLU A 5 14.69 0.25 -5.99
CA GLU A 5 13.57 0.11 -6.92
C GLU A 5 13.37 -1.37 -7.31
N LYS A 6 14.43 -2.13 -7.67
CA LYS A 6 14.30 -3.56 -8.03
C LYS A 6 13.76 -4.41 -6.88
N GLN A 7 14.17 -4.11 -5.64
CA GLN A 7 13.80 -4.87 -4.44
C GLN A 7 12.33 -4.65 -4.01
N LYS A 8 11.71 -3.51 -4.37
CA LYS A 8 10.28 -3.26 -4.10
C LYS A 8 9.35 -3.86 -5.17
N GLU A 9 9.78 -3.94 -6.43
CA GLU A 9 9.07 -4.70 -7.48
C GLU A 9 9.15 -6.21 -7.23
N GLN A 10 10.35 -6.71 -6.90
CA GLN A 10 10.59 -8.07 -6.40
C GLN A 10 9.65 -8.38 -5.23
N GLY A 11 9.56 -7.47 -4.26
CA GLY A 11 8.66 -7.59 -3.11
C GLY A 11 7.18 -7.75 -3.47
N ASN A 12 6.69 -7.31 -4.64
CA ASN A 12 5.31 -7.57 -5.07
C ASN A 12 5.22 -8.88 -5.88
N SER A 13 6.18 -9.13 -6.78
CA SER A 13 6.24 -10.39 -7.56
C SER A 13 6.31 -11.63 -6.66
N LEU A 14 7.02 -11.55 -5.53
CA LEU A 14 7.06 -12.62 -4.52
C LEU A 14 5.67 -12.90 -3.91
N PHE A 15 4.84 -11.88 -3.63
CA PHE A 15 3.43 -12.11 -3.27
C PHE A 15 2.62 -12.73 -4.39
N LYS A 16 2.83 -12.32 -5.65
CA LYS A 16 2.13 -12.91 -6.80
C LYS A 16 2.36 -14.42 -6.92
N GLN A 17 3.60 -14.87 -6.70
CA GLN A 17 4.02 -16.28 -6.70
C GLN A 17 3.57 -17.05 -5.44
N GLY A 18 3.59 -16.39 -4.27
CA GLY A 18 3.18 -16.95 -2.98
C GLY A 18 4.27 -16.99 -1.89
N LEU A 19 5.40 -16.35 -2.13
CA LEU A 19 6.61 -16.32 -1.28
C LEU A 19 6.50 -15.16 -0.28
N TYR A 20 5.44 -15.18 0.52
CA TYR A 20 5.05 -14.09 1.43
C TYR A 20 6.13 -13.73 2.46
N ARG A 21 6.85 -14.71 3.00
CA ARG A 21 7.90 -14.47 4.00
C ARG A 21 9.14 -13.84 3.34
N GLU A 22 9.52 -14.35 2.16
CA GLU A 22 10.59 -13.75 1.35
C GLU A 22 10.22 -12.35 0.82
N ALA A 23 8.92 -12.09 0.59
CA ALA A 23 8.42 -10.77 0.24
C ALA A 23 8.57 -9.79 1.41
N VAL A 24 8.02 -10.12 2.59
CA VAL A 24 8.12 -9.30 3.83
C VAL A 24 9.58 -9.00 4.21
N HIS A 25 10.50 -9.95 3.97
CA HIS A 25 11.94 -9.72 4.09
C HIS A 25 12.42 -8.52 3.25
N CYS A 26 12.00 -8.40 1.99
CA CYS A 26 12.41 -7.31 1.11
C CYS A 26 11.92 -5.94 1.61
N TYR A 27 10.70 -5.86 2.15
CA TYR A 27 10.18 -4.62 2.73
C TYR A 27 10.92 -4.19 4.01
N ASP A 28 11.35 -5.14 4.84
CA ASP A 28 12.18 -4.82 6.02
C ASP A 28 13.55 -4.26 5.61
N GLN A 29 14.10 -4.63 4.45
CA GLN A 29 15.39 -4.08 3.98
C GLN A 29 15.28 -2.62 3.54
N LEU A 30 14.10 -2.17 3.09
CA LEU A 30 13.82 -0.75 2.83
C LEU A 30 13.93 0.07 4.12
N ILE A 31 13.28 -0.39 5.19
CA ILE A 31 13.15 0.33 6.47
C ILE A 31 14.43 0.14 7.33
N THR A 32 15.15 -0.97 7.16
CA THR A 32 16.49 -1.20 7.70
C THR A 32 17.52 -0.21 7.14
N ALA A 33 17.32 0.31 5.93
CA ALA A 33 18.15 1.39 5.39
C ALA A 33 17.58 2.79 5.65
N GLN A 34 16.25 2.92 5.78
CA GLN A 34 15.50 4.18 5.85
C GLN A 34 14.44 4.13 6.98
N PRO A 35 14.81 4.25 8.27
CA PRO A 35 13.95 3.93 9.42
C PRO A 35 12.65 4.73 9.59
N GLN A 36 12.59 5.96 9.06
CA GLN A 36 11.45 6.87 9.22
C GLN A 36 10.76 7.19 7.88
N ASN A 37 11.45 7.02 6.75
CA ASN A 37 11.00 7.51 5.46
C ASN A 37 9.63 6.92 5.04
N PRO A 38 8.61 7.75 4.77
CA PRO A 38 7.29 7.29 4.32
C PRO A 38 7.33 6.47 3.02
N VAL A 39 8.38 6.59 2.20
CA VAL A 39 8.63 5.73 1.03
C VAL A 39 8.67 4.24 1.38
N GLY A 40 9.14 3.86 2.57
CA GLY A 40 9.13 2.48 3.04
C GLY A 40 7.75 2.07 3.57
N TYR A 41 7.09 2.98 4.31
CA TYR A 41 5.81 2.68 4.96
C TYR A 41 4.63 2.54 3.99
N SER A 42 4.59 3.25 2.87
CA SER A 42 3.53 3.00 1.86
C SER A 42 3.70 1.64 1.19
N ASN A 43 4.95 1.27 0.85
CA ASN A 43 5.27 -0.02 0.23
C ASN A 43 5.10 -1.20 1.22
N LYS A 44 5.43 -1.03 2.51
CA LYS A 44 5.18 -2.03 3.56
C LYS A 44 3.69 -2.12 3.95
N ALA A 45 2.91 -1.03 3.84
CA ALA A 45 1.44 -1.08 3.89
C ALA A 45 0.84 -1.79 2.66
N MET A 46 1.47 -1.68 1.48
CA MET A 46 1.10 -2.45 0.30
C MET A 46 1.37 -3.95 0.50
N ALA A 47 2.49 -4.31 1.12
CA ALA A 47 2.76 -5.69 1.57
C ALA A 47 1.68 -6.22 2.54
N LEU A 48 1.23 -5.41 3.51
CA LEU A 48 0.13 -5.78 4.42
C LEU A 48 -1.18 -6.08 3.66
N ILE A 49 -1.56 -5.32 2.62
CA ILE A 49 -2.75 -5.65 1.81
C ILE A 49 -2.53 -6.81 0.83
N LYS A 50 -1.28 -7.08 0.39
CA LYS A 50 -0.93 -8.26 -0.42
C LYS A 50 -0.83 -9.56 0.40
N LEU A 51 -0.74 -9.46 1.72
CA LEU A 51 -0.92 -10.57 2.69
C LEU A 51 -2.38 -10.68 3.18
N GLY A 52 -3.06 -9.52 3.31
CA GLY A 52 -4.48 -9.37 3.59
C GLY A 52 -4.84 -8.80 4.97
N GLU A 53 -3.95 -8.04 5.60
CA GLU A 53 -4.18 -7.35 6.90
C GLU A 53 -4.55 -5.88 6.70
N TYR A 54 -5.62 -5.64 5.93
CA TYR A 54 -6.08 -4.32 5.50
C TYR A 54 -6.39 -3.36 6.66
N THR A 55 -6.83 -3.87 7.82
CA THR A 55 -7.08 -3.05 9.01
C THR A 55 -5.79 -2.54 9.67
N GLN A 56 -4.69 -3.30 9.60
CA GLN A 56 -3.39 -2.81 10.09
C GLN A 56 -2.74 -1.84 9.10
N ALA A 57 -3.00 -2.03 7.79
CA ALA A 57 -2.47 -1.18 6.73
C ALA A 57 -3.04 0.25 6.78
N ILE A 58 -4.33 0.44 7.08
CA ILE A 58 -4.95 1.78 7.16
C ILE A 58 -4.50 2.60 8.38
N GLN A 59 -4.07 1.95 9.48
CA GLN A 59 -3.36 2.62 10.57
C GLN A 59 -1.93 3.00 10.15
N MET A 60 -1.19 2.10 9.48
CA MET A 60 0.13 2.40 8.94
C MET A 60 0.10 3.58 7.94
N CYS A 61 -1.00 3.74 7.20
CA CYS A 61 -1.23 4.90 6.35
C CYS A 61 -1.26 6.22 7.14
N GLN A 62 -1.98 6.27 8.26
CA GLN A 62 -2.07 7.44 9.14
C GLN A 62 -0.74 7.72 9.89
N GLN A 63 -0.02 6.66 10.27
CA GLN A 63 1.36 6.75 10.76
C GLN A 63 2.33 7.30 9.68
N GLY A 64 2.06 7.14 8.38
CA GLY A 64 2.83 7.80 7.32
C GLY A 64 2.42 9.26 7.06
N LEU A 65 1.16 9.63 7.34
CA LEU A 65 0.71 11.04 7.32
C LEU A 65 1.36 11.90 8.43
N ARG A 66 2.05 11.28 9.42
CA ARG A 66 2.95 11.96 10.38
C ARG A 66 4.28 12.47 9.80
N TYR A 67 4.56 12.18 8.53
CA TYR A 67 5.88 12.35 7.89
C TYR A 67 5.83 13.19 6.57
N THR A 68 4.89 14.13 6.44
CA THR A 68 4.46 14.72 5.14
C THR A 68 4.68 16.23 4.96
N SER A 69 5.14 16.96 5.99
CA SER A 69 4.92 18.40 6.13
C SER A 69 5.91 19.33 5.38
N THR A 70 6.45 18.87 4.25
CA THR A 70 7.46 19.58 3.45
C THR A 70 7.26 19.36 1.94
N ALA A 71 7.89 20.20 1.12
CA ALA A 71 7.89 20.07 -0.35
C ALA A 71 8.53 18.75 -0.84
N GLU A 72 9.49 18.21 -0.07
CA GLU A 72 10.07 16.88 -0.31
C GLU A 72 9.05 15.75 -0.21
N HIS A 73 7.90 15.97 0.46
CA HIS A 73 6.92 14.94 0.78
C HIS A 73 5.47 15.26 0.35
N VAL A 74 5.26 16.29 -0.49
CA VAL A 74 3.92 16.64 -1.03
C VAL A 74 3.34 15.55 -1.95
N ALA A 75 4.18 14.82 -2.68
CA ALA A 75 3.76 13.63 -3.44
C ALA A 75 3.59 12.43 -2.49
N ILE A 76 4.45 12.29 -1.49
CA ILE A 76 4.30 11.28 -0.41
C ILE A 76 2.95 11.40 0.33
N ARG A 77 2.45 12.62 0.55
CA ARG A 77 1.14 12.87 1.19
C ARG A 77 0.00 12.23 0.38
N SER A 78 0.07 12.31 -0.95
CA SER A 78 -0.78 11.55 -1.86
C SER A 78 -0.43 10.05 -1.89
N LYS A 79 0.85 9.66 -1.85
CA LYS A 79 1.27 8.24 -1.88
C LYS A 79 0.75 7.45 -0.67
N LEU A 80 0.56 8.08 0.50
CA LEU A 80 -0.14 7.45 1.63
C LEU A 80 -1.68 7.57 1.56
N GLN A 81 -2.24 8.69 1.11
CA GLN A 81 -3.70 8.85 1.00
C GLN A 81 -4.35 7.93 -0.05
N TYR A 82 -3.72 7.76 -1.22
CA TYR A 82 -4.19 6.80 -2.22
C TYR A 82 -3.95 5.35 -1.75
N ARG A 83 -2.83 5.08 -1.05
CA ARG A 83 -2.49 3.74 -0.52
C ARG A 83 -3.54 3.27 0.50
N LEU A 84 -4.06 4.20 1.29
CA LEU A 84 -5.18 4.00 2.23
C LEU A 84 -6.48 3.72 1.46
N GLU A 85 -6.84 4.57 0.48
CA GLU A 85 -8.04 4.42 -0.33
C GLU A 85 -8.09 3.09 -1.11
N LEU A 86 -6.94 2.60 -1.59
CA LEU A 86 -6.80 1.29 -2.22
C LEU A 86 -6.60 0.14 -1.22
N ALA A 87 -6.42 0.37 0.08
CA ALA A 87 -6.56 -0.70 1.08
C ALA A 87 -8.05 -0.99 1.30
N GLN A 88 -8.84 0.07 1.43
CA GLN A 88 -10.31 0.00 1.43
C GLN A 88 -10.85 -0.54 0.09
N GLY A 89 -10.12 -0.29 -1.02
CA GLY A 89 -10.38 -0.84 -2.35
C GLY A 89 -10.08 -2.34 -2.48
N ALA A 90 -8.95 -2.80 -1.92
CA ALA A 90 -8.53 -4.20 -1.95
C ALA A 90 -9.30 -5.10 -0.95
N VAL A 91 -9.87 -4.52 0.11
CA VAL A 91 -10.85 -5.21 0.99
C VAL A 91 -12.30 -5.08 0.49
N GLY A 92 -12.57 -4.15 -0.43
CA GLY A 92 -13.89 -3.93 -1.06
C GLY A 92 -14.22 -4.92 -2.19
N SER A 93 -15.20 -4.56 -3.02
CA SER A 93 -15.74 -5.42 -4.10
C SER A 93 -15.77 -4.72 -5.47
N VAL A 94 -14.96 -5.22 -6.40
CA VAL A 94 -15.01 -4.87 -7.83
C VAL A 94 -15.75 -5.97 -8.63
N GLN A 95 -16.35 -5.61 -9.76
CA GLN A 95 -17.13 -6.50 -10.63
C GLN A 95 -16.40 -6.78 -11.94
N ILE A 96 -15.92 -8.02 -12.14
CA ILE A 96 -15.14 -8.43 -13.32
C ILE A 96 -15.80 -9.66 -13.97
N PRO A 97 -16.82 -9.48 -14.84
CA PRO A 97 -17.55 -10.59 -15.48
C PRO A 97 -16.83 -11.21 -16.70
N VAL A 98 -15.64 -10.72 -17.06
CA VAL A 98 -14.73 -11.32 -18.08
C VAL A 98 -15.33 -11.45 -19.50
N VAL A 99 -16.28 -10.59 -19.86
CA VAL A 99 -16.93 -10.51 -21.17
C VAL A 99 -17.24 -9.04 -21.49
N GLU A 100 -17.36 -8.71 -22.78
CA GLU A 100 -17.61 -7.35 -23.28
C GLU A 100 -16.67 -6.26 -22.71
N VAL A 101 -17.13 -5.00 -22.70
CA VAL A 101 -16.46 -3.77 -22.22
C VAL A 101 -17.41 -2.91 -21.34
N ASP A 102 -18.47 -3.52 -20.79
CA ASP A 102 -19.68 -2.82 -20.35
C ASP A 102 -19.86 -2.86 -18.81
N GLU A 103 -19.70 -4.03 -18.19
CA GLU A 103 -19.96 -4.30 -16.76
C GLU A 103 -18.71 -4.77 -15.98
N LEU A 104 -17.54 -4.55 -16.57
CA LEU A 104 -16.21 -4.50 -15.96
C LEU A 104 -16.01 -3.22 -15.10
N PRO A 105 -14.89 -3.07 -14.37
CA PRO A 105 -14.35 -1.75 -13.98
C PRO A 105 -13.92 -0.94 -15.22
N GLU A 106 -13.33 0.24 -15.01
CA GLU A 106 -12.81 1.07 -16.11
C GLU A 106 -11.71 0.34 -16.91
N GLY A 107 -11.97 0.12 -18.20
CA GLY A 107 -11.14 -0.68 -19.11
C GLY A 107 -11.13 -2.17 -18.74
N TYR A 108 -9.98 -2.66 -18.27
CA TYR A 108 -9.65 -4.05 -17.90
C TYR A 108 -9.80 -5.14 -18.98
N ASP A 109 -10.67 -5.04 -19.99
CA ASP A 109 -10.87 -6.06 -21.04
C ASP A 109 -9.55 -6.66 -21.58
N ARG A 110 -9.29 -7.93 -21.27
CA ARG A 110 -8.01 -8.65 -21.47
C ARG A 110 -7.75 -9.06 -22.94
N SER A 111 -8.54 -8.51 -23.88
CA SER A 111 -8.60 -8.88 -25.30
C SER A 111 -7.37 -8.46 -26.09
N MET B 1 -1.52 9.60 -9.06
CA MET B 1 -0.31 8.75 -8.91
C MET B 1 -0.70 7.33 -8.52
N GLU B 2 0.20 6.36 -8.76
CA GLU B 2 0.03 4.97 -8.36
C GLU B 2 1.39 4.28 -8.07
N GLU B 3 1.36 3.15 -7.37
CA GLU B 3 2.52 2.28 -7.14
C GLU B 3 2.39 1.01 -8.00
N VAL B 4 2.00 -0.13 -7.43
CA VAL B 4 2.02 -1.47 -8.03
C VAL B 4 0.74 -2.27 -7.76
N ASP B 5 0.56 -3.37 -8.49
CA ASP B 5 -0.63 -4.24 -8.52
C ASP B 5 -1.02 -4.87 -7.18
N MET A 1 18.33 5.93 -6.94
CA MET A 1 18.99 4.75 -6.34
C MET A 1 18.44 3.49 -7.02
N SER A 2 19.07 3.06 -8.11
CA SER A 2 18.47 2.09 -9.05
C SER A 2 18.28 0.69 -8.47
N GLN A 3 19.14 0.24 -7.55
CA GLN A 3 19.02 -1.07 -6.90
C GLN A 3 17.78 -1.15 -5.98
N PHE A 4 17.52 -0.14 -5.13
CA PHE A 4 16.30 -0.17 -4.31
C PHE A 4 15.03 0.07 -5.15
N GLU A 5 15.15 0.77 -6.28
CA GLU A 5 14.06 1.01 -7.24
C GLU A 5 13.63 -0.23 -8.04
N LYS A 6 14.42 -1.31 -8.05
CA LYS A 6 13.97 -2.63 -8.55
C LYS A 6 13.51 -3.57 -7.42
N GLN A 7 14.15 -3.54 -6.25
CA GLN A 7 13.76 -4.41 -5.12
C GLN A 7 12.41 -4.02 -4.49
N LYS A 8 12.09 -2.71 -4.39
CA LYS A 8 10.79 -2.24 -3.85
C LYS A 8 9.59 -2.68 -4.69
N GLU A 9 9.83 -3.01 -5.97
CA GLU A 9 8.85 -3.62 -6.89
C GLU A 9 8.88 -5.16 -6.85
N GLN A 10 10.06 -5.77 -6.67
CA GLN A 10 10.24 -7.21 -6.48
C GLN A 10 9.40 -7.76 -5.31
N GLY A 11 9.33 -7.04 -4.18
CA GLY A 11 8.45 -7.40 -3.06
C GLY A 11 6.99 -7.59 -3.47
N ASN A 12 6.43 -6.71 -4.32
CA ASN A 12 5.06 -6.86 -4.84
C ASN A 12 4.95 -8.06 -5.80
N SER A 13 5.96 -8.28 -6.65
CA SER A 13 6.04 -9.48 -7.50
C SER A 13 6.05 -10.79 -6.70
N LEU A 14 6.70 -10.81 -5.52
CA LEU A 14 6.68 -11.94 -4.59
C LEU A 14 5.30 -12.16 -3.97
N PHE A 15 4.51 -11.10 -3.73
CA PHE A 15 3.10 -11.19 -3.34
C PHE A 15 2.16 -11.67 -4.46
N LYS A 16 2.48 -11.45 -5.74
CA LYS A 16 1.77 -12.15 -6.84
C LYS A 16 2.06 -13.65 -6.80
N GLN A 17 3.34 -14.02 -6.73
CA GLN A 17 3.81 -15.43 -6.78
C GLN A 17 3.40 -16.28 -5.56
N GLY A 18 3.33 -15.68 -4.37
CA GLY A 18 2.88 -16.35 -3.13
C GLY A 18 3.86 -16.29 -1.95
N LEU A 19 5.03 -15.67 -2.12
CA LEU A 19 6.18 -15.66 -1.19
C LEU A 19 6.08 -14.48 -0.22
N TYR A 20 4.92 -14.41 0.44
CA TYR A 20 4.49 -13.30 1.29
C TYR A 20 5.49 -12.97 2.42
N ARG A 21 6.14 -13.98 3.02
CA ARG A 21 7.07 -13.78 4.16
C ARG A 21 8.48 -13.39 3.71
N GLU A 22 8.91 -13.80 2.51
CA GLU A 22 10.11 -13.25 1.86
C GLU A 22 9.87 -11.83 1.33
N ALA A 23 8.64 -11.51 0.95
CA ALA A 23 8.25 -10.15 0.56
C ALA A 23 8.23 -9.18 1.76
N VAL A 24 7.66 -9.57 2.91
CA VAL A 24 7.75 -8.78 4.16
C VAL A 24 9.21 -8.60 4.60
N HIS A 25 10.06 -9.63 4.41
CA HIS A 25 11.50 -9.55 4.68
C HIS A 25 12.19 -8.50 3.78
N CYS A 26 11.91 -8.49 2.47
CA CYS A 26 12.42 -7.47 1.51
C CYS A 26 12.06 -6.06 1.97
N TYR A 27 10.80 -5.82 2.35
CA TYR A 27 10.35 -4.51 2.80
C TYR A 27 10.95 -4.08 4.15
N ASP A 28 11.26 -5.02 5.05
CA ASP A 28 12.05 -4.74 6.25
C ASP A 28 13.52 -4.39 5.94
N GLN A 29 14.07 -4.83 4.79
CA GLN A 29 15.41 -4.39 4.36
C GLN A 29 15.42 -2.91 3.96
N LEU A 30 14.32 -2.40 3.37
CA LEU A 30 14.23 -0.96 3.06
C LEU A 30 14.23 -0.16 4.36
N ILE A 31 13.41 -0.55 5.34
CA ILE A 31 13.33 0.15 6.65
C ILE A 31 14.66 0.07 7.40
N THR A 32 15.36 -1.06 7.33
CA THR A 32 16.71 -1.19 7.93
C THR A 32 17.70 -0.17 7.36
N ALA A 33 17.65 0.11 6.05
CA ALA A 33 18.54 1.07 5.37
C ALA A 33 18.13 2.55 5.56
N GLN A 34 16.83 2.83 5.71
CA GLN A 34 16.28 4.19 5.85
C GLN A 34 15.09 4.26 6.85
N PRO A 35 15.35 4.19 8.18
CA PRO A 35 14.31 4.01 9.21
C PRO A 35 13.26 5.11 9.36
N GLN A 36 13.60 6.36 9.03
CA GLN A 36 12.72 7.53 9.14
C GLN A 36 12.20 8.02 7.79
N ASN A 37 12.51 7.31 6.71
CA ASN A 37 12.05 7.65 5.37
C ASN A 37 10.65 7.06 5.12
N PRO A 38 9.62 7.89 4.83
CA PRO A 38 8.26 7.40 4.62
C PRO A 38 8.11 6.43 3.43
N VAL A 39 9.10 6.35 2.52
CA VAL A 39 9.20 5.30 1.50
C VAL A 39 8.97 3.91 2.10
N GLY A 40 9.65 3.56 3.18
CA GLY A 40 9.61 2.23 3.80
C GLY A 40 8.24 1.91 4.39
N TYR A 41 7.63 2.86 5.09
CA TYR A 41 6.26 2.75 5.60
C TYR A 41 5.24 2.62 4.48
N SER A 42 5.38 3.39 3.38
CA SER A 42 4.47 3.31 2.24
C SER A 42 4.57 1.97 1.50
N ASN A 43 5.77 1.39 1.41
CA ASN A 43 6.00 0.06 0.85
C ASN A 43 5.50 -1.05 1.79
N LYS A 44 5.67 -0.92 3.11
CA LYS A 44 5.15 -1.90 4.09
C LYS A 44 3.62 -1.86 4.21
N ALA A 45 2.99 -0.69 4.04
CA ALA A 45 1.53 -0.58 3.88
C ALA A 45 1.02 -1.28 2.61
N MET A 46 1.73 -1.11 1.47
CA MET A 46 1.46 -1.85 0.22
C MET A 46 1.59 -3.37 0.42
N ALA A 47 2.63 -3.82 1.15
CA ALA A 47 2.82 -5.23 1.49
C ALA A 47 1.64 -5.81 2.31
N LEU A 48 1.18 -5.09 3.32
CA LEU A 48 0.09 -5.55 4.19
C LEU A 48 -1.25 -5.71 3.45
N ILE A 49 -1.57 -4.87 2.46
CA ILE A 49 -2.75 -5.08 1.59
C ILE A 49 -2.56 -6.23 0.58
N LYS A 50 -1.35 -6.41 0.05
CA LYS A 50 -0.99 -7.52 -0.84
C LYS A 50 -0.89 -8.88 -0.11
N LEU A 51 -0.86 -8.87 1.23
CA LEU A 51 -0.98 -10.05 2.11
C LEU A 51 -2.44 -10.29 2.55
N GLY A 52 -3.18 -9.22 2.87
CA GLY A 52 -4.58 -9.27 3.33
C GLY A 52 -4.78 -8.88 4.81
N GLU A 53 -3.84 -8.14 5.40
CA GLU A 53 -3.96 -7.54 6.73
C GLU A 53 -4.32 -6.04 6.60
N TYR A 54 -5.37 -5.77 5.82
CA TYR A 54 -5.87 -4.43 5.47
C TYR A 54 -6.07 -3.53 6.70
N THR A 55 -6.62 -4.07 7.79
CA THR A 55 -6.84 -3.36 9.06
C THR A 55 -5.53 -2.91 9.74
N GLN A 56 -4.40 -3.58 9.48
CA GLN A 56 -3.07 -3.10 9.92
C GLN A 56 -2.52 -2.02 8.97
N ALA A 57 -2.79 -2.17 7.66
CA ALA A 57 -2.32 -1.25 6.63
C ALA A 57 -2.93 0.15 6.78
N ILE A 58 -4.22 0.25 7.13
CA ILE A 58 -4.89 1.56 7.34
C ILE A 58 -4.30 2.32 8.54
N GLN A 59 -3.86 1.63 9.60
CA GLN A 59 -3.12 2.25 10.71
C GLN A 59 -1.77 2.78 10.23
N MET A 60 -1.01 1.97 9.48
CA MET A 60 0.28 2.37 8.92
C MET A 60 0.17 3.54 7.92
N CYS A 61 -0.94 3.65 7.18
CA CYS A 61 -1.20 4.79 6.30
C CYS A 61 -1.40 6.10 7.08
N GLN A 62 -2.21 6.08 8.15
CA GLN A 62 -2.52 7.27 8.96
C GLN A 62 -1.31 7.69 9.83
N GLN A 63 -0.51 6.73 10.27
CA GLN A 63 0.83 6.95 10.83
C GLN A 63 1.81 7.51 9.77
N GLY A 64 1.77 7.06 8.51
CA GLY A 64 2.63 7.58 7.45
C GLY A 64 2.30 9.01 7.03
N LEU A 65 1.03 9.44 7.17
CA LEU A 65 0.66 10.85 7.04
C LEU A 65 1.30 11.76 8.11
N ARG A 66 1.71 11.21 9.27
CA ARG A 66 2.53 11.93 10.27
C ARG A 66 4.01 12.10 9.86
N TYR A 67 4.45 11.61 8.70
CA TYR A 67 5.81 11.78 8.14
C TYR A 67 5.84 12.65 6.86
N THR A 68 4.83 13.49 6.60
CA THR A 68 4.78 14.38 5.42
C THR A 68 4.25 15.79 5.71
N SER A 69 5.03 16.80 5.32
CA SER A 69 4.65 18.21 5.24
C SER A 69 5.39 18.96 4.11
N THR A 70 6.66 18.63 3.87
CA THR A 70 7.53 19.25 2.85
C THR A 70 7.22 18.79 1.42
N ALA A 71 7.77 19.48 0.41
CA ALA A 71 7.68 19.08 -1.00
C ALA A 71 8.45 17.79 -1.33
N GLU A 72 9.41 17.39 -0.50
CA GLU A 72 10.08 16.08 -0.55
C GLU A 72 9.10 14.90 -0.40
N HIS A 73 8.00 15.12 0.32
CA HIS A 73 7.07 14.09 0.78
C HIS A 73 5.64 14.31 0.25
N VAL A 74 5.46 15.17 -0.76
CA VAL A 74 4.14 15.48 -1.33
C VAL A 74 3.56 14.32 -2.15
N ALA A 75 4.40 13.58 -2.88
CA ALA A 75 3.96 12.36 -3.55
C ALA A 75 3.77 11.22 -2.54
N ILE A 76 4.62 11.14 -1.51
CA ILE A 76 4.45 10.27 -0.34
C ILE A 76 3.07 10.46 0.34
N ARG A 77 2.57 11.69 0.44
CA ARG A 77 1.29 12.02 1.05
C ARG A 77 0.10 11.39 0.29
N SER A 78 0.22 11.28 -1.03
CA SER A 78 -0.68 10.46 -1.87
C SER A 78 -0.32 8.96 -1.86
N LYS A 79 0.96 8.58 -1.75
CA LYS A 79 1.43 7.18 -1.66
C LYS A 79 1.12 6.49 -0.32
N LEU A 80 0.54 7.20 0.65
CA LEU A 80 -0.29 6.59 1.71
C LEU A 80 -1.79 6.67 1.38
N GLN A 81 -2.34 7.82 0.97
CA GLN A 81 -3.80 8.00 0.82
C GLN A 81 -4.47 7.23 -0.35
N TYR A 82 -3.78 7.01 -1.48
CA TYR A 82 -4.32 6.18 -2.56
C TYR A 82 -4.34 4.70 -2.15
N ARG A 83 -3.32 4.22 -1.42
CA ARG A 83 -3.31 2.83 -0.92
C ARG A 83 -4.14 2.62 0.35
N LEU A 84 -4.56 3.70 1.01
CA LEU A 84 -5.71 3.71 1.93
C LEU A 84 -7.04 3.56 1.15
N GLU A 85 -7.23 4.27 0.03
CA GLU A 85 -8.34 4.11 -0.90
C GLU A 85 -8.41 2.70 -1.52
N LEU A 86 -7.26 2.08 -1.80
CA LEU A 86 -7.14 0.71 -2.33
C LEU A 86 -7.16 -0.37 -1.23
N ALA A 87 -6.79 -0.08 0.02
CA ALA A 87 -7.04 -0.99 1.14
C ALA A 87 -8.55 -1.17 1.34
N GLN A 88 -9.29 -0.05 1.38
CA GLN A 88 -10.76 -0.02 1.35
C GLN A 88 -11.33 -0.66 0.06
N GLY A 89 -10.54 -0.66 -1.02
CA GLY A 89 -10.81 -1.33 -2.31
C GLY A 89 -10.77 -2.85 -2.22
N ALA A 90 -9.64 -3.40 -1.79
CA ALA A 90 -9.40 -4.84 -1.74
C ALA A 90 -10.24 -5.54 -0.64
N VAL A 91 -10.53 -4.86 0.46
CA VAL A 91 -11.39 -5.40 1.55
C VAL A 91 -12.90 -5.22 1.30
N GLY A 92 -13.29 -4.34 0.35
CA GLY A 92 -14.66 -3.85 0.17
C GLY A 92 -15.37 -4.27 -1.13
N SER A 93 -16.63 -3.85 -1.24
CA SER A 93 -17.48 -3.96 -2.43
C SER A 93 -17.63 -2.64 -3.20
N VAL A 94 -17.56 -1.48 -2.49
CA VAL A 94 -17.57 -0.11 -3.05
C VAL A 94 -16.87 0.91 -2.13
N GLN A 95 -16.27 1.95 -2.71
CA GLN A 95 -15.98 3.24 -2.04
C GLN A 95 -17.17 4.20 -2.23
N ILE A 96 -17.47 5.01 -1.20
CA ILE A 96 -18.64 5.91 -1.16
C ILE A 96 -19.96 5.12 -1.34
N PRO A 97 -20.46 4.45 -0.29
CA PRO A 97 -21.63 3.58 -0.40
C PRO A 97 -22.98 4.32 -0.53
N VAL A 98 -23.00 5.66 -0.38
CA VAL A 98 -24.20 6.52 -0.41
C VAL A 98 -25.29 6.05 0.55
N VAL A 99 -25.15 6.38 1.84
CA VAL A 99 -25.97 5.85 2.96
C VAL A 99 -26.42 6.94 3.95
N GLU A 100 -26.56 8.17 3.45
CA GLU A 100 -26.53 9.42 4.23
C GLU A 100 -25.19 9.59 4.95
N VAL A 101 -25.05 9.14 6.21
CA VAL A 101 -23.79 9.16 7.00
C VAL A 101 -23.66 7.87 7.82
N ASP A 102 -22.58 7.08 7.66
CA ASP A 102 -22.28 5.88 8.47
C ASP A 102 -20.84 5.38 8.29
N GLU A 103 -20.45 4.99 7.07
CA GLU A 103 -19.10 4.52 6.71
C GLU A 103 -18.67 4.98 5.30
N LEU A 104 -18.60 6.30 5.12
CA LEU A 104 -18.14 6.97 3.90
C LEU A 104 -16.70 7.52 4.09
N PRO A 105 -15.87 7.61 3.03
CA PRO A 105 -14.43 7.81 3.18
C PRO A 105 -14.06 9.19 3.76
N GLU A 106 -13.29 9.18 4.84
CA GLU A 106 -12.87 10.35 5.65
C GLU A 106 -14.01 11.31 6.06
N GLY A 107 -15.23 10.79 6.17
CA GLY A 107 -16.40 11.57 6.59
C GLY A 107 -17.05 12.39 5.47
N TYR A 108 -17.09 11.85 4.24
CA TYR A 108 -17.80 12.42 3.09
C TYR A 108 -19.34 12.47 3.29
N ASP A 109 -20.00 13.43 2.63
CA ASP A 109 -21.43 13.76 2.71
C ASP A 109 -21.98 14.10 4.13
N ARG A 110 -23.28 14.45 4.20
CA ARG A 110 -23.99 14.98 5.38
C ARG A 110 -25.41 14.38 5.55
N SER A 111 -26.07 14.68 6.68
CA SER A 111 -27.43 14.20 7.03
C SER A 111 -28.56 15.19 6.76
N MET B 1 11.02 1.55 -10.17
CA MET B 1 10.65 2.14 -11.47
C MET B 1 9.50 3.11 -11.30
N GLU B 2 8.28 2.63 -11.01
CA GLU B 2 7.11 3.47 -10.72
C GLU B 2 6.12 2.88 -9.68
N GLU B 3 6.35 1.65 -9.21
CA GLU B 3 5.54 0.97 -8.19
C GLU B 3 4.05 0.79 -8.57
N VAL B 4 3.78 0.30 -9.78
CA VAL B 4 2.43 0.02 -10.32
C VAL B 4 2.02 -1.46 -10.15
N ASP B 5 0.72 -1.72 -9.93
CA ASP B 5 0.15 -3.07 -9.72
C ASP B 5 -1.27 -3.25 -10.27
N MET A 1 19.06 5.19 -6.21
CA MET A 1 19.31 3.94 -5.44
C MET A 1 18.68 2.74 -6.16
N SER A 2 19.24 2.32 -7.29
CA SER A 2 18.64 1.32 -8.20
C SER A 2 18.32 -0.04 -7.55
N GLN A 3 19.09 -0.53 -6.58
CA GLN A 3 18.78 -1.81 -5.91
C GLN A 3 17.56 -1.70 -4.96
N PHE A 4 17.31 -0.52 -4.37
CA PHE A 4 16.07 -0.25 -3.63
C PHE A 4 14.85 -0.08 -4.55
N GLU A 5 15.11 0.29 -5.79
CA GLU A 5 14.10 0.49 -6.81
C GLU A 5 13.71 -0.83 -7.49
N LYS A 6 14.63 -1.80 -7.47
CA LYS A 6 14.38 -3.22 -7.71
C LYS A 6 13.59 -3.86 -6.57
N GLN A 7 14.01 -3.69 -5.31
CA GLN A 7 13.50 -4.48 -4.19
C GLN A 7 12.02 -4.22 -3.85
N LYS A 8 11.47 -3.03 -4.18
CA LYS A 8 10.03 -2.76 -4.03
C LYS A 8 9.16 -3.45 -5.09
N GLU A 9 9.62 -3.50 -6.34
CA GLU A 9 8.94 -4.21 -7.44
C GLU A 9 9.04 -5.73 -7.27
N GLN A 10 10.14 -6.20 -6.66
CA GLN A 10 10.35 -7.58 -6.22
C GLN A 10 9.41 -7.94 -5.06
N GLY A 11 9.24 -7.05 -4.08
CA GLY A 11 8.32 -7.20 -2.96
C GLY A 11 6.87 -7.43 -3.42
N ASN A 12 6.33 -6.55 -4.27
CA ASN A 12 5.00 -6.75 -4.87
C ASN A 12 4.90 -8.07 -5.62
N SER A 13 5.86 -8.39 -6.48
CA SER A 13 5.91 -9.63 -7.25
C SER A 13 5.85 -10.89 -6.37
N LEU A 14 6.66 -10.96 -5.30
CA LEU A 14 6.73 -12.13 -4.42
C LEU A 14 5.38 -12.43 -3.73
N PHE A 15 4.53 -11.44 -3.49
CA PHE A 15 3.15 -11.68 -3.02
C PHE A 15 2.26 -12.35 -4.07
N LYS A 16 2.39 -12.02 -5.36
CA LYS A 16 1.67 -12.77 -6.43
C LYS A 16 2.09 -14.24 -6.49
N GLN A 17 3.37 -14.53 -6.26
CA GLN A 17 3.90 -15.91 -6.11
C GLN A 17 3.54 -16.59 -4.77
N GLY A 18 2.92 -15.87 -3.82
CA GLY A 18 2.58 -16.42 -2.50
C GLY A 18 3.76 -16.57 -1.53
N LEU A 19 4.92 -15.99 -1.85
CA LEU A 19 6.17 -16.03 -1.08
C LEU A 19 6.20 -14.91 -0.03
N TYR A 20 5.16 -14.85 0.80
CA TYR A 20 4.92 -13.74 1.74
C TYR A 20 6.11 -13.49 2.68
N ARG A 21 6.82 -14.53 3.12
CA ARG A 21 7.94 -14.46 4.07
C ARG A 21 9.26 -14.04 3.41
N GLU A 22 9.37 -14.16 2.10
CA GLU A 22 10.44 -13.51 1.31
C GLU A 22 10.04 -12.10 0.89
N ALA A 23 8.76 -11.87 0.55
CA ALA A 23 8.22 -10.57 0.13
C ALA A 23 8.31 -9.50 1.23
N VAL A 24 7.88 -9.87 2.45
CA VAL A 24 8.04 -9.03 3.65
C VAL A 24 9.51 -8.72 3.89
N HIS A 25 10.44 -9.65 3.63
CA HIS A 25 11.87 -9.42 3.86
C HIS A 25 12.45 -8.32 2.96
N CYS A 26 12.10 -8.29 1.66
CA CYS A 26 12.53 -7.24 0.72
C CYS A 26 12.03 -5.86 1.14
N TYR A 27 10.79 -5.76 1.63
CA TYR A 27 10.21 -4.52 2.15
C TYR A 27 10.76 -4.13 3.53
N ASP A 28 11.04 -5.09 4.42
CA ASP A 28 11.71 -4.84 5.69
C ASP A 28 13.12 -4.29 5.48
N GLN A 29 13.85 -4.74 4.45
CA GLN A 29 15.21 -4.24 4.19
C GLN A 29 15.25 -2.82 3.60
N LEU A 30 14.12 -2.30 3.08
CA LEU A 30 13.98 -0.85 2.89
C LEU A 30 14.13 -0.11 4.23
N ILE A 31 13.44 -0.60 5.27
CA ILE A 31 13.39 0.04 6.60
C ILE A 31 14.63 -0.30 7.45
N THR A 32 15.29 -1.44 7.21
CA THR A 32 16.60 -1.77 7.80
C THR A 32 17.68 -0.78 7.32
N ALA A 33 17.57 -0.27 6.09
CA ALA A 33 18.43 0.77 5.54
C ALA A 33 17.97 2.20 5.87
N GLN A 34 16.64 2.45 5.87
CA GLN A 34 16.02 3.78 5.95
C GLN A 34 14.94 3.81 7.07
N PRO A 35 15.32 3.85 8.37
CA PRO A 35 14.40 3.61 9.50
C PRO A 35 13.25 4.59 9.69
N GLN A 36 13.33 5.79 9.12
CA GLN A 36 12.39 6.90 9.36
C GLN A 36 11.75 7.44 8.07
N ASN A 37 12.25 7.03 6.89
CA ASN A 37 11.78 7.52 5.60
C ASN A 37 10.37 7.00 5.28
N PRO A 38 9.38 7.87 5.02
CA PRO A 38 8.02 7.43 4.72
C PRO A 38 7.89 6.71 3.36
N VAL A 39 8.93 6.71 2.51
CA VAL A 39 9.03 5.78 1.38
C VAL A 39 8.92 4.32 1.86
N GLY A 40 9.64 3.95 2.91
CA GLY A 40 9.63 2.59 3.47
C GLY A 40 8.27 2.23 4.07
N TYR A 41 7.61 3.18 4.75
CA TYR A 41 6.24 3.01 5.23
C TYR A 41 5.23 2.88 4.06
N SER A 42 5.40 3.63 2.98
CA SER A 42 4.57 3.55 1.77
C SER A 42 4.67 2.19 1.09
N ASN A 43 5.87 1.61 1.08
CA ASN A 43 6.14 0.27 0.55
C ASN A 43 5.64 -0.84 1.51
N LYS A 44 5.83 -0.70 2.84
CA LYS A 44 5.26 -1.64 3.83
C LYS A 44 3.73 -1.63 3.84
N ALA A 45 3.09 -0.49 3.56
CA ALA A 45 1.65 -0.42 3.32
C ALA A 45 1.21 -1.23 2.08
N MET A 46 2.02 -1.26 1.00
CA MET A 46 1.77 -2.13 -0.16
C MET A 46 1.86 -3.61 0.24
N ALA A 47 2.88 -3.98 1.02
CA ALA A 47 3.03 -5.34 1.55
C ALA A 47 1.79 -5.79 2.34
N LEU A 48 1.31 -4.96 3.28
CA LEU A 48 0.19 -5.29 4.16
C LEU A 48 -1.13 -5.48 3.38
N ILE A 49 -1.42 -4.67 2.34
CA ILE A 49 -2.60 -4.90 1.47
C ILE A 49 -2.43 -6.07 0.49
N LYS A 50 -1.23 -6.67 0.38
CA LYS A 50 -0.95 -7.85 -0.47
C LYS A 50 -0.86 -9.16 0.33
N LEU A 51 -0.64 -9.07 1.65
CA LEU A 51 -0.80 -10.13 2.66
C LEU A 51 -2.23 -10.15 3.24
N GLY A 52 -3.04 -9.13 2.92
CA GLY A 52 -4.44 -9.03 3.32
C GLY A 52 -4.67 -8.53 4.76
N GLU A 53 -3.70 -7.84 5.33
CA GLU A 53 -3.70 -7.28 6.69
C GLU A 53 -4.20 -5.83 6.64
N TYR A 54 -5.36 -5.60 6.00
CA TYR A 54 -5.86 -4.25 5.70
C TYR A 54 -6.03 -3.39 6.95
N THR A 55 -6.47 -3.98 8.08
CA THR A 55 -6.52 -3.33 9.41
C THR A 55 -5.18 -2.71 9.84
N GLN A 56 -4.07 -3.31 9.42
CA GLN A 56 -2.71 -2.90 9.76
C GLN A 56 -2.12 -2.01 8.67
N ALA A 57 -2.59 -2.14 7.42
CA ALA A 57 -2.26 -1.24 6.32
C ALA A 57 -2.88 0.15 6.52
N ILE A 58 -4.14 0.24 6.98
CA ILE A 58 -4.78 1.54 7.25
C ILE A 58 -4.08 2.28 8.41
N GLN A 59 -3.59 1.55 9.42
CA GLN A 59 -2.75 2.08 10.49
C GLN A 59 -1.41 2.60 9.93
N MET A 60 -0.73 1.85 9.05
CA MET A 60 0.49 2.32 8.37
C MET A 60 0.25 3.59 7.53
N CYS A 61 -0.84 3.65 6.76
CA CYS A 61 -1.19 4.84 5.97
C CYS A 61 -1.48 6.06 6.86
N GLN A 62 -2.28 5.92 7.93
CA GLN A 62 -2.54 6.99 8.90
C GLN A 62 -1.27 7.43 9.64
N GLN A 63 -0.35 6.49 9.95
CA GLN A 63 0.97 6.79 10.50
C GLN A 63 1.86 7.51 9.50
N GLY A 64 1.83 7.18 8.21
CA GLY A 64 2.63 7.86 7.17
C GLY A 64 2.16 9.29 6.87
N LEU A 65 0.85 9.55 6.93
CA LEU A 65 0.27 10.89 6.76
C LEU A 65 0.60 11.86 7.91
N ARG A 66 1.24 11.38 9.00
CA ARG A 66 1.94 12.25 9.98
C ARG A 66 3.30 12.79 9.53
N TYR A 67 3.96 12.15 8.55
CA TYR A 67 5.30 12.51 8.06
C TYR A 67 5.29 13.47 6.84
N THR A 68 4.12 13.76 6.27
CA THR A 68 4.00 14.30 4.90
C THR A 68 4.09 15.82 4.73
N SER A 69 4.26 16.60 5.80
CA SER A 69 4.13 18.07 5.76
C SER A 69 5.44 18.80 5.37
N THR A 70 6.18 18.29 4.38
CA THR A 70 7.32 18.96 3.73
C THR A 70 7.32 18.76 2.22
N ALA A 71 8.01 19.64 1.47
CA ALA A 71 8.14 19.56 0.01
C ALA A 71 8.94 18.33 -0.49
N GLU A 72 9.55 17.55 0.42
CA GLU A 72 10.19 16.26 0.14
C GLU A 72 9.20 15.08 0.21
N HIS A 73 8.01 15.30 0.79
CA HIS A 73 7.01 14.26 1.07
C HIS A 73 5.60 14.58 0.50
N VAL A 74 5.49 15.56 -0.41
CA VAL A 74 4.22 15.95 -1.08
C VAL A 74 3.75 14.96 -2.17
N ALA A 75 4.62 14.05 -2.64
CA ALA A 75 4.21 12.87 -3.41
C ALA A 75 3.84 11.69 -2.47
N ILE A 76 4.60 11.50 -1.39
CA ILE A 76 4.26 10.53 -0.31
C ILE A 76 2.82 10.79 0.24
N ARG A 77 2.40 12.06 0.32
CA ARG A 77 1.04 12.46 0.72
C ARG A 77 -0.06 11.80 -0.14
N SER A 78 0.17 11.69 -1.44
CA SER A 78 -0.65 10.94 -2.38
C SER A 78 -0.41 9.43 -2.32
N LYS A 79 0.83 8.96 -2.12
CA LYS A 79 1.10 7.51 -1.94
C LYS A 79 0.27 6.93 -0.78
N LEU A 80 0.29 7.52 0.42
CA LEU A 80 -0.51 6.97 1.53
C LEU A 80 -2.02 7.23 1.38
N GLN A 81 -2.49 8.32 0.76
CA GLN A 81 -3.93 8.58 0.59
C GLN A 81 -4.60 7.75 -0.51
N TYR A 82 -3.91 7.39 -1.60
CA TYR A 82 -4.44 6.36 -2.52
C TYR A 82 -4.31 4.97 -1.91
N ARG A 83 -3.19 4.63 -1.25
CA ARG A 83 -2.98 3.30 -0.65
C ARG A 83 -4.01 3.01 0.45
N LEU A 84 -4.47 4.04 1.19
CA LEU A 84 -5.59 3.95 2.14
C LEU A 84 -6.94 3.70 1.46
N GLU A 85 -7.23 4.40 0.37
CA GLU A 85 -8.47 4.19 -0.42
C GLU A 85 -8.48 2.85 -1.16
N LEU A 86 -7.33 2.34 -1.59
CA LEU A 86 -7.22 1.03 -2.21
C LEU A 86 -7.11 -0.11 -1.18
N ALA A 87 -6.67 0.14 0.06
CA ALA A 87 -6.87 -0.81 1.16
C ALA A 87 -8.36 -1.07 1.43
N GLN A 88 -9.16 0.01 1.48
CA GLN A 88 -10.62 -0.07 1.55
C GLN A 88 -11.24 -0.73 0.28
N GLY A 89 -10.58 -0.58 -0.86
CA GLY A 89 -10.91 -1.21 -2.14
C GLY A 89 -10.69 -2.72 -2.11
N ALA A 90 -9.52 -3.16 -1.66
CA ALA A 90 -9.11 -4.56 -1.62
C ALA A 90 -9.86 -5.35 -0.54
N VAL A 91 -10.13 -4.75 0.64
CA VAL A 91 -10.96 -5.41 1.67
C VAL A 91 -12.42 -5.51 1.25
N GLY A 92 -12.93 -4.50 0.51
CA GLY A 92 -14.29 -4.43 -0.04
C GLY A 92 -14.47 -5.04 -1.45
N SER A 93 -13.45 -5.73 -1.97
CA SER A 93 -13.53 -6.50 -3.23
C SER A 93 -14.26 -7.84 -3.04
N VAL A 94 -14.54 -8.53 -4.15
CA VAL A 94 -15.00 -9.95 -4.25
C VAL A 94 -16.23 -10.36 -3.44
N GLN A 95 -17.01 -9.40 -2.96
CA GLN A 95 -18.21 -9.56 -2.13
C GLN A 95 -18.04 -10.35 -0.81
N ILE A 96 -19.13 -10.47 -0.05
CA ILE A 96 -19.25 -11.17 1.25
C ILE A 96 -18.38 -10.50 2.33
N PRO A 97 -18.82 -9.35 2.91
CA PRO A 97 -18.06 -8.62 3.93
C PRO A 97 -18.28 -9.15 5.35
N VAL A 98 -19.19 -10.11 5.55
CA VAL A 98 -19.50 -10.81 6.82
C VAL A 98 -19.87 -9.84 7.96
N VAL A 99 -21.03 -9.20 7.84
CA VAL A 99 -21.61 -8.18 8.76
C VAL A 99 -23.00 -8.59 9.28
N GLU A 100 -23.16 -9.90 9.50
CA GLU A 100 -24.40 -10.67 9.73
C GLU A 100 -25.46 -10.57 8.60
N VAL A 101 -25.95 -9.38 8.28
CA VAL A 101 -27.15 -9.21 7.42
C VAL A 101 -27.12 -8.02 6.44
N ASP A 102 -26.29 -7.00 6.69
CA ASP A 102 -26.56 -5.64 6.19
C ASP A 102 -25.90 -5.24 4.85
N GLU A 103 -24.86 -5.98 4.44
CA GLU A 103 -24.19 -5.87 3.14
C GLU A 103 -23.77 -7.28 2.70
N LEU A 104 -24.33 -7.80 1.61
CA LEU A 104 -24.15 -9.18 1.13
C LEU A 104 -24.48 -9.32 -0.38
N PRO A 105 -23.91 -10.31 -1.09
CA PRO A 105 -24.44 -10.72 -2.40
C PRO A 105 -25.84 -11.36 -2.26
N GLU A 106 -26.61 -11.37 -3.36
CA GLU A 106 -28.01 -11.80 -3.33
C GLU A 106 -28.19 -13.30 -3.05
N GLY A 107 -29.20 -13.65 -2.24
CA GLY A 107 -29.52 -15.03 -1.82
C GLY A 107 -28.65 -15.60 -0.70
N TYR A 108 -27.66 -14.87 -0.20
CA TYR A 108 -26.72 -15.35 0.83
C TYR A 108 -27.38 -15.48 2.22
N ASP A 109 -28.06 -14.43 2.69
CA ASP A 109 -28.89 -14.44 3.93
C ASP A 109 -29.98 -13.34 3.91
N ARG A 110 -29.57 -12.08 3.71
CA ARG A 110 -30.41 -10.87 3.80
C ARG A 110 -29.83 -9.70 2.99
N SER A 111 -30.49 -8.54 3.02
CA SER A 111 -30.29 -7.39 2.10
C SER A 111 -30.60 -7.74 0.65
N MET B 1 9.77 4.14 -9.20
CA MET B 1 8.76 3.66 -8.24
C MET B 1 7.46 3.38 -8.99
N GLU B 2 7.00 2.12 -9.05
CA GLU B 2 5.77 1.77 -9.77
C GLU B 2 4.80 0.99 -8.87
N GLU B 3 5.18 -0.22 -8.44
CA GLU B 3 4.36 -1.21 -7.71
C GLU B 3 2.96 -1.42 -8.34
N VAL B 4 2.85 -2.36 -9.29
CA VAL B 4 1.66 -2.55 -10.15
C VAL B 4 0.52 -3.34 -9.48
N ASP B 5 0.13 -2.86 -8.29
CA ASP B 5 -1.06 -3.20 -7.48
C ASP B 5 -1.37 -4.70 -7.30
N MET A 1 20.22 4.86 -5.80
CA MET A 1 20.98 3.66 -6.24
C MET A 1 20.00 2.54 -6.60
N SER A 2 20.30 1.77 -7.66
CA SER A 2 19.28 1.05 -8.42
C SER A 2 18.66 -0.17 -7.73
N GLN A 3 19.38 -0.87 -6.84
CA GLN A 3 18.87 -2.09 -6.20
C GLN A 3 17.75 -1.81 -5.18
N PHE A 4 17.69 -0.60 -4.60
CA PHE A 4 16.58 -0.12 -3.77
C PHE A 4 15.28 0.08 -4.58
N GLU A 5 15.39 0.52 -5.84
CA GLU A 5 14.23 0.73 -6.73
C GLU A 5 13.84 -0.50 -7.56
N LYS A 6 14.72 -1.51 -7.65
CA LYS A 6 14.40 -2.88 -8.12
C LYS A 6 13.76 -3.75 -7.02
N GLN A 7 14.07 -3.49 -5.75
CA GLN A 7 13.52 -4.18 -4.58
C GLN A 7 11.99 -3.99 -4.44
N LYS A 8 11.49 -2.75 -4.48
CA LYS A 8 10.06 -2.43 -4.32
C LYS A 8 9.15 -3.09 -5.38
N GLU A 9 9.65 -3.32 -6.59
CA GLU A 9 8.92 -4.11 -7.59
C GLU A 9 8.86 -5.59 -7.18
N GLN A 10 10.01 -6.17 -6.84
CA GLN A 10 10.13 -7.58 -6.41
C GLN A 10 9.25 -7.87 -5.19
N GLY A 11 9.14 -6.92 -4.24
CA GLY A 11 8.26 -7.00 -3.08
C GLY A 11 6.76 -7.05 -3.40
N ASN A 12 6.33 -6.73 -4.62
CA ASN A 12 4.97 -6.99 -5.11
C ASN A 12 4.91 -8.32 -5.86
N SER A 13 5.85 -8.57 -6.76
CA SER A 13 5.95 -9.84 -7.50
C SER A 13 5.96 -11.07 -6.59
N LEU A 14 6.72 -11.05 -5.49
CA LEU A 14 6.80 -12.15 -4.52
C LEU A 14 5.44 -12.49 -3.90
N PHE A 15 4.59 -11.50 -3.60
CA PHE A 15 3.22 -11.75 -3.13
C PHE A 15 2.39 -12.51 -4.18
N LYS A 16 2.55 -12.21 -5.46
CA LYS A 16 1.86 -12.90 -6.57
C LYS A 16 2.33 -14.35 -6.82
N GLN A 17 3.42 -14.77 -6.19
CA GLN A 17 3.85 -16.18 -6.07
C GLN A 17 3.56 -16.80 -4.68
N GLY A 18 3.00 -16.05 -3.73
CA GLY A 18 2.70 -16.54 -2.38
C GLY A 18 3.86 -16.42 -1.38
N LEU A 19 4.98 -15.80 -1.78
CA LEU A 19 6.20 -15.64 -0.98
C LEU A 19 6.08 -14.42 -0.06
N TYR A 20 5.00 -14.37 0.72
CA TYR A 20 4.65 -13.25 1.60
C TYR A 20 5.77 -12.93 2.61
N ARG A 21 6.43 -13.96 3.18
CA ARG A 21 7.49 -13.77 4.18
C ARG A 21 8.78 -13.24 3.54
N GLU A 22 9.16 -13.71 2.35
CA GLU A 22 10.31 -13.15 1.61
C GLU A 22 9.99 -11.74 1.08
N ALA A 23 8.74 -11.45 0.72
CA ALA A 23 8.35 -10.10 0.35
C ALA A 23 8.46 -9.12 1.52
N VAL A 24 7.99 -9.51 2.71
CA VAL A 24 8.20 -8.76 3.96
C VAL A 24 9.68 -8.55 4.24
N HIS A 25 10.53 -9.57 4.04
CA HIS A 25 11.99 -9.45 4.16
C HIS A 25 12.58 -8.38 3.20
N CYS A 26 12.15 -8.37 1.93
CA CYS A 26 12.58 -7.41 0.92
C CYS A 26 12.18 -5.97 1.27
N TYR A 27 10.96 -5.76 1.78
CA TYR A 27 10.56 -4.44 2.28
C TYR A 27 11.33 -4.04 3.54
N ASP A 28 11.64 -4.99 4.44
CA ASP A 28 12.47 -4.73 5.62
C ASP A 28 13.90 -4.33 5.27
N GLN A 29 14.45 -4.77 4.13
CA GLN A 29 15.79 -4.35 3.70
C GLN A 29 15.84 -2.86 3.30
N LEU A 30 14.73 -2.28 2.81
CA LEU A 30 14.59 -0.83 2.62
C LEU A 30 14.68 -0.09 3.96
N ILE A 31 13.93 -0.57 4.97
CA ILE A 31 13.86 0.03 6.32
C ILE A 31 15.16 -0.23 7.12
N THR A 32 15.90 -1.28 6.77
CA THR A 32 17.24 -1.57 7.32
C THR A 32 18.28 -0.55 6.85
N ALA A 33 18.13 0.02 5.65
CA ALA A 33 18.92 1.17 5.20
C ALA A 33 18.32 2.53 5.66
N GLN A 34 16.99 2.61 5.75
CA GLN A 34 16.23 3.86 5.96
C GLN A 34 15.18 3.73 7.07
N PRO A 35 15.54 3.78 8.37
CA PRO A 35 14.56 3.76 9.45
C PRO A 35 13.66 5.00 9.53
N GLN A 36 14.03 6.12 8.89
CA GLN A 36 13.38 7.43 9.02
C GLN A 36 12.69 7.88 7.71
N ASN A 37 13.13 7.45 6.53
CA ASN A 37 12.47 7.83 5.26
C ASN A 37 11.08 7.15 5.12
N PRO A 38 9.98 7.89 4.85
CA PRO A 38 8.64 7.31 4.78
C PRO A 38 8.41 6.36 3.59
N VAL A 39 9.36 6.27 2.66
CA VAL A 39 9.37 5.28 1.57
C VAL A 39 9.27 3.84 2.10
N GLY A 40 9.95 3.52 3.21
CA GLY A 40 9.96 2.17 3.76
C GLY A 40 8.63 1.79 4.41
N TYR A 41 8.07 2.70 5.22
CA TYR A 41 6.77 2.49 5.87
C TYR A 41 5.61 2.42 4.86
N SER A 42 5.64 3.25 3.81
CA SER A 42 4.66 3.19 2.72
C SER A 42 4.82 1.95 1.82
N ASN A 43 5.98 1.28 1.85
CA ASN A 43 6.19 -0.03 1.23
C ASN A 43 5.74 -1.18 2.15
N LYS A 44 5.99 -1.12 3.46
CA LYS A 44 5.40 -2.06 4.44
C LYS A 44 3.86 -2.04 4.41
N ALA A 45 3.25 -0.88 4.21
CA ALA A 45 1.80 -0.76 3.99
C ALA A 45 1.31 -1.45 2.69
N MET A 46 2.15 -1.55 1.64
CA MET A 46 1.84 -2.32 0.42
C MET A 46 1.76 -3.82 0.72
N ALA A 47 2.69 -4.34 1.53
CA ALA A 47 2.67 -5.74 1.97
C ALA A 47 1.38 -6.08 2.72
N LEU A 48 0.96 -5.23 3.67
CA LEU A 48 -0.26 -5.46 4.46
C LEU A 48 -1.51 -5.57 3.58
N ILE A 49 -1.67 -4.72 2.55
CA ILE A 49 -2.81 -4.82 1.62
C ILE A 49 -2.68 -6.00 0.64
N LYS A 50 -1.47 -6.43 0.26
CA LYS A 50 -1.24 -7.61 -0.60
C LYS A 50 -1.28 -8.96 0.16
N LEU A 51 -1.21 -8.95 1.49
CA LEU A 51 -1.47 -10.10 2.39
C LEU A 51 -2.96 -10.22 2.75
N GLY A 52 -3.70 -9.11 2.66
CA GLY A 52 -5.13 -9.03 3.01
C GLY A 52 -5.40 -8.62 4.46
N GLU A 53 -4.43 -7.96 5.13
CA GLU A 53 -4.58 -7.38 6.47
C GLU A 53 -4.82 -5.86 6.39
N TYR A 54 -5.83 -5.51 5.59
CA TYR A 54 -6.26 -4.12 5.33
C TYR A 54 -6.49 -3.32 6.61
N THR A 55 -7.05 -3.96 7.64
CA THR A 55 -7.35 -3.39 8.95
C THR A 55 -6.09 -3.06 9.78
N GLN A 56 -4.91 -3.58 9.39
CA GLN A 56 -3.62 -3.10 9.90
C GLN A 56 -3.05 -1.98 9.01
N ALA A 57 -3.29 -2.04 7.69
CA ALA A 57 -2.82 -1.05 6.73
C ALA A 57 -3.47 0.34 6.92
N ILE A 58 -4.74 0.41 7.32
CA ILE A 58 -5.44 1.69 7.58
C ILE A 58 -4.81 2.50 8.73
N GLN A 59 -4.32 1.82 9.78
CA GLN A 59 -3.52 2.46 10.85
C GLN A 59 -2.15 2.93 10.31
N MET A 60 -1.49 2.11 9.48
CA MET A 60 -0.13 2.37 9.00
C MET A 60 -0.07 3.45 7.91
N CYS A 61 -1.12 3.61 7.10
CA CYS A 61 -1.18 4.70 6.12
C CYS A 61 -1.39 6.06 6.82
N GLN A 62 -2.21 6.13 7.88
CA GLN A 62 -2.27 7.32 8.74
C GLN A 62 -0.90 7.61 9.39
N GLN A 63 -0.21 6.58 9.90
CA GLN A 63 1.14 6.72 10.45
C GLN A 63 2.14 7.28 9.43
N GLY A 64 2.04 6.96 8.14
CA GLY A 64 2.91 7.56 7.12
C GLY A 64 2.47 8.95 6.65
N LEU A 65 1.18 9.31 6.71
CA LEU A 65 0.71 10.68 6.44
C LEU A 65 1.34 11.71 7.39
N ARG A 66 1.63 11.34 8.65
CA ARG A 66 2.32 12.21 9.63
C ARG A 66 3.74 12.64 9.21
N TYR A 67 4.35 11.96 8.24
CA TYR A 67 5.65 12.31 7.68
C TYR A 67 5.55 13.35 6.53
N THR A 68 4.34 13.79 6.14
CA THR A 68 4.10 14.46 4.85
C THR A 68 3.88 15.98 4.91
N SER A 69 4.34 16.66 5.96
CA SER A 69 4.12 18.09 6.19
C SER A 69 4.80 19.01 5.17
N THR A 70 5.96 18.64 4.64
CA THR A 70 6.77 19.49 3.73
C THR A 70 6.70 19.06 2.26
N ALA A 71 7.16 19.91 1.34
CA ALA A 71 7.18 19.65 -0.09
C ALA A 71 8.09 18.47 -0.49
N GLU A 72 9.10 18.11 0.33
CA GLU A 72 9.95 16.92 0.09
C GLU A 72 9.15 15.60 0.08
N HIS A 73 7.97 15.60 0.72
CA HIS A 73 7.15 14.42 1.00
C HIS A 73 5.71 14.55 0.44
N VAL A 74 5.48 15.48 -0.50
CA VAL A 74 4.15 15.71 -1.10
C VAL A 74 3.69 14.56 -2.01
N ALA A 75 4.62 13.81 -2.61
CA ALA A 75 4.31 12.58 -3.35
C ALA A 75 3.96 11.44 -2.37
N ILE A 76 4.67 11.37 -1.23
CA ILE A 76 4.37 10.43 -0.13
C ILE A 76 2.94 10.64 0.41
N ARG A 77 2.41 11.86 0.36
CA ARG A 77 1.01 12.17 0.74
C ARG A 77 -0.02 11.50 -0.18
N SER A 78 0.25 11.44 -1.48
CA SER A 78 -0.47 10.62 -2.47
C SER A 78 -0.23 9.13 -2.26
N LYS A 79 1.00 8.71 -1.98
CA LYS A 79 1.35 7.30 -1.70
C LYS A 79 0.50 6.72 -0.57
N LEU A 80 0.43 7.34 0.62
CA LEU A 80 -0.37 6.78 1.72
C LEU A 80 -1.89 6.96 1.53
N GLN A 81 -2.39 8.01 0.87
CA GLN A 81 -3.84 8.14 0.64
C GLN A 81 -4.36 7.21 -0.46
N TYR A 82 -3.62 6.94 -1.55
CA TYR A 82 -4.07 5.92 -2.50
C TYR A 82 -4.02 4.51 -1.88
N ARG A 83 -3.00 4.18 -1.06
CA ARG A 83 -2.96 2.91 -0.30
C ARG A 83 -4.20 2.75 0.59
N LEU A 84 -4.72 3.83 1.19
CA LEU A 84 -5.94 3.81 2.01
C LEU A 84 -7.23 3.67 1.17
N GLU A 85 -7.31 4.37 0.04
CA GLU A 85 -8.44 4.26 -0.91
C GLU A 85 -8.50 2.90 -1.62
N LEU A 86 -7.36 2.18 -1.72
CA LEU A 86 -7.27 0.81 -2.26
C LEU A 86 -7.25 -0.27 -1.19
N ALA A 87 -6.92 0.01 0.08
CA ALA A 87 -7.23 -0.90 1.18
C ALA A 87 -8.76 -1.12 1.26
N GLN A 88 -9.51 -0.01 1.24
CA GLN A 88 -10.97 -0.02 1.11
C GLN A 88 -11.45 -0.59 -0.24
N GLY A 89 -10.63 -0.48 -1.29
CA GLY A 89 -10.95 -0.95 -2.64
C GLY A 89 -10.77 -2.46 -2.88
N ALA A 90 -9.78 -3.08 -2.24
CA ALA A 90 -9.45 -4.50 -2.36
C ALA A 90 -10.12 -5.35 -1.27
N VAL A 91 -10.45 -4.80 -0.09
CA VAL A 91 -11.27 -5.51 0.91
C VAL A 91 -12.71 -5.69 0.43
N GLY A 92 -13.27 -4.73 -0.32
CA GLY A 92 -14.63 -4.76 -0.85
C GLY A 92 -15.17 -3.35 -1.11
N SER A 93 -15.15 -2.92 -2.37
CA SER A 93 -15.45 -1.56 -2.80
C SER A 93 -16.90 -1.15 -2.50
N VAL A 94 -17.06 0.10 -2.06
CA VAL A 94 -18.36 0.75 -1.76
C VAL A 94 -18.57 2.07 -2.51
N GLN A 95 -17.62 2.43 -3.39
CA GLN A 95 -17.62 3.65 -4.20
C GLN A 95 -17.51 3.36 -5.71
N ILE A 96 -17.76 4.40 -6.52
CA ILE A 96 -17.84 4.38 -7.99
C ILE A 96 -18.88 3.34 -8.49
N PRO A 97 -20.17 3.51 -8.14
CA PRO A 97 -21.23 2.60 -8.58
C PRO A 97 -21.71 2.87 -10.02
N VAL A 98 -21.41 4.06 -10.57
CA VAL A 98 -21.75 4.49 -11.94
C VAL A 98 -23.24 4.32 -12.29
N VAL A 99 -24.11 4.98 -11.51
CA VAL A 99 -25.59 4.99 -11.63
C VAL A 99 -26.15 6.40 -11.34
N GLU A 100 -27.43 6.53 -10.97
CA GLU A 100 -28.03 7.80 -10.53
C GLU A 100 -27.58 8.21 -9.13
N VAL A 101 -27.81 9.48 -8.80
CA VAL A 101 -27.21 10.15 -7.64
C VAL A 101 -27.79 9.71 -6.29
N ASP A 102 -26.90 9.57 -5.30
CA ASP A 102 -27.19 9.34 -3.88
C ASP A 102 -26.06 9.92 -3.02
N GLU A 103 -24.81 9.49 -3.29
CA GLU A 103 -23.56 10.05 -2.75
C GLU A 103 -22.45 10.09 -3.82
N LEU A 104 -22.02 8.93 -4.33
CA LEU A 104 -21.14 8.74 -5.51
C LEU A 104 -19.73 9.38 -5.39
N PRO A 105 -18.78 9.11 -6.31
CA PRO A 105 -17.50 9.81 -6.35
C PRO A 105 -17.66 11.32 -6.56
N GLU A 106 -16.65 12.09 -6.16
CA GLU A 106 -16.74 13.57 -6.11
C GLU A 106 -17.02 14.19 -7.49
N GLY A 107 -18.00 15.09 -7.55
CA GLY A 107 -18.41 15.81 -8.76
C GLY A 107 -19.12 14.97 -9.82
N TYR A 108 -19.48 13.70 -9.56
CA TYR A 108 -20.14 12.84 -10.55
C TYR A 108 -21.52 13.39 -10.96
N ASP A 109 -22.37 13.69 -9.99
CA ASP A 109 -23.64 14.43 -10.15
C ASP A 109 -24.06 15.05 -8.81
N ARG A 110 -24.82 16.15 -8.85
CA ARG A 110 -25.37 16.82 -7.65
C ARG A 110 -26.89 17.01 -7.75
N SER A 111 -27.57 16.80 -6.62
CA SER A 111 -28.97 17.14 -6.34
C SER A 111 -29.12 18.33 -5.39
N MET B 1 12.31 0.22 -10.71
CA MET B 1 11.78 1.54 -10.37
C MET B 1 10.31 1.54 -9.93
N GLU B 2 9.46 0.62 -10.39
CA GLU B 2 8.00 0.80 -10.35
C GLU B 2 7.25 -0.07 -9.33
N GLU B 3 6.01 0.33 -9.01
CA GLU B 3 5.07 -0.50 -8.24
C GLU B 3 4.07 -1.21 -9.17
N VAL B 4 3.70 -2.45 -8.82
CA VAL B 4 2.70 -3.27 -9.54
C VAL B 4 1.60 -3.64 -8.56
N ASP B 5 0.44 -2.99 -8.68
CA ASP B 5 -0.61 -2.93 -7.64
C ASP B 5 -1.69 -4.01 -7.76
N MET A 1 18.03 4.89 -6.49
CA MET A 1 18.56 3.61 -5.99
C MET A 1 17.92 2.46 -6.75
N SER A 2 18.47 2.08 -7.90
CA SER A 2 17.83 1.12 -8.83
C SER A 2 17.50 -0.25 -8.21
N GLN A 3 18.31 -0.76 -7.27
CA GLN A 3 18.00 -2.01 -6.57
C GLN A 3 16.91 -1.84 -5.50
N PHE A 4 16.65 -0.63 -5.01
CA PHE A 4 15.51 -0.35 -4.12
C PHE A 4 14.17 -0.24 -4.87
N GLU A 5 14.19 -0.03 -6.19
CA GLU A 5 13.03 -0.28 -7.06
C GLU A 5 12.85 -1.78 -7.25
N LYS A 6 13.96 -2.46 -7.54
CA LYS A 6 13.99 -3.91 -7.70
C LYS A 6 13.46 -4.64 -6.48
N GLN A 7 13.80 -4.24 -5.26
CA GLN A 7 13.36 -4.92 -4.04
C GLN A 7 11.86 -4.68 -3.72
N LYS A 8 11.25 -3.57 -4.19
CA LYS A 8 9.78 -3.38 -4.12
C LYS A 8 9.02 -4.18 -5.19
N GLU A 9 9.55 -4.25 -6.41
CA GLU A 9 9.03 -5.15 -7.48
C GLU A 9 9.20 -6.63 -7.13
N GLN A 10 10.34 -7.01 -6.54
CA GLN A 10 10.65 -8.36 -6.07
C GLN A 10 9.67 -8.83 -5.00
N GLY A 11 9.39 -8.02 -3.97
CA GLY A 11 8.40 -8.41 -2.95
C GLY A 11 6.98 -8.54 -3.51
N ASN A 12 6.54 -7.65 -4.43
CA ASN A 12 5.25 -7.80 -5.11
C ASN A 12 5.20 -9.12 -5.94
N SER A 13 6.28 -9.44 -6.64
CA SER A 13 6.45 -10.69 -7.38
C SER A 13 6.39 -11.91 -6.45
N LEU A 14 7.05 -11.86 -5.29
CA LEU A 14 7.05 -12.92 -4.27
C LEU A 14 5.64 -13.11 -3.65
N PHE A 15 4.88 -12.03 -3.40
CA PHE A 15 3.46 -12.13 -3.00
C PHE A 15 2.60 -12.86 -4.05
N LYS A 16 2.89 -12.68 -5.34
CA LYS A 16 2.22 -13.39 -6.45
C LYS A 16 2.52 -14.90 -6.52
N GLN A 17 3.62 -15.37 -5.90
CA GLN A 17 3.92 -16.81 -5.72
C GLN A 17 3.58 -17.33 -4.31
N GLY A 18 3.01 -16.51 -3.44
CA GLY A 18 2.69 -16.92 -2.07
C GLY A 18 3.89 -16.95 -1.10
N LEU A 19 5.03 -16.36 -1.48
CA LEU A 19 6.27 -16.30 -0.71
C LEU A 19 6.25 -15.07 0.22
N TYR A 20 5.22 -15.01 1.05
CA TYR A 20 4.92 -13.86 1.92
C TYR A 20 6.07 -13.52 2.87
N ARG A 21 6.78 -14.52 3.44
CA ARG A 21 7.87 -14.26 4.39
C ARG A 21 9.07 -13.66 3.69
N GLU A 22 9.37 -14.14 2.47
CA GLU A 22 10.41 -13.56 1.61
C GLU A 22 10.04 -12.13 1.18
N ALA A 23 8.77 -11.93 0.80
CA ALA A 23 8.27 -10.66 0.31
C ALA A 23 8.30 -9.55 1.38
N VAL A 24 7.81 -9.87 2.60
CA VAL A 24 7.89 -8.98 3.76
C VAL A 24 9.35 -8.67 4.10
N HIS A 25 10.27 -9.65 3.98
CA HIS A 25 11.69 -9.42 4.25
C HIS A 25 12.31 -8.35 3.34
N CYS A 26 12.00 -8.37 2.04
CA CYS A 26 12.49 -7.38 1.06
C CYS A 26 11.99 -5.96 1.36
N TYR A 27 10.77 -5.85 1.86
CA TYR A 27 10.13 -4.58 2.23
C TYR A 27 10.59 -4.07 3.60
N ASP A 28 10.86 -4.95 4.57
CA ASP A 28 11.53 -4.58 5.82
C ASP A 28 12.95 -4.06 5.55
N GLN A 29 13.67 -4.60 4.54
CA GLN A 29 15.00 -4.09 4.17
C GLN A 29 14.97 -2.72 3.48
N LEU A 30 13.83 -2.25 2.95
CA LEU A 30 13.65 -0.81 2.65
C LEU A 30 13.80 0.03 3.93
N ILE A 31 13.15 -0.40 5.01
CA ILE A 31 13.14 0.30 6.31
C ILE A 31 14.45 0.09 7.07
N THR A 32 15.14 -1.04 6.93
CA THR A 32 16.46 -1.29 7.53
C THR A 32 17.50 -0.32 6.98
N ALA A 33 17.48 -0.06 5.67
CA ALA A 33 18.33 0.95 5.03
C ALA A 33 17.89 2.39 5.31
N GLN A 34 16.58 2.65 5.51
CA GLN A 34 15.99 3.99 5.52
C GLN A 34 14.93 4.18 6.65
N PRO A 35 15.29 4.09 7.95
CA PRO A 35 14.30 3.96 9.03
C PRO A 35 13.32 5.12 9.21
N GLN A 36 13.73 6.34 8.84
CA GLN A 36 12.93 7.57 9.01
C GLN A 36 12.27 8.05 7.71
N ASN A 37 12.48 7.37 6.57
CA ASN A 37 11.93 7.78 5.28
C ASN A 37 10.48 7.28 5.08
N PRO A 38 9.50 8.16 4.82
CA PRO A 38 8.13 7.76 4.52
C PRO A 38 7.97 6.77 3.35
N VAL A 39 8.93 6.72 2.41
CA VAL A 39 8.96 5.73 1.31
C VAL A 39 8.91 4.28 1.82
N GLY A 40 9.59 3.94 2.91
CA GLY A 40 9.62 2.57 3.45
C GLY A 40 8.26 2.15 4.01
N TYR A 41 7.63 3.03 4.81
CA TYR A 41 6.27 2.87 5.32
C TYR A 41 5.22 2.83 4.20
N SER A 42 5.37 3.68 3.18
CA SER A 42 4.51 3.69 1.98
C SER A 42 4.54 2.37 1.22
N ASN A 43 5.69 1.70 1.22
CA ASN A 43 5.86 0.39 0.62
C ASN A 43 5.38 -0.72 1.57
N LYS A 44 5.68 -0.71 2.88
CA LYS A 44 5.17 -1.73 3.81
C LYS A 44 3.63 -1.76 3.87
N ALA A 45 2.97 -0.61 3.75
CA ALA A 45 1.52 -0.55 3.56
C ALA A 45 1.05 -1.21 2.23
N MET A 46 1.85 -1.12 1.15
CA MET A 46 1.61 -1.83 -0.12
C MET A 46 1.73 -3.35 0.05
N ALA A 47 2.76 -3.83 0.74
CA ALA A 47 2.96 -5.24 1.08
C ALA A 47 1.77 -5.81 1.88
N LEU A 48 1.30 -5.09 2.91
CA LEU A 48 0.17 -5.51 3.74
C LEU A 48 -1.13 -5.68 2.94
N ILE A 49 -1.38 -4.85 1.92
CA ILE A 49 -2.54 -5.03 1.00
C ILE A 49 -2.28 -6.01 -0.16
N LYS A 50 -1.02 -6.34 -0.48
CA LYS A 50 -0.62 -7.41 -1.42
C LYS A 50 -0.71 -8.80 -0.76
N LEU A 51 -0.67 -8.86 0.56
CA LEU A 51 -0.89 -10.06 1.38
C LEU A 51 -2.39 -10.20 1.69
N GLY A 52 -2.96 -9.22 2.41
CA GLY A 52 -4.37 -9.19 2.78
C GLY A 52 -4.69 -8.75 4.23
N GLU A 53 -3.75 -8.14 4.94
CA GLU A 53 -3.94 -7.60 6.30
C GLU A 53 -4.27 -6.10 6.22
N TYR A 54 -5.37 -5.79 5.52
CA TYR A 54 -5.78 -4.43 5.19
C TYR A 54 -6.02 -3.53 6.43
N THR A 55 -6.43 -4.10 7.57
CA THR A 55 -6.58 -3.38 8.84
C THR A 55 -5.23 -2.98 9.44
N GLN A 56 -4.12 -3.64 9.06
CA GLN A 56 -2.77 -3.13 9.36
C GLN A 56 -2.35 -2.01 8.40
N ALA A 57 -2.77 -2.08 7.14
CA ALA A 57 -2.41 -1.11 6.11
C ALA A 57 -3.08 0.27 6.31
N ILE A 58 -4.38 0.33 6.59
CA ILE A 58 -5.10 1.60 6.85
C ILE A 58 -4.50 2.37 8.03
N GLN A 59 -4.13 1.66 9.10
CA GLN A 59 -3.42 2.19 10.26
C GLN A 59 -2.03 2.72 9.86
N MET A 60 -1.26 1.92 9.12
CA MET A 60 0.09 2.28 8.69
C MET A 60 0.12 3.46 7.70
N CYS A 61 -0.94 3.66 6.90
CA CYS A 61 -1.08 4.85 6.06
C CYS A 61 -1.21 6.12 6.91
N GLN A 62 -2.06 6.11 7.93
CA GLN A 62 -2.23 7.24 8.85
C GLN A 62 -0.98 7.47 9.71
N GLN A 63 -0.29 6.41 10.13
CA GLN A 63 1.06 6.49 10.71
C GLN A 63 2.08 7.13 9.74
N GLY A 64 2.00 6.88 8.43
CA GLY A 64 2.90 7.50 7.44
C GLY A 64 2.63 8.98 7.18
N LEU A 65 1.40 9.47 7.34
CA LEU A 65 1.09 10.90 7.20
C LEU A 65 1.81 11.77 8.26
N ARG A 66 2.14 11.19 9.42
CA ARG A 66 2.98 11.82 10.47
C ARG A 66 4.39 12.22 10.02
N TYR A 67 4.87 11.69 8.88
CA TYR A 67 6.21 11.90 8.32
C TYR A 67 6.28 13.02 7.25
N THR A 68 5.22 13.86 7.12
CA THR A 68 4.99 14.74 5.96
C THR A 68 4.89 16.24 6.34
N SER A 69 3.82 16.96 5.97
CA SER A 69 3.58 18.41 6.22
C SER A 69 4.67 19.38 5.70
N THR A 70 5.41 19.02 4.64
CA THR A 70 6.40 19.91 4.00
C THR A 70 6.55 19.63 2.49
N ALA A 71 6.98 20.63 1.72
CA ALA A 71 6.94 20.66 0.25
C ALA A 71 7.74 19.54 -0.45
N GLU A 72 8.80 19.01 0.17
CA GLU A 72 9.63 17.93 -0.38
C GLU A 72 9.02 16.51 -0.27
N HIS A 73 7.89 16.37 0.42
CA HIS A 73 7.24 15.09 0.74
C HIS A 73 5.78 15.00 0.26
N VAL A 74 5.29 15.97 -0.50
CA VAL A 74 3.86 16.03 -0.89
C VAL A 74 3.42 14.87 -1.80
N ALA A 75 4.35 14.27 -2.56
CA ALA A 75 4.07 13.05 -3.32
C ALA A 75 3.96 11.83 -2.38
N ILE A 76 4.85 11.72 -1.39
CA ILE A 76 4.75 10.74 -0.29
C ILE A 76 3.41 10.86 0.46
N ARG A 77 2.93 12.08 0.71
CA ARG A 77 1.65 12.33 1.36
C ARG A 77 0.53 11.69 0.54
N SER A 78 0.52 11.89 -0.78
CA SER A 78 -0.42 11.27 -1.70
C SER A 78 -0.27 9.75 -1.80
N LYS A 79 0.94 9.17 -1.67
CA LYS A 79 1.07 7.71 -1.51
C LYS A 79 0.23 7.20 -0.33
N LEU A 80 0.31 7.83 0.84
CA LEU A 80 -0.49 7.39 2.00
C LEU A 80 -1.98 7.80 1.91
N GLN A 81 -2.34 8.90 1.24
CA GLN A 81 -3.77 9.23 0.96
C GLN A 81 -4.43 8.15 0.09
N TYR A 82 -3.80 7.79 -1.02
CA TYR A 82 -4.37 6.86 -2.00
C TYR A 82 -4.26 5.41 -1.53
N ARG A 83 -3.16 5.02 -0.87
CA ARG A 83 -3.02 3.67 -0.28
C ARG A 83 -4.12 3.38 0.74
N LEU A 84 -4.57 4.38 1.52
CA LEU A 84 -5.73 4.24 2.42
C LEU A 84 -7.03 4.01 1.64
N GLU A 85 -7.27 4.79 0.59
CA GLU A 85 -8.47 4.69 -0.26
C GLU A 85 -8.53 3.43 -1.14
N LEU A 86 -7.38 2.85 -1.50
CA LEU A 86 -7.32 1.59 -2.23
C LEU A 86 -7.27 0.37 -1.30
N ALA A 87 -6.73 0.47 -0.07
CA ALA A 87 -6.79 -0.63 0.90
C ALA A 87 -8.24 -1.03 1.22
N GLN A 88 -9.12 -0.05 1.45
CA GLN A 88 -10.57 -0.26 1.60
C GLN A 88 -11.24 -0.78 0.30
N GLY A 89 -10.61 -0.52 -0.86
CA GLY A 89 -10.94 -1.06 -2.18
C GLY A 89 -10.64 -2.55 -2.33
N ALA A 90 -9.40 -2.98 -2.09
CA ALA A 90 -8.97 -4.38 -2.28
C ALA A 90 -9.59 -5.36 -1.25
N VAL A 91 -9.97 -4.88 -0.06
CA VAL A 91 -10.79 -5.64 0.92
C VAL A 91 -12.30 -5.60 0.60
N GLY A 92 -12.73 -4.78 -0.36
CA GLY A 92 -14.12 -4.67 -0.81
C GLY A 92 -15.06 -3.92 0.15
N SER A 93 -14.54 -3.28 1.19
CA SER A 93 -15.34 -2.57 2.21
C SER A 93 -15.89 -1.22 1.74
N VAL A 94 -15.59 -0.78 0.51
CA VAL A 94 -16.20 0.42 -0.09
C VAL A 94 -17.73 0.28 -0.17
N GLN A 95 -18.43 1.32 0.28
CA GLN A 95 -19.88 1.50 0.15
C GLN A 95 -20.18 2.79 -0.62
N ILE A 96 -21.25 2.76 -1.42
CA ILE A 96 -21.79 3.90 -2.20
C ILE A 96 -20.73 4.46 -3.18
N PRO A 97 -20.46 3.79 -4.32
CA PRO A 97 -19.39 4.20 -5.25
C PRO A 97 -19.79 5.36 -6.19
N VAL A 98 -21.01 5.92 -6.04
CA VAL A 98 -21.55 7.03 -6.84
C VAL A 98 -21.70 6.66 -8.33
N VAL A 99 -22.59 5.71 -8.64
CA VAL A 99 -22.81 5.16 -9.99
C VAL A 99 -24.29 4.87 -10.25
N GLU A 100 -25.01 5.87 -10.76
CA GLU A 100 -26.36 5.87 -11.37
C GLU A 100 -27.52 5.14 -10.64
N VAL A 101 -27.42 3.81 -10.48
CA VAL A 101 -28.40 2.92 -9.82
C VAL A 101 -27.81 1.52 -9.51
N ASP A 102 -26.91 1.00 -10.36
CA ASP A 102 -26.53 -0.42 -10.45
C ASP A 102 -25.66 -0.95 -9.28
N GLU A 103 -24.68 -0.17 -8.82
CA GLU A 103 -23.58 -0.67 -7.97
C GLU A 103 -23.58 -0.05 -6.56
N LEU A 104 -24.75 0.39 -6.09
CA LEU A 104 -24.97 1.01 -4.79
C LEU A 104 -25.65 0.02 -3.82
N PRO A 105 -25.61 0.22 -2.50
CA PRO A 105 -26.19 -0.73 -1.52
C PRO A 105 -27.71 -0.92 -1.63
N GLU A 106 -28.44 0.06 -2.17
CA GLU A 106 -29.85 -0.07 -2.56
C GLU A 106 -30.22 0.78 -3.78
N GLY A 107 -29.82 2.05 -3.82
CA GLY A 107 -30.21 2.97 -4.90
C GLY A 107 -29.87 4.46 -4.71
N TYR A 108 -28.82 4.79 -3.95
CA TYR A 108 -28.53 6.15 -3.44
C TYR A 108 -28.51 7.29 -4.50
N ASP A 109 -28.02 7.02 -5.71
CA ASP A 109 -27.98 7.99 -6.82
C ASP A 109 -29.37 8.29 -7.42
N ARG A 110 -30.29 7.31 -7.38
CA ARG A 110 -31.68 7.33 -7.87
C ARG A 110 -31.87 7.98 -9.25
N SER A 111 -31.51 7.26 -10.31
CA SER A 111 -31.77 7.62 -11.73
C SER A 111 -33.25 7.64 -12.08
N MET B 1 11.70 7.96 -8.41
CA MET B 1 11.27 6.68 -7.78
C MET B 1 10.25 5.97 -8.66
N GLU B 2 10.26 4.63 -8.69
CA GLU B 2 9.28 3.80 -9.42
C GLU B 2 8.34 3.06 -8.43
N GLU B 3 7.22 2.49 -8.89
CA GLU B 3 6.32 1.69 -8.02
C GLU B 3 5.40 0.70 -8.76
N VAL B 4 5.02 -0.37 -8.07
CA VAL B 4 3.96 -1.33 -8.42
C VAL B 4 2.54 -0.77 -8.18
N ASP B 5 1.50 -1.57 -8.49
CA ASP B 5 0.08 -1.18 -8.44
C ASP B 5 -0.86 -2.18 -7.72
N MET A 1 15.51 7.44 -5.78
CA MET A 1 16.74 6.70 -6.15
C MET A 1 16.38 5.31 -6.67
N SER A 2 16.77 5.02 -7.91
CA SER A 2 16.23 3.94 -8.74
C SER A 2 16.56 2.53 -8.22
N GLN A 3 17.77 2.30 -7.71
CA GLN A 3 18.19 0.97 -7.23
C GLN A 3 17.37 0.48 -6.02
N PHE A 4 16.72 1.38 -5.25
CA PHE A 4 15.73 0.99 -4.22
C PHE A 4 14.28 1.04 -4.73
N GLU A 5 13.90 2.04 -5.54
CA GLU A 5 12.54 2.18 -6.12
C GLU A 5 12.17 1.06 -7.11
N LYS A 6 13.15 0.29 -7.62
CA LYS A 6 12.90 -0.99 -8.33
C LYS A 6 12.75 -2.19 -7.40
N GLN A 7 13.46 -2.21 -6.26
CA GLN A 7 13.50 -3.38 -5.36
C GLN A 7 12.17 -3.62 -4.65
N LYS A 8 11.48 -2.53 -4.27
CA LYS A 8 10.12 -2.56 -3.70
C LYS A 8 9.11 -3.24 -4.63
N GLU A 9 9.18 -2.98 -5.93
CA GLU A 9 8.25 -3.55 -6.91
C GLU A 9 8.48 -5.06 -7.09
N GLN A 10 9.74 -5.49 -7.00
CA GLN A 10 10.13 -6.91 -6.92
C GLN A 10 9.60 -7.56 -5.62
N GLY A 11 9.56 -6.82 -4.51
CA GLY A 11 8.92 -7.23 -3.25
C GLY A 11 7.39 -7.37 -3.33
N ASN A 12 6.69 -6.37 -3.89
CA ASN A 12 5.25 -6.46 -4.19
C ASN A 12 4.94 -7.68 -5.09
N SER A 13 5.87 -8.03 -5.99
CA SER A 13 5.81 -9.26 -6.81
C SER A 13 6.07 -10.53 -6.02
N LEU A 14 7.01 -10.57 -5.07
CA LEU A 14 7.23 -11.73 -4.19
C LEU A 14 5.95 -12.09 -3.42
N PHE A 15 5.20 -11.10 -2.90
CA PHE A 15 3.86 -11.37 -2.34
C PHE A 15 2.93 -12.01 -3.37
N LYS A 16 2.96 -11.56 -4.64
CA LYS A 16 2.10 -12.05 -5.72
C LYS A 16 2.34 -13.52 -6.10
N GLN A 17 3.56 -14.05 -5.96
CA GLN A 17 3.88 -15.49 -6.10
C GLN A 17 3.56 -16.32 -4.84
N GLY A 18 3.19 -15.68 -3.73
CA GLY A 18 2.99 -16.33 -2.43
C GLY A 18 4.24 -16.39 -1.54
N LEU A 19 5.34 -15.74 -1.95
CA LEU A 19 6.63 -15.72 -1.24
C LEU A 19 6.62 -14.67 -0.13
N TYR A 20 5.54 -14.61 0.65
CA TYR A 20 5.24 -13.52 1.59
C TYR A 20 6.38 -13.29 2.62
N ARG A 21 7.09 -14.32 3.08
CA ARG A 21 8.18 -14.16 4.07
C ARG A 21 9.46 -13.61 3.44
N GLU A 22 9.76 -14.00 2.21
CA GLU A 22 10.82 -13.37 1.40
C GLU A 22 10.44 -11.96 0.92
N ALA A 23 9.13 -11.67 0.83
CA ALA A 23 8.62 -10.35 0.51
C ALA A 23 8.60 -9.39 1.72
N VAL A 24 8.34 -9.89 2.93
CA VAL A 24 8.54 -9.16 4.20
C VAL A 24 10.03 -8.85 4.41
N HIS A 25 10.93 -9.79 4.09
CA HIS A 25 12.37 -9.54 4.04
C HIS A 25 12.72 -8.36 3.11
N CYS A 26 12.00 -8.19 1.99
CA CYS A 26 12.18 -7.06 1.08
C CYS A 26 11.75 -5.72 1.71
N TYR A 27 10.55 -5.62 2.29
CA TYR A 27 10.14 -4.35 2.93
C TYR A 27 11.07 -3.98 4.10
N ASP A 28 11.58 -4.97 4.84
CA ASP A 28 12.56 -4.78 5.90
C ASP A 28 13.88 -4.19 5.39
N GLN A 29 14.30 -4.45 4.14
CA GLN A 29 15.46 -3.75 3.55
C GLN A 29 15.18 -2.26 3.35
N LEU A 30 13.97 -1.89 2.92
CA LEU A 30 13.61 -0.49 2.68
C LEU A 30 13.65 0.32 3.99
N ILE A 31 13.21 -0.30 5.09
CA ILE A 31 13.22 0.27 6.45
C ILE A 31 14.62 0.17 7.10
N THR A 32 15.50 -0.72 6.63
CA THR A 32 16.92 -0.79 7.06
C THR A 32 17.77 0.30 6.38
N ALA A 33 17.59 0.50 5.06
CA ALA A 33 18.41 1.41 4.26
C ALA A 33 17.86 2.84 4.15
N GLN A 34 16.56 3.06 4.40
CA GLN A 34 15.92 4.38 4.46
C GLN A 34 14.97 4.52 5.70
N PRO A 35 15.49 4.44 6.95
CA PRO A 35 14.67 4.22 8.16
C PRO A 35 13.56 5.22 8.48
N GLN A 36 13.68 6.48 8.05
CA GLN A 36 12.66 7.51 8.28
C GLN A 36 12.03 8.02 6.98
N ASN A 37 12.25 7.33 5.86
CA ASN A 37 11.54 7.62 4.63
C ASN A 37 10.10 7.07 4.69
N PRO A 38 9.08 7.83 4.29
CA PRO A 38 7.69 7.36 4.21
C PRO A 38 7.50 6.10 3.35
N VAL A 39 8.40 5.88 2.39
CA VAL A 39 8.35 4.80 1.40
C VAL A 39 8.24 3.40 2.04
N GLY A 40 9.03 3.11 3.08
CA GLY A 40 9.05 1.79 3.71
C GLY A 40 7.73 1.49 4.41
N TYR A 41 7.11 2.50 5.02
CA TYR A 41 5.78 2.40 5.65
C TYR A 41 4.68 2.22 4.60
N SER A 42 4.78 2.87 3.43
CA SER A 42 3.86 2.64 2.30
C SER A 42 3.96 1.22 1.74
N ASN A 43 5.18 0.68 1.59
CA ASN A 43 5.38 -0.70 1.14
C ASN A 43 5.09 -1.75 2.22
N LYS A 44 5.18 -1.40 3.51
CA LYS A 44 4.70 -2.23 4.63
C LYS A 44 3.17 -2.26 4.72
N ALA A 45 2.48 -1.14 4.45
CA ALA A 45 1.03 -1.13 4.27
C ALA A 45 0.58 -1.97 3.06
N MET A 46 1.35 -1.93 1.96
CA MET A 46 1.16 -2.81 0.80
C MET A 46 1.36 -4.29 1.16
N ALA A 47 2.40 -4.64 1.91
CA ALA A 47 2.61 -5.99 2.43
C ALA A 47 1.43 -6.49 3.28
N LEU A 48 0.88 -5.62 4.14
CA LEU A 48 -0.24 -5.96 5.01
C LEU A 48 -1.54 -6.23 4.23
N ILE A 49 -1.87 -5.45 3.17
CA ILE A 49 -3.03 -5.81 2.32
C ILE A 49 -2.79 -7.07 1.49
N LYS A 50 -1.55 -7.31 1.03
CA LYS A 50 -1.14 -8.54 0.34
C LYS A 50 -0.97 -9.75 1.30
N LEU A 51 -1.31 -9.58 2.58
CA LEU A 51 -1.50 -10.60 3.62
C LEU A 51 -2.91 -10.57 4.27
N GLY A 52 -3.82 -9.72 3.80
CA GLY A 52 -5.22 -9.64 4.25
C GLY A 52 -5.49 -8.85 5.55
N GLU A 53 -4.51 -8.06 6.00
CA GLU A 53 -4.57 -7.23 7.22
C GLU A 53 -4.96 -5.78 6.91
N TYR A 54 -6.02 -5.60 6.10
CA TYR A 54 -6.41 -4.28 5.57
C TYR A 54 -6.73 -3.26 6.67
N THR A 55 -7.33 -3.72 7.78
CA THR A 55 -7.67 -2.88 8.95
C THR A 55 -6.43 -2.30 9.65
N GLN A 56 -5.27 -2.95 9.52
CA GLN A 56 -3.98 -2.37 9.95
C GLN A 56 -3.42 -1.41 8.89
N ALA A 57 -3.52 -1.78 7.61
CA ALA A 57 -2.95 -1.01 6.51
C ALA A 57 -3.57 0.40 6.37
N ILE A 58 -4.88 0.55 6.60
CA ILE A 58 -5.54 1.86 6.61
C ILE A 58 -5.05 2.76 7.75
N GLN A 59 -4.74 2.20 8.92
CA GLN A 59 -4.13 2.92 10.05
C GLN A 59 -2.67 3.26 9.75
N MET A 60 -1.90 2.31 9.21
CA MET A 60 -0.51 2.51 8.80
C MET A 60 -0.36 3.56 7.68
N CYS A 61 -1.35 3.73 6.80
CA CYS A 61 -1.35 4.83 5.84
C CYS A 61 -1.47 6.21 6.53
N GLN A 62 -2.29 6.33 7.57
CA GLN A 62 -2.43 7.57 8.37
C GLN A 62 -1.18 7.86 9.22
N GLN A 63 -0.57 6.83 9.82
CA GLN A 63 0.76 6.91 10.41
C GLN A 63 1.83 7.29 9.37
N GLY A 64 1.71 6.81 8.12
CA GLY A 64 2.60 7.16 7.02
C GLY A 64 2.50 8.62 6.61
N LEU A 65 1.32 9.26 6.74
CA LEU A 65 1.17 10.70 6.50
C LEU A 65 1.98 11.55 7.48
N ARG A 66 2.22 11.07 8.72
CA ARG A 66 3.16 11.70 9.67
C ARG A 66 4.64 11.66 9.23
N TYR A 67 4.96 10.94 8.16
CA TYR A 67 6.26 10.96 7.46
C TYR A 67 6.20 11.78 6.14
N THR A 68 5.12 12.54 5.91
CA THR A 68 4.90 13.35 4.69
C THR A 68 4.57 14.83 4.98
N SER A 69 4.90 15.32 6.18
CA SER A 69 4.60 16.68 6.65
C SER A 69 5.59 17.75 6.16
N THR A 70 6.56 17.38 5.31
CA THR A 70 7.75 18.16 4.95
C THR A 70 8.12 17.97 3.46
N ALA A 71 8.73 18.99 2.84
CA ALA A 71 8.81 19.15 1.38
C ALA A 71 9.41 17.98 0.58
N GLU A 72 10.27 17.15 1.17
CA GLU A 72 10.90 16.01 0.48
C GLU A 72 9.94 14.81 0.26
N HIS A 73 8.73 14.90 0.81
CA HIS A 73 7.77 13.80 0.91
C HIS A 73 6.33 14.18 0.52
N VAL A 74 6.08 15.34 -0.10
CA VAL A 74 4.72 15.82 -0.43
C VAL A 74 4.12 15.24 -1.71
N ALA A 75 4.89 14.52 -2.52
CA ALA A 75 4.32 13.56 -3.48
C ALA A 75 4.03 12.21 -2.79
N ILE A 76 4.88 11.79 -1.84
CA ILE A 76 4.62 10.57 -1.04
C ILE A 76 3.33 10.70 -0.20
N ARG A 77 2.93 11.91 0.19
CA ARG A 77 1.61 12.22 0.78
C ARG A 77 0.46 11.61 -0.03
N SER A 78 0.56 11.64 -1.36
CA SER A 78 -0.35 10.93 -2.27
C SER A 78 -0.04 9.43 -2.40
N LYS A 79 1.23 8.99 -2.37
CA LYS A 79 1.63 7.57 -2.28
C LYS A 79 1.42 6.90 -0.89
N LEU A 80 0.72 7.58 0.04
CA LEU A 80 -0.05 6.94 1.13
C LEU A 80 -1.58 7.08 0.94
N GLN A 81 -2.09 8.17 0.33
CA GLN A 81 -3.55 8.37 0.20
C GLN A 81 -4.21 7.62 -0.97
N TYR A 82 -3.53 7.37 -2.11
CA TYR A 82 -4.03 6.38 -3.08
C TYR A 82 -3.98 4.97 -2.46
N ARG A 83 -2.95 4.69 -1.64
CA ARG A 83 -2.76 3.40 -0.97
C ARG A 83 -3.90 3.10 0.02
N LEU A 84 -4.43 4.11 0.70
CA LEU A 84 -5.63 4.04 1.54
C LEU A 84 -6.90 3.70 0.73
N GLU A 85 -7.11 4.33 -0.43
CA GLU A 85 -8.18 4.01 -1.37
C GLU A 85 -8.06 2.60 -1.97
N LEU A 86 -6.83 2.12 -2.16
CA LEU A 86 -6.50 0.79 -2.69
C LEU A 86 -6.57 -0.31 -1.61
N ALA A 87 -6.33 0.00 -0.33
CA ALA A 87 -6.60 -0.93 0.77
C ALA A 87 -8.12 -1.14 0.95
N GLN A 88 -8.90 -0.04 0.92
CA GLN A 88 -10.37 -0.09 0.78
C GLN A 88 -10.79 -0.83 -0.52
N GLY A 89 -9.92 -0.80 -1.53
CA GLY A 89 -9.96 -1.51 -2.82
C GLY A 89 -9.93 -3.03 -2.65
N ALA A 90 -8.83 -3.54 -2.08
CA ALA A 90 -8.55 -4.97 -1.94
C ALA A 90 -9.47 -5.67 -0.91
N VAL A 91 -9.92 -4.96 0.13
CA VAL A 91 -10.96 -5.48 1.04
C VAL A 91 -12.35 -5.42 0.41
N GLY A 92 -12.58 -4.45 -0.49
CA GLY A 92 -13.76 -4.33 -1.32
C GLY A 92 -13.73 -5.32 -2.49
N SER A 93 -13.54 -4.81 -3.72
CA SER A 93 -13.49 -5.59 -4.95
C SER A 93 -14.78 -6.42 -5.24
N VAL A 94 -15.96 -5.94 -4.83
CA VAL A 94 -17.26 -6.51 -5.24
C VAL A 94 -17.82 -5.72 -6.42
N GLN A 95 -17.98 -6.38 -7.57
CA GLN A 95 -18.41 -5.76 -8.83
C GLN A 95 -19.91 -5.45 -8.85
N ILE A 96 -20.29 -4.38 -9.56
CA ILE A 96 -21.63 -3.75 -9.55
C ILE A 96 -21.94 -3.20 -8.14
N PRO A 97 -21.56 -1.94 -7.84
CA PRO A 97 -21.71 -1.34 -6.52
C PRO A 97 -23.11 -0.74 -6.26
N VAL A 98 -23.97 -0.62 -7.29
CA VAL A 98 -25.37 -0.16 -7.15
C VAL A 98 -25.48 1.24 -6.47
N VAL A 99 -25.06 2.26 -7.20
CA VAL A 99 -25.02 3.67 -6.80
C VAL A 99 -25.52 4.55 -7.95
N GLU A 100 -26.06 5.73 -7.66
CA GLU A 100 -26.81 6.53 -8.66
C GLU A 100 -25.92 6.99 -9.84
N VAL A 101 -24.73 7.51 -9.54
CA VAL A 101 -23.60 7.73 -10.45
C VAL A 101 -22.29 7.52 -9.70
N ASP A 102 -21.30 6.91 -10.33
CA ASP A 102 -19.96 6.63 -9.77
C ASP A 102 -18.99 6.23 -10.91
N GLU A 103 -18.27 5.11 -10.77
CA GLU A 103 -17.41 4.51 -11.81
C GLU A 103 -17.99 3.21 -12.39
N LEU A 104 -18.51 2.31 -11.52
CA LEU A 104 -19.16 1.05 -11.88
C LEU A 104 -18.25 0.12 -12.75
N PRO A 105 -18.69 -1.08 -13.20
CA PRO A 105 -17.93 -1.87 -14.18
C PRO A 105 -17.63 -1.14 -15.50
N GLU A 106 -16.69 -1.64 -16.31
CA GLU A 106 -16.28 -0.96 -17.55
C GLU A 106 -17.44 -0.87 -18.56
N GLY A 107 -17.75 0.34 -19.02
CA GLY A 107 -18.87 0.66 -19.91
C GLY A 107 -20.27 0.69 -19.27
N TYR A 108 -20.39 0.39 -17.97
CA TYR A 108 -21.68 0.17 -17.30
C TYR A 108 -22.52 1.44 -17.12
N ASP A 109 -21.96 2.51 -16.53
CA ASP A 109 -22.58 3.85 -16.49
C ASP A 109 -21.55 5.00 -16.41
N ARG A 110 -21.51 5.79 -17.48
CA ARG A 110 -20.54 6.89 -17.72
C ARG A 110 -21.18 8.30 -17.69
N SER A 111 -22.36 8.43 -17.04
CA SER A 111 -23.35 9.51 -17.23
C SER A 111 -23.84 9.59 -18.68
N MET B 1 1.00 9.66 -7.82
CA MET B 1 2.37 9.13 -7.60
C MET B 1 2.33 7.61 -7.45
N GLU B 2 3.07 6.88 -8.28
CA GLU B 2 2.79 5.46 -8.60
C GLU B 2 3.95 4.46 -8.37
N GLU B 3 3.57 3.19 -8.20
CA GLU B 3 4.42 1.99 -8.30
C GLU B 3 3.56 0.79 -8.78
N VAL B 4 4.15 -0.41 -8.95
CA VAL B 4 3.37 -1.62 -9.32
C VAL B 4 2.78 -2.29 -8.06
N ASP B 5 1.47 -2.10 -7.86
CA ASP B 5 0.65 -2.63 -6.75
C ASP B 5 0.16 -4.08 -6.98
N MET A 1 17.72 5.46 -5.34
CA MET A 1 18.80 4.72 -6.02
C MET A 1 18.25 3.45 -6.67
N SER A 2 18.76 3.07 -7.84
CA SER A 2 18.13 2.12 -8.77
C SER A 2 17.95 0.68 -8.25
N GLN A 3 18.92 0.12 -7.49
CA GLN A 3 18.78 -1.24 -6.95
C GLN A 3 17.63 -1.35 -5.93
N PHE A 4 17.32 -0.28 -5.20
CA PHE A 4 16.19 -0.26 -4.26
C PHE A 4 14.83 -0.14 -4.96
N GLU A 5 14.70 0.66 -6.03
CA GLU A 5 13.41 0.74 -6.75
C GLU A 5 13.16 -0.48 -7.65
N LYS A 6 14.17 -1.35 -7.82
CA LYS A 6 14.03 -2.76 -8.21
C LYS A 6 13.55 -3.62 -7.02
N GLN A 7 14.26 -3.64 -5.90
CA GLN A 7 14.01 -4.62 -4.83
C GLN A 7 12.63 -4.48 -4.16
N LYS A 8 12.13 -3.25 -4.01
CA LYS A 8 10.78 -2.96 -3.45
C LYS A 8 9.62 -3.47 -4.32
N GLU A 9 9.89 -3.74 -5.60
CA GLU A 9 8.93 -4.28 -6.58
C GLU A 9 9.18 -5.76 -6.91
N GLN A 10 10.38 -6.30 -6.70
CA GLN A 10 10.61 -7.76 -6.66
C GLN A 10 9.69 -8.43 -5.63
N GLY A 11 9.42 -7.77 -4.51
CA GLY A 11 8.44 -8.19 -3.51
C GLY A 11 7.01 -8.40 -4.05
N ASN A 12 6.58 -7.67 -5.10
CA ASN A 12 5.27 -7.90 -5.72
C ASN A 12 5.15 -9.32 -6.29
N SER A 13 6.14 -9.75 -7.06
CA SER A 13 6.10 -11.10 -7.64
C SER A 13 6.28 -12.18 -6.56
N LEU A 14 6.99 -11.92 -5.46
CA LEU A 14 7.06 -12.84 -4.32
C LEU A 14 5.69 -13.03 -3.65
N PHE A 15 4.91 -11.95 -3.45
CA PHE A 15 3.51 -12.07 -3.05
C PHE A 15 2.65 -12.85 -4.06
N LYS A 16 2.93 -12.72 -5.37
CA LYS A 16 2.23 -13.46 -6.44
C LYS A 16 2.64 -14.92 -6.64
N GLN A 17 3.83 -15.32 -6.21
CA GLN A 17 4.23 -16.72 -6.04
C GLN A 17 3.66 -17.33 -4.75
N GLY A 18 3.40 -16.49 -3.74
CA GLY A 18 2.88 -16.90 -2.43
C GLY A 18 3.96 -17.04 -1.34
N LEU A 19 5.16 -16.51 -1.60
CA LEU A 19 6.32 -16.47 -0.72
C LEU A 19 6.26 -15.22 0.17
N TYR A 20 5.17 -15.11 0.93
CA TYR A 20 4.85 -13.91 1.71
C TYR A 20 5.96 -13.52 2.70
N ARG A 21 6.64 -14.49 3.32
CA ARG A 21 7.66 -14.19 4.35
C ARG A 21 9.00 -13.77 3.71
N GLU A 22 9.30 -14.25 2.50
CA GLU A 22 10.35 -13.68 1.64
C GLU A 22 9.96 -12.29 1.09
N ALA A 23 8.69 -12.07 0.74
CA ALA A 23 8.19 -10.77 0.27
C ALA A 23 8.21 -9.69 1.37
N VAL A 24 7.99 -10.09 2.62
CA VAL A 24 8.21 -9.25 3.81
C VAL A 24 9.71 -8.99 4.02
N HIS A 25 10.57 -9.99 3.80
CA HIS A 25 12.02 -9.86 3.98
C HIS A 25 12.65 -8.78 3.06
N CYS A 26 12.14 -8.57 1.85
CA CYS A 26 12.59 -7.48 0.98
C CYS A 26 12.10 -6.09 1.41
N TYR A 27 10.88 -5.92 1.96
CA TYR A 27 10.52 -4.63 2.57
C TYR A 27 11.36 -4.35 3.84
N ASP A 28 11.70 -5.39 4.61
CA ASP A 28 12.58 -5.27 5.77
C ASP A 28 13.99 -4.78 5.39
N GLN A 29 14.48 -5.05 4.17
CA GLN A 29 15.76 -4.49 3.70
C GLN A 29 15.71 -2.97 3.50
N LEU A 30 14.56 -2.42 3.07
CA LEU A 30 14.41 -0.96 2.90
C LEU A 30 14.34 -0.30 4.28
N ILE A 31 13.55 -0.87 5.21
CA ILE A 31 13.41 -0.37 6.59
C ILE A 31 14.69 -0.59 7.43
N THR A 32 15.56 -1.53 7.03
CA THR A 32 16.92 -1.66 7.59
C THR A 32 17.81 -0.49 7.19
N ALA A 33 17.72 0.00 5.95
CA ALA A 33 18.56 1.10 5.45
C ALA A 33 17.96 2.51 5.66
N GLN A 34 16.64 2.62 5.70
CA GLN A 34 15.86 3.88 5.68
C GLN A 34 14.78 3.90 6.80
N PRO A 35 15.11 3.81 8.10
CA PRO A 35 14.13 3.62 9.18
C PRO A 35 13.07 4.72 9.32
N GLN A 36 13.41 5.94 8.89
CA GLN A 36 12.62 7.16 9.11
C GLN A 36 11.92 7.63 7.81
N ASN A 37 12.02 6.89 6.70
CA ASN A 37 11.48 7.30 5.40
C ASN A 37 10.05 6.78 5.15
N PRO A 38 9.10 7.64 4.73
CA PRO A 38 7.75 7.21 4.34
C PRO A 38 7.72 6.20 3.17
N VAL A 39 8.75 6.15 2.32
CA VAL A 39 8.89 5.15 1.23
C VAL A 39 8.99 3.70 1.74
N GLY A 40 9.53 3.48 2.95
CA GLY A 40 9.54 2.15 3.58
C GLY A 40 8.13 1.75 4.04
N TYR A 41 7.41 2.70 4.64
CA TYR A 41 6.06 2.48 5.15
C TYR A 41 5.00 2.39 4.03
N SER A 42 5.18 3.07 2.89
CA SER A 42 4.28 2.89 1.73
C SER A 42 4.40 1.49 1.14
N ASN A 43 5.62 0.97 1.02
CA ASN A 43 5.88 -0.38 0.54
C ASN A 43 5.38 -1.44 1.54
N LYS A 44 5.65 -1.26 2.85
CA LYS A 44 5.10 -2.11 3.93
C LYS A 44 3.57 -2.11 3.96
N ALA A 45 2.91 -0.97 3.78
CA ALA A 45 1.45 -0.90 3.66
C ALA A 45 0.92 -1.67 2.44
N MET A 46 1.63 -1.63 1.30
CA MET A 46 1.26 -2.40 0.11
C MET A 46 1.48 -3.91 0.32
N ALA A 47 2.57 -4.31 0.99
CA ALA A 47 2.81 -5.69 1.39
C ALA A 47 1.71 -6.21 2.34
N LEU A 48 1.29 -5.40 3.33
CA LEU A 48 0.21 -5.75 4.25
C LEU A 48 -1.11 -6.01 3.49
N ILE A 49 -1.50 -5.18 2.52
CA ILE A 49 -2.70 -5.49 1.70
C ILE A 49 -2.51 -6.70 0.78
N LYS A 50 -1.28 -6.97 0.30
CA LYS A 50 -0.96 -8.15 -0.50
C LYS A 50 -0.78 -9.46 0.29
N LEU A 51 -0.68 -9.38 1.62
CA LEU A 51 -0.82 -10.50 2.57
C LEU A 51 -2.30 -10.69 2.99
N GLY A 52 -3.08 -9.60 3.00
CA GLY A 52 -4.50 -9.57 3.37
C GLY A 52 -4.79 -8.90 4.74
N GLU A 53 -3.82 -8.16 5.28
CA GLU A 53 -3.84 -7.46 6.57
C GLU A 53 -4.23 -5.98 6.39
N TYR A 54 -5.31 -5.72 5.63
CA TYR A 54 -5.76 -4.37 5.26
C TYR A 54 -6.08 -3.47 6.47
N THR A 55 -6.58 -4.06 7.56
CA THR A 55 -6.79 -3.43 8.87
C THR A 55 -5.51 -2.81 9.44
N GLN A 56 -4.34 -3.38 9.14
CA GLN A 56 -3.04 -2.82 9.53
C GLN A 56 -2.63 -1.68 8.59
N ALA A 57 -2.89 -1.84 7.29
CA ALA A 57 -2.51 -0.88 6.25
C ALA A 57 -3.24 0.48 6.39
N ILE A 58 -4.53 0.49 6.73
CA ILE A 58 -5.28 1.74 6.98
C ILE A 58 -4.77 2.52 8.20
N GLN A 59 -4.24 1.83 9.20
CA GLN A 59 -3.55 2.43 10.35
C GLN A 59 -2.13 2.87 9.99
N MET A 60 -1.42 2.12 9.14
CA MET A 60 -0.11 2.54 8.61
C MET A 60 -0.19 3.77 7.70
N CYS A 61 -1.31 3.95 6.98
CA CYS A 61 -1.58 5.17 6.21
C CYS A 61 -1.67 6.41 7.12
N GLN A 62 -2.35 6.30 8.27
CA GLN A 62 -2.42 7.33 9.31
C GLN A 62 -1.06 7.59 9.98
N GLN A 63 -0.28 6.54 10.25
CA GLN A 63 1.12 6.69 10.67
C GLN A 63 1.99 7.37 9.60
N GLY A 64 1.66 7.26 8.31
CA GLY A 64 2.36 7.97 7.23
C GLY A 64 1.93 9.43 7.03
N LEU A 65 0.74 9.84 7.48
CA LEU A 65 0.33 11.27 7.48
C LEU A 65 1.27 12.14 8.33
N ARG A 66 1.90 11.51 9.34
CA ARG A 66 2.93 12.09 10.23
C ARG A 66 4.21 12.60 9.52
N TYR A 67 4.39 12.29 8.23
CA TYR A 67 5.62 12.48 7.45
C TYR A 67 5.40 13.33 6.18
N THR A 68 4.61 14.41 6.24
CA THR A 68 4.08 15.09 5.04
C THR A 68 4.27 16.62 4.97
N SER A 69 4.66 17.28 6.05
CA SER A 69 4.65 18.75 6.19
C SER A 69 5.85 19.47 5.54
N THR A 70 6.18 19.15 4.29
CA THR A 70 7.27 19.73 3.49
C THR A 70 7.09 19.40 2.01
N ALA A 71 7.61 20.24 1.09
CA ALA A 71 7.65 19.95 -0.35
C ALA A 71 8.54 18.73 -0.70
N GLU A 72 9.33 18.24 0.25
CA GLU A 72 10.01 16.93 0.19
C GLU A 72 9.00 15.77 0.15
N HIS A 73 7.84 15.93 0.78
CA HIS A 73 6.87 14.86 1.04
C HIS A 73 5.41 15.23 0.65
N VAL A 74 5.21 16.28 -0.16
CA VAL A 74 3.88 16.69 -0.63
C VAL A 74 3.25 15.69 -1.62
N ALA A 75 4.06 14.95 -2.38
CA ALA A 75 3.61 13.84 -3.21
C ALA A 75 3.50 12.54 -2.40
N ILE A 76 4.40 12.31 -1.43
CA ILE A 76 4.26 11.26 -0.40
C ILE A 76 2.89 11.37 0.29
N ARG A 77 2.40 12.58 0.61
CA ARG A 77 1.07 12.79 1.19
C ARG A 77 -0.03 12.18 0.33
N SER A 78 0.00 12.41 -0.99
CA SER A 78 -0.90 11.81 -1.97
C SER A 78 -0.74 10.28 -2.01
N LYS A 79 0.50 9.78 -1.97
CA LYS A 79 0.85 8.35 -1.91
C LYS A 79 0.52 7.68 -0.55
N LEU A 80 0.03 8.42 0.45
CA LEU A 80 -0.74 7.85 1.57
C LEU A 80 -2.26 8.12 1.43
N GLN A 81 -2.72 9.23 0.83
CA GLN A 81 -4.16 9.50 0.64
C GLN A 81 -4.83 8.43 -0.23
N TYR A 82 -4.30 8.17 -1.43
CA TYR A 82 -4.86 7.17 -2.34
C TYR A 82 -4.62 5.74 -1.82
N ARG A 83 -3.48 5.51 -1.16
CA ARG A 83 -3.07 4.20 -0.64
C ARG A 83 -3.99 3.72 0.49
N LEU A 84 -4.53 4.64 1.30
CA LEU A 84 -5.60 4.35 2.26
C LEU A 84 -6.90 3.99 1.52
N GLU A 85 -7.33 4.81 0.56
CA GLU A 85 -8.53 4.54 -0.25
C GLU A 85 -8.47 3.20 -1.00
N LEU A 86 -7.29 2.80 -1.48
CA LEU A 86 -7.06 1.54 -2.19
C LEU A 86 -6.87 0.35 -1.22
N ALA A 87 -6.41 0.55 0.01
CA ALA A 87 -6.45 -0.53 1.02
C ALA A 87 -7.91 -0.89 1.36
N GLN A 88 -8.75 0.13 1.53
CA GLN A 88 -10.20 -0.03 1.64
C GLN A 88 -10.82 -0.60 0.33
N GLY A 89 -10.19 -0.30 -0.82
CA GLY A 89 -10.47 -0.82 -2.16
C GLY A 89 -10.31 -2.33 -2.28
N ALA A 90 -9.09 -2.82 -2.02
CA ALA A 90 -8.69 -4.23 -2.08
C ALA A 90 -9.47 -5.13 -1.10
N VAL A 91 -9.96 -4.58 0.02
CA VAL A 91 -10.79 -5.31 1.00
C VAL A 91 -12.31 -5.15 0.76
N GLY A 92 -12.74 -4.13 0.00
CA GLY A 92 -14.15 -3.84 -0.28
C GLY A 92 -14.89 -3.10 0.85
N SER A 93 -14.18 -2.31 1.67
CA SER A 93 -14.77 -1.51 2.76
C SER A 93 -15.42 -0.24 2.22
N VAL A 94 -16.71 -0.34 1.90
CA VAL A 94 -17.55 0.74 1.36
C VAL A 94 -19.01 0.60 1.80
N GLN A 95 -19.71 1.72 1.98
CA GLN A 95 -21.14 1.78 2.25
C GLN A 95 -21.82 2.87 1.40
N ILE A 96 -23.15 2.94 1.46
CA ILE A 96 -24.02 3.82 0.66
C ILE A 96 -23.64 3.73 -0.84
N PRO A 97 -23.82 2.56 -1.49
CA PRO A 97 -23.38 2.35 -2.88
C PRO A 97 -24.40 2.87 -3.90
N VAL A 98 -25.53 3.44 -3.45
CA VAL A 98 -26.58 4.06 -4.30
C VAL A 98 -27.08 3.10 -5.40
N VAL A 99 -27.42 1.87 -4.99
CA VAL A 99 -28.09 0.83 -5.81
C VAL A 99 -29.29 0.24 -5.05
N GLU A 100 -30.04 1.13 -4.40
CA GLU A 100 -31.32 0.91 -3.70
C GLU A 100 -31.22 0.06 -2.39
N VAL A 101 -32.34 0.01 -1.65
CA VAL A 101 -32.38 -0.36 -0.21
C VAL A 101 -31.97 -1.80 0.16
N ASP A 102 -31.74 -2.70 -0.79
CA ASP A 102 -31.21 -4.04 -0.51
C ASP A 102 -29.66 -4.05 -0.41
N GLU A 103 -28.97 -2.94 -0.74
CA GLU A 103 -27.51 -2.78 -0.55
C GLU A 103 -27.08 -1.48 0.16
N LEU A 104 -27.97 -0.49 0.30
CA LEU A 104 -27.78 0.65 1.21
C LEU A 104 -27.76 0.21 2.69
N PRO A 105 -27.28 1.05 3.63
CA PRO A 105 -27.33 0.77 5.08
C PRO A 105 -28.75 0.47 5.61
N GLU A 106 -28.86 -0.32 6.68
CA GLU A 106 -30.16 -0.65 7.28
C GLU A 106 -30.86 0.60 7.85
N GLY A 107 -32.06 0.90 7.34
CA GLY A 107 -32.84 2.11 7.64
C GLY A 107 -32.52 3.35 6.79
N TYR A 108 -31.47 3.32 5.94
CA TYR A 108 -31.07 4.45 5.07
C TYR A 108 -31.83 4.44 3.74
N ASP A 109 -32.44 5.56 3.34
CA ASP A 109 -33.31 5.73 2.17
C ASP A 109 -34.53 4.77 2.12
N ARG A 110 -35.44 4.96 1.16
CA ARG A 110 -36.71 4.22 0.99
C ARG A 110 -37.03 3.98 -0.51
N SER A 111 -37.77 2.90 -0.80
CA SER A 111 -38.34 2.56 -2.12
C SER A 111 -39.83 2.87 -2.18
N MET B 1 8.50 2.47 -9.53
CA MET B 1 7.44 3.49 -9.41
C MET B 1 6.09 2.88 -9.06
N GLU B 2 5.63 1.84 -9.76
CA GLU B 2 4.28 1.26 -9.62
C GLU B 2 4.04 0.42 -8.34
N GLU B 3 5.06 0.27 -7.48
CA GLU B 3 4.99 -0.40 -6.17
C GLU B 3 4.61 -1.90 -6.29
N VAL B 4 3.48 -2.32 -5.71
CA VAL B 4 3.08 -3.74 -5.56
C VAL B 4 1.61 -3.86 -5.99
N ASP B 5 1.38 -4.14 -7.27
CA ASP B 5 0.08 -4.17 -8.00
C ASP B 5 -0.86 -2.99 -7.69
N MET A 1 19.07 5.65 -6.92
CA MET A 1 18.69 4.50 -6.08
C MET A 1 17.84 3.48 -6.83
N SER A 2 18.21 3.08 -8.07
CA SER A 2 17.36 2.16 -8.85
C SER A 2 17.29 0.74 -8.28
N GLN A 3 18.27 0.30 -7.47
CA GLN A 3 18.18 -0.99 -6.76
C GLN A 3 17.02 -0.98 -5.74
N PHE A 4 16.82 0.13 -5.02
CA PHE A 4 15.68 0.30 -4.11
C PHE A 4 14.33 0.54 -4.80
N GLU A 5 14.32 0.90 -6.09
CA GLU A 5 13.13 0.83 -6.93
C GLU A 5 12.80 -0.61 -7.33
N LYS A 6 13.76 -1.39 -7.86
CA LYS A 6 13.45 -2.78 -8.25
C LYS A 6 13.14 -3.69 -7.06
N GLN A 7 13.70 -3.45 -5.87
CA GLN A 7 13.40 -4.28 -4.69
C GLN A 7 11.97 -4.06 -4.15
N LYS A 8 11.45 -2.81 -4.13
CA LYS A 8 10.05 -2.54 -3.71
C LYS A 8 9.02 -3.14 -4.66
N GLU A 9 9.40 -3.44 -5.91
CA GLU A 9 8.55 -4.09 -6.91
C GLU A 9 8.75 -5.62 -6.95
N GLN A 10 9.97 -6.12 -6.69
CA GLN A 10 10.25 -7.54 -6.50
C GLN A 10 9.44 -8.12 -5.33
N GLY A 11 9.34 -7.40 -4.21
CA GLY A 11 8.47 -7.80 -3.09
C GLY A 11 7.02 -8.05 -3.49
N ASN A 12 6.45 -7.23 -4.39
CA ASN A 12 5.08 -7.41 -4.88
C ASN A 12 4.96 -8.66 -5.78
N SER A 13 5.96 -8.89 -6.63
CA SER A 13 6.06 -10.11 -7.42
C SER A 13 6.14 -11.36 -6.54
N LEU A 14 6.93 -11.33 -5.46
CA LEU A 14 6.98 -12.41 -4.47
C LEU A 14 5.59 -12.68 -3.83
N PHE A 15 4.81 -11.65 -3.50
CA PHE A 15 3.40 -11.84 -3.09
C PHE A 15 2.53 -12.47 -4.19
N LYS A 16 2.71 -12.06 -5.45
CA LYS A 16 2.02 -12.65 -6.62
C LYS A 16 2.43 -14.11 -6.93
N GLN A 17 3.58 -14.56 -6.42
CA GLN A 17 3.98 -15.98 -6.38
C GLN A 17 3.56 -16.69 -5.08
N GLY A 18 3.02 -15.98 -4.09
CA GLY A 18 2.68 -16.51 -2.76
C GLY A 18 3.85 -16.66 -1.80
N LEU A 19 5.04 -16.13 -2.14
CA LEU A 19 6.29 -16.17 -1.36
C LEU A 19 6.30 -15.10 -0.25
N TYR A 20 5.19 -15.01 0.50
CA TYR A 20 4.92 -13.98 1.52
C TYR A 20 6.07 -13.81 2.53
N ARG A 21 6.68 -14.90 3.01
CA ARG A 21 7.73 -14.83 4.07
C ARG A 21 9.04 -14.28 3.50
N GLU A 22 9.32 -14.47 2.21
CA GLU A 22 10.43 -13.83 1.52
C GLU A 22 10.08 -12.39 1.10
N ALA A 23 8.83 -12.13 0.71
CA ALA A 23 8.33 -10.81 0.34
C ALA A 23 8.37 -9.80 1.51
N VAL A 24 7.83 -10.19 2.68
CA VAL A 24 7.82 -9.38 3.91
C VAL A 24 9.26 -9.00 4.32
N HIS A 25 10.22 -9.93 4.20
CA HIS A 25 11.62 -9.64 4.48
C HIS A 25 12.20 -8.56 3.57
N CYS A 26 11.89 -8.57 2.26
CA CYS A 26 12.35 -7.55 1.31
C CYS A 26 11.83 -6.14 1.68
N TYR A 27 10.54 -6.02 2.00
CA TYR A 27 9.95 -4.76 2.47
C TYR A 27 10.50 -4.30 3.83
N ASP A 28 10.84 -5.23 4.71
CA ASP A 28 11.52 -4.88 5.97
C ASP A 28 12.97 -4.42 5.73
N GLN A 29 13.65 -4.87 4.65
CA GLN A 29 14.99 -4.37 4.30
C GLN A 29 14.94 -2.89 3.86
N LEU A 30 13.86 -2.42 3.24
CA LEU A 30 13.68 -0.97 2.98
C LEU A 30 13.73 -0.16 4.27
N ILE A 31 13.16 -0.69 5.36
CA ILE A 31 13.19 -0.03 6.68
C ILE A 31 14.54 -0.25 7.39
N THR A 32 15.30 -1.29 7.05
CA THR A 32 16.70 -1.45 7.51
C THR A 32 17.62 -0.41 6.84
N ALA A 33 17.44 -0.14 5.55
CA ALA A 33 18.28 0.76 4.77
C ALA A 33 17.88 2.26 4.88
N GLN A 34 16.58 2.56 4.99
CA GLN A 34 16.04 3.93 5.18
C GLN A 34 15.13 4.06 6.43
N PRO A 35 15.67 3.94 7.67
CA PRO A 35 14.86 3.77 8.89
C PRO A 35 13.82 4.84 9.26
N GLN A 36 13.97 6.08 8.76
CA GLN A 36 13.04 7.19 9.06
C GLN A 36 12.41 7.79 7.78
N ASN A 37 12.48 7.09 6.65
CA ASN A 37 11.82 7.51 5.42
C ASN A 37 10.39 6.95 5.34
N PRO A 38 9.36 7.78 5.17
CA PRO A 38 7.97 7.31 5.01
C PRO A 38 7.75 6.47 3.74
N VAL A 39 8.66 6.50 2.76
CA VAL A 39 8.63 5.59 1.59
C VAL A 39 8.51 4.11 2.02
N GLY A 40 9.32 3.67 3.00
CA GLY A 40 9.35 2.29 3.45
C GLY A 40 8.04 1.88 4.12
N TYR A 41 7.49 2.74 4.98
CA TYR A 41 6.15 2.56 5.54
C TYR A 41 5.06 2.51 4.45
N SER A 42 5.17 3.28 3.36
CA SER A 42 4.22 3.18 2.23
C SER A 42 4.31 1.84 1.50
N ASN A 43 5.51 1.29 1.34
CA ASN A 43 5.74 0.00 0.70
C ASN A 43 5.36 -1.18 1.62
N LYS A 44 5.61 -1.08 2.93
CA LYS A 44 5.22 -2.09 3.94
C LYS A 44 3.71 -2.10 4.19
N ALA A 45 3.02 -0.95 4.11
CA ALA A 45 1.56 -0.90 4.04
C ALA A 45 1.02 -1.61 2.78
N MET A 46 1.73 -1.51 1.65
CA MET A 46 1.40 -2.24 0.41
C MET A 46 1.54 -3.76 0.61
N ALA A 47 2.61 -4.21 1.27
CA ALA A 47 2.81 -5.61 1.63
C ALA A 47 1.66 -6.16 2.48
N LEU A 48 1.21 -5.41 3.48
CA LEU A 48 0.11 -5.81 4.37
C LEU A 48 -1.23 -5.97 3.64
N ILE A 49 -1.54 -5.16 2.61
CA ILE A 49 -2.71 -5.36 1.73
C ILE A 49 -2.50 -6.43 0.64
N LYS A 50 -1.25 -6.80 0.35
CA LYS A 50 -0.88 -7.93 -0.53
C LYS A 50 -0.86 -9.29 0.20
N LEU A 51 -0.91 -9.27 1.54
CA LEU A 51 -1.02 -10.43 2.44
C LEU A 51 -2.45 -10.61 2.98
N GLY A 52 -3.14 -9.51 3.31
CA GLY A 52 -4.54 -9.50 3.77
C GLY A 52 -4.76 -9.08 5.23
N GLU A 53 -3.82 -8.35 5.82
CA GLU A 53 -3.98 -7.68 7.13
C GLU A 53 -4.20 -6.17 6.91
N TYR A 54 -5.20 -5.85 6.08
CA TYR A 54 -5.53 -4.50 5.61
C TYR A 54 -5.78 -3.51 6.76
N THR A 55 -6.35 -3.96 7.89
CA THR A 55 -6.56 -3.12 9.08
C THR A 55 -5.22 -2.67 9.71
N GLN A 56 -4.13 -3.45 9.54
CA GLN A 56 -2.78 -3.00 9.92
C GLN A 56 -2.21 -1.98 8.92
N ALA A 57 -2.56 -2.12 7.63
CA ALA A 57 -2.09 -1.25 6.57
C ALA A 57 -2.69 0.15 6.64
N ILE A 58 -3.99 0.28 6.95
CA ILE A 58 -4.65 1.61 7.03
C ILE A 58 -4.11 2.45 8.19
N GLN A 59 -3.77 1.82 9.32
CA GLN A 59 -3.06 2.45 10.43
C GLN A 59 -1.66 2.92 9.99
N MET A 60 -0.89 2.06 9.29
CA MET A 60 0.42 2.43 8.74
C MET A 60 0.33 3.58 7.71
N CYS A 61 -0.77 3.67 6.94
CA CYS A 61 -0.99 4.80 6.01
C CYS A 61 -1.23 6.11 6.75
N GLN A 62 -2.12 6.14 7.74
CA GLN A 62 -2.40 7.33 8.55
C GLN A 62 -1.18 7.75 9.39
N GLN A 63 -0.38 6.78 9.87
CA GLN A 63 0.93 6.99 10.49
C GLN A 63 1.99 7.56 9.51
N GLY A 64 1.88 7.34 8.20
CA GLY A 64 2.76 7.96 7.20
C GLY A 64 2.37 9.40 6.84
N LEU A 65 1.09 9.76 6.87
CA LEU A 65 0.64 11.14 6.61
C LEU A 65 1.24 12.14 7.60
N ARG A 66 1.48 11.73 8.85
CA ARG A 66 2.18 12.51 9.91
C ARG A 66 3.55 13.08 9.49
N TYR A 67 4.21 12.49 8.49
CA TYR A 67 5.52 12.91 7.97
C TYR A 67 5.46 14.10 6.98
N THR A 68 4.28 14.48 6.47
CA THR A 68 4.16 15.05 5.11
C THR A 68 3.97 16.57 4.97
N SER A 69 4.12 17.36 6.03
CA SER A 69 3.93 18.83 6.01
C SER A 69 5.08 19.63 5.37
N THR A 70 5.71 19.11 4.31
CA THR A 70 6.82 19.75 3.56
C THR A 70 6.84 19.31 2.09
N ALA A 71 7.28 20.19 1.20
CA ALA A 71 7.51 19.87 -0.22
C ALA A 71 8.54 18.75 -0.46
N GLU A 72 9.35 18.37 0.54
CA GLU A 72 10.21 17.17 0.50
C GLU A 72 9.38 15.86 0.50
N HIS A 73 8.17 15.88 1.06
CA HIS A 73 7.30 14.70 1.25
C HIS A 73 5.86 14.90 0.71
N VAL A 74 5.62 15.89 -0.15
CA VAL A 74 4.31 16.13 -0.78
C VAL A 74 3.87 14.97 -1.69
N ALA A 75 4.82 14.27 -2.32
CA ALA A 75 4.58 13.06 -3.12
C ALA A 75 4.41 11.78 -2.28
N ILE A 76 4.71 11.84 -0.97
CA ILE A 76 4.36 10.80 0.02
C ILE A 76 2.93 10.99 0.52
N ARG A 77 2.49 12.25 0.66
CA ARG A 77 1.11 12.61 1.06
C ARG A 77 0.07 12.02 0.09
N SER A 78 0.38 12.02 -1.21
CA SER A 78 -0.42 11.34 -2.24
C SER A 78 -0.31 9.82 -2.16
N LYS A 79 0.91 9.24 -2.04
CA LYS A 79 1.11 7.79 -1.87
C LYS A 79 0.21 7.23 -0.78
N LEU A 80 0.30 7.73 0.46
CA LEU A 80 -0.45 7.13 1.58
C LEU A 80 -1.96 7.36 1.48
N GLN A 81 -2.45 8.45 0.88
CA GLN A 81 -3.90 8.65 0.69
C GLN A 81 -4.48 7.81 -0.44
N TYR A 82 -3.78 7.63 -1.56
CA TYR A 82 -4.28 6.75 -2.64
C TYR A 82 -4.17 5.28 -2.25
N ARG A 83 -3.08 4.83 -1.58
CA ARG A 83 -3.00 3.42 -1.13
C ARG A 83 -3.84 3.12 0.12
N LEU A 84 -4.37 4.12 0.81
CA LEU A 84 -5.48 3.99 1.76
C LEU A 84 -6.83 3.82 1.04
N GLU A 85 -7.08 4.56 -0.04
CA GLU A 85 -8.21 4.29 -0.96
C GLU A 85 -8.10 2.88 -1.57
N LEU A 86 -6.90 2.42 -1.93
CA LEU A 86 -6.65 1.10 -2.52
C LEU A 86 -6.62 -0.05 -1.49
N ALA A 87 -6.25 0.21 -0.23
CA ALA A 87 -6.45 -0.74 0.87
C ALA A 87 -7.93 -1.05 1.09
N GLN A 88 -8.76 0.01 1.11
CA GLN A 88 -10.22 -0.10 1.10
C GLN A 88 -10.73 -0.78 -0.19
N GLY A 89 -9.98 -0.68 -1.29
CA GLY A 89 -10.18 -1.38 -2.56
C GLY A 89 -9.99 -2.90 -2.49
N ALA A 90 -8.87 -3.33 -1.91
CA ALA A 90 -8.52 -4.75 -1.82
C ALA A 90 -9.38 -5.51 -0.78
N VAL A 91 -9.89 -4.81 0.25
CA VAL A 91 -10.72 -5.40 1.34
C VAL A 91 -12.24 -5.41 1.06
N GLY A 92 -12.71 -4.69 0.02
CA GLY A 92 -14.11 -4.71 -0.42
C GLY A 92 -14.42 -3.75 -1.59
N SER A 93 -15.56 -3.93 -2.26
CA SER A 93 -15.91 -3.26 -3.54
C SER A 93 -17.28 -2.57 -3.56
N VAL A 94 -18.01 -2.55 -2.44
CA VAL A 94 -19.13 -1.62 -2.19
C VAL A 94 -18.73 -0.64 -1.09
N GLN A 95 -18.71 0.65 -1.42
CA GLN A 95 -18.00 1.70 -0.67
C GLN A 95 -18.93 2.88 -0.35
N ILE A 96 -19.86 2.64 0.58
CA ILE A 96 -20.66 3.69 1.20
C ILE A 96 -19.79 4.38 2.28
N PRO A 97 -19.45 5.68 2.15
CA PRO A 97 -18.68 6.42 3.15
C PRO A 97 -19.47 6.76 4.41
N VAL A 98 -20.81 6.61 4.38
CA VAL A 98 -21.75 6.77 5.52
C VAL A 98 -21.68 8.10 6.30
N VAL A 99 -21.13 9.15 5.68
CA VAL A 99 -20.92 10.49 6.28
C VAL A 99 -21.36 11.66 5.39
N GLU A 100 -21.43 11.41 4.09
CA GLU A 100 -21.84 12.38 3.05
C GLU A 100 -22.03 11.76 1.67
N VAL A 101 -22.63 12.55 0.79
CA VAL A 101 -22.63 12.41 -0.66
C VAL A 101 -21.31 12.97 -1.24
N ASP A 102 -20.29 12.12 -1.33
CA ASP A 102 -18.98 12.43 -1.94
C ASP A 102 -18.69 11.52 -3.16
N GLU A 103 -18.45 10.23 -2.95
CA GLU A 103 -18.30 9.25 -4.04
C GLU A 103 -19.53 8.35 -4.10
N LEU A 104 -19.80 7.60 -3.01
CA LEU A 104 -20.86 6.60 -2.87
C LEU A 104 -20.71 5.40 -3.84
N PRO A 105 -21.44 4.28 -3.63
CA PRO A 105 -21.68 3.31 -4.69
C PRO A 105 -22.64 3.81 -5.78
N GLU A 106 -22.74 3.05 -6.88
CA GLU A 106 -23.71 3.28 -7.95
C GLU A 106 -25.16 3.08 -7.48
N GLY A 107 -26.05 4.04 -7.79
CA GLY A 107 -27.50 3.96 -7.54
C GLY A 107 -27.96 4.37 -6.14
N TYR A 108 -27.04 4.74 -5.24
CA TYR A 108 -27.36 5.13 -3.85
C TYR A 108 -27.62 6.65 -3.70
N ASP A 109 -26.96 7.47 -4.51
CA ASP A 109 -27.39 8.83 -4.91
C ASP A 109 -26.84 9.10 -6.34
N ARG A 110 -27.26 10.19 -6.99
CA ARG A 110 -26.97 10.45 -8.42
C ARG A 110 -26.40 11.84 -8.71
N SER A 111 -25.62 11.92 -9.79
CA SER A 111 -24.78 13.07 -10.18
C SER A 111 -24.02 13.69 -9.01
N MET B 1 8.39 2.47 -9.69
CA MET B 1 7.84 3.29 -8.59
C MET B 1 6.63 2.64 -7.93
N GLU B 2 5.46 2.67 -8.57
CA GLU B 2 4.16 2.29 -7.94
C GLU B 2 3.83 0.81 -8.15
N GLU B 3 3.35 0.15 -7.10
CA GLU B 3 3.05 -1.28 -7.08
C GLU B 3 1.71 -1.63 -7.77
N VAL B 4 1.66 -2.82 -8.40
CA VAL B 4 0.51 -3.34 -9.18
C VAL B 4 -0.34 -4.36 -8.39
N ASP B 5 -1.44 -4.82 -9.00
CA ASP B 5 -2.50 -5.68 -8.42
C ASP B 5 -3.10 -5.13 -7.11
N MET A 1 20.81 3.31 -4.09
CA MET A 1 20.87 3.09 -5.54
C MET A 1 19.68 2.27 -6.00
N SER A 2 19.47 2.16 -7.32
CA SER A 2 18.29 1.54 -7.94
C SER A 2 17.95 0.12 -7.44
N GLN A 3 18.93 -0.62 -6.89
CA GLN A 3 18.74 -1.89 -6.19
C GLN A 3 17.58 -1.87 -5.16
N PHE A 4 17.34 -0.75 -4.46
CA PHE A 4 16.24 -0.67 -3.48
C PHE A 4 14.87 -0.35 -4.14
N GLU A 5 14.87 0.46 -5.19
CA GLU A 5 13.74 0.69 -6.11
C GLU A 5 13.34 -0.58 -6.88
N LYS A 6 14.28 -1.51 -7.02
CA LYS A 6 14.09 -2.85 -7.56
C LYS A 6 13.43 -3.77 -6.53
N GLN A 7 13.90 -3.78 -5.28
CA GLN A 7 13.38 -4.71 -4.27
C GLN A 7 11.93 -4.39 -3.82
N LYS A 8 11.48 -3.13 -3.88
CA LYS A 8 10.04 -2.78 -3.72
C LYS A 8 9.16 -3.39 -4.82
N GLU A 9 9.70 -3.60 -6.03
CA GLU A 9 9.00 -4.33 -7.10
C GLU A 9 9.18 -5.86 -7.02
N GLN A 10 10.31 -6.36 -6.50
CA GLN A 10 10.48 -7.79 -6.22
C GLN A 10 9.42 -8.30 -5.23
N GLY A 11 9.14 -7.53 -4.17
CA GLY A 11 8.15 -7.90 -3.15
C GLY A 11 6.73 -8.08 -3.71
N ASN A 12 6.31 -7.27 -4.69
CA ASN A 12 5.04 -7.41 -5.40
C ASN A 12 4.92 -8.82 -6.01
N SER A 13 5.91 -9.22 -6.80
CA SER A 13 6.00 -10.55 -7.41
C SER A 13 5.97 -11.67 -6.37
N LEU A 14 6.70 -11.54 -5.26
CA LEU A 14 6.73 -12.56 -4.20
C LEU A 14 5.35 -12.79 -3.55
N PHE A 15 4.49 -11.77 -3.44
CA PHE A 15 3.09 -11.97 -3.01
C PHE A 15 2.26 -12.77 -4.02
N LYS A 16 2.44 -12.53 -5.32
CA LYS A 16 1.80 -13.33 -6.38
C LYS A 16 2.24 -14.80 -6.34
N GLN A 17 3.53 -15.06 -6.08
CA GLN A 17 4.05 -16.43 -5.83
C GLN A 17 3.58 -17.06 -4.50
N GLY A 18 3.10 -16.26 -3.55
CA GLY A 18 2.67 -16.71 -2.23
C GLY A 18 3.79 -16.78 -1.18
N LEU A 19 4.96 -16.20 -1.46
CA LEU A 19 6.14 -16.15 -0.58
C LEU A 19 6.06 -14.89 0.30
N TYR A 20 4.98 -14.79 1.06
CA TYR A 20 4.60 -13.59 1.83
C TYR A 20 5.67 -13.12 2.82
N ARG A 21 6.37 -14.04 3.51
CA ARG A 21 7.35 -13.66 4.54
C ARG A 21 8.71 -13.32 3.94
N GLU A 22 9.05 -13.91 2.78
CA GLU A 22 10.15 -13.43 1.94
C GLU A 22 9.83 -12.09 1.27
N ALA A 23 8.57 -11.83 0.92
CA ALA A 23 8.13 -10.55 0.38
C ALA A 23 8.23 -9.43 1.42
N VAL A 24 7.72 -9.65 2.63
CA VAL A 24 7.84 -8.69 3.75
C VAL A 24 9.30 -8.41 4.08
N HIS A 25 10.20 -9.40 4.01
CA HIS A 25 11.64 -9.20 4.20
C HIS A 25 12.22 -8.12 3.27
N CYS A 26 11.83 -8.10 1.97
CA CYS A 26 12.29 -7.10 1.01
C CYS A 26 11.79 -5.68 1.34
N TYR A 27 10.56 -5.52 1.84
CA TYR A 27 10.01 -4.24 2.29
C TYR A 27 10.58 -3.79 3.64
N ASP A 28 10.79 -4.71 4.57
CA ASP A 28 11.45 -4.43 5.85
C ASP A 28 12.92 -4.00 5.61
N GLN A 29 13.60 -4.58 4.61
CA GLN A 29 14.96 -4.18 4.20
C GLN A 29 15.03 -2.77 3.59
N LEU A 30 13.95 -2.21 3.05
CA LEU A 30 13.92 -0.77 2.69
C LEU A 30 14.14 0.08 3.95
N ILE A 31 13.50 -0.32 5.06
CA ILE A 31 13.52 0.38 6.36
C ILE A 31 14.77 0.01 7.20
N THR A 32 15.34 -1.18 7.03
CA THR A 32 16.66 -1.55 7.58
C THR A 32 17.76 -0.62 7.07
N ALA A 33 17.63 -0.13 5.82
CA ALA A 33 18.55 0.86 5.23
C ALA A 33 18.13 2.32 5.49
N GLN A 34 16.83 2.61 5.64
CA GLN A 34 16.26 3.97 5.65
C GLN A 34 15.23 4.12 6.80
N PRO A 35 15.64 4.11 8.09
CA PRO A 35 14.71 3.90 9.20
C PRO A 35 13.60 4.94 9.35
N GLN A 36 13.90 6.22 9.07
CA GLN A 36 12.97 7.34 9.28
C GLN A 36 12.07 7.64 8.06
N ASN A 37 12.10 6.80 7.01
CA ASN A 37 11.67 7.22 5.69
C ASN A 37 10.30 6.68 5.23
N PRO A 38 9.39 7.55 4.73
CA PRO A 38 8.16 7.12 4.06
C PRO A 38 8.42 6.28 2.79
N VAL A 39 9.64 6.34 2.24
CA VAL A 39 10.10 5.51 1.11
C VAL A 39 10.38 4.04 1.46
N GLY A 40 10.15 3.64 2.72
CA GLY A 40 9.87 2.25 3.07
C GLY A 40 8.46 2.06 3.65
N TYR A 41 7.95 3.02 4.45
CA TYR A 41 6.63 2.90 5.08
C TYR A 41 5.48 2.76 4.07
N SER A 42 5.50 3.55 2.99
CA SER A 42 4.41 3.52 1.98
C SER A 42 4.41 2.21 1.19
N ASN A 43 5.57 1.57 1.06
CA ASN A 43 5.78 0.33 0.35
C ASN A 43 5.44 -0.89 1.24
N LYS A 44 5.84 -0.88 2.53
CA LYS A 44 5.44 -1.90 3.51
C LYS A 44 3.92 -1.88 3.79
N ALA A 45 3.27 -0.71 3.72
CA ALA A 45 1.81 -0.65 3.77
C ALA A 45 1.13 -1.35 2.56
N MET A 46 1.74 -1.26 1.37
CA MET A 46 1.29 -1.97 0.17
C MET A 46 1.47 -3.49 0.32
N ALA A 47 2.57 -3.91 0.95
CA ALA A 47 2.81 -5.31 1.28
C ALA A 47 1.73 -5.88 2.19
N LEU A 48 1.29 -5.12 3.21
CA LEU A 48 0.23 -5.54 4.13
C LEU A 48 -1.14 -5.70 3.43
N ILE A 49 -1.50 -4.85 2.44
CA ILE A 49 -2.69 -5.12 1.61
C ILE A 49 -2.51 -6.33 0.70
N LYS A 50 -1.29 -6.59 0.19
CA LYS A 50 -0.97 -7.74 -0.68
C LYS A 50 -0.80 -9.07 0.07
N LEU A 51 -0.70 -9.04 1.40
CA LEU A 51 -0.86 -10.16 2.33
C LEU A 51 -2.34 -10.37 2.69
N GLY A 52 -3.20 -9.37 2.45
CA GLY A 52 -4.62 -9.38 2.79
C GLY A 52 -4.91 -8.96 4.25
N GLU A 53 -4.00 -8.22 4.87
CA GLU A 53 -4.09 -7.73 6.25
C GLU A 53 -4.34 -6.22 6.27
N TYR A 54 -5.44 -5.84 5.62
CA TYR A 54 -5.86 -4.45 5.40
C TYR A 54 -6.00 -3.66 6.71
N THR A 55 -6.45 -4.27 7.82
CA THR A 55 -6.52 -3.62 9.14
C THR A 55 -5.15 -3.22 9.68
N GLN A 56 -4.07 -3.89 9.25
CA GLN A 56 -2.68 -3.50 9.57
C GLN A 56 -2.16 -2.43 8.60
N ALA A 57 -2.65 -2.42 7.35
CA ALA A 57 -2.26 -1.46 6.33
C ALA A 57 -2.90 -0.08 6.52
N ILE A 58 -4.16 0.00 6.99
CA ILE A 58 -4.83 1.29 7.30
C ILE A 58 -4.20 1.99 8.51
N GLN A 59 -3.68 1.23 9.47
CA GLN A 59 -2.81 1.75 10.54
C GLN A 59 -1.54 2.34 9.92
N MET A 60 -0.86 1.59 9.06
CA MET A 60 0.44 2.00 8.50
C MET A 60 0.32 3.18 7.53
N CYS A 61 -0.79 3.33 6.79
CA CYS A 61 -1.00 4.50 5.92
C CYS A 61 -1.27 5.77 6.74
N GLN A 62 -2.04 5.70 7.84
CA GLN A 62 -2.17 6.85 8.76
C GLN A 62 -0.91 7.09 9.62
N GLN A 63 -0.12 6.07 9.93
CA GLN A 63 1.23 6.25 10.46
C GLN A 63 2.15 6.95 9.46
N GLY A 64 1.96 6.75 8.15
CA GLY A 64 2.69 7.48 7.11
C GLY A 64 2.22 8.92 6.89
N LEU A 65 0.98 9.29 7.25
CA LEU A 65 0.50 10.70 7.25
C LEU A 65 1.39 11.60 8.13
N ARG A 66 1.99 11.05 9.20
CA ARG A 66 2.94 11.71 10.11
C ARG A 66 4.27 12.14 9.46
N TYR A 67 4.44 11.85 8.17
CA TYR A 67 5.66 12.07 7.38
C TYR A 67 5.36 12.80 6.05
N THR A 68 4.43 13.77 6.07
CA THR A 68 3.83 14.37 4.85
C THR A 68 3.82 15.90 4.77
N SER A 69 4.05 16.62 5.87
CA SER A 69 3.73 18.06 6.00
C SER A 69 4.73 19.03 5.37
N THR A 70 5.55 18.61 4.39
CA THR A 70 6.64 19.42 3.80
C THR A 70 6.75 19.21 2.28
N ALA A 71 7.41 20.13 1.57
CA ALA A 71 7.62 20.04 0.11
C ALA A 71 8.48 18.83 -0.30
N GLU A 72 9.32 18.31 0.60
CA GLU A 72 10.05 17.04 0.43
C GLU A 72 9.12 15.81 0.41
N HIS A 73 7.88 15.94 0.90
CA HIS A 73 6.92 14.84 1.07
C HIS A 73 5.56 15.11 0.40
N VAL A 74 5.44 16.10 -0.48
CA VAL A 74 4.19 16.41 -1.22
C VAL A 74 3.73 15.25 -2.12
N ALA A 75 4.65 14.44 -2.65
CA ALA A 75 4.31 13.20 -3.36
C ALA A 75 3.86 12.11 -2.37
N ILE A 76 4.59 11.96 -1.27
CA ILE A 76 4.31 11.02 -0.18
C ILE A 76 2.92 11.25 0.45
N ARG A 77 2.48 12.52 0.55
CA ARG A 77 1.14 12.88 1.07
C ARG A 77 0.01 12.24 0.25
N SER A 78 0.16 12.19 -1.07
CA SER A 78 -0.74 11.48 -1.99
C SER A 78 -0.49 9.96 -1.98
N LYS A 79 0.78 9.51 -1.91
CA LYS A 79 1.16 8.09 -1.93
C LYS A 79 0.76 7.30 -0.69
N LEU A 80 0.43 7.95 0.44
CA LEU A 80 -0.30 7.29 1.54
C LEU A 80 -1.84 7.42 1.43
N GLN A 81 -2.38 8.51 0.88
CA GLN A 81 -3.85 8.70 0.84
C GLN A 81 -4.54 7.89 -0.27
N TYR A 82 -3.98 7.81 -1.50
CA TYR A 82 -4.53 6.89 -2.51
C TYR A 82 -4.38 5.43 -2.04
N ARG A 83 -3.28 5.12 -1.33
CA ARG A 83 -2.96 3.79 -0.79
C ARG A 83 -3.93 3.36 0.32
N LEU A 84 -4.37 4.31 1.15
CA LEU A 84 -5.45 4.13 2.12
C LEU A 84 -6.82 3.94 1.44
N GLU A 85 -7.10 4.66 0.35
CA GLU A 85 -8.27 4.39 -0.49
C GLU A 85 -8.20 3.00 -1.14
N LEU A 86 -7.05 2.53 -1.61
CA LEU A 86 -6.91 1.22 -2.24
C LEU A 86 -6.97 0.05 -1.24
N ALA A 87 -6.55 0.26 0.02
CA ALA A 87 -6.82 -0.68 1.11
C ALA A 87 -8.34 -0.86 1.32
N GLN A 88 -9.10 0.25 1.29
CA GLN A 88 -10.56 0.24 1.33
C GLN A 88 -11.19 -0.30 0.01
N GLY A 89 -10.40 -0.30 -1.07
CA GLY A 89 -10.68 -0.97 -2.35
C GLY A 89 -10.68 -2.49 -2.22
N ALA A 90 -9.55 -3.09 -1.85
CA ALA A 90 -9.37 -4.54 -1.79
C ALA A 90 -10.14 -5.19 -0.61
N VAL A 91 -10.37 -4.45 0.48
CA VAL A 91 -11.24 -4.91 1.58
C VAL A 91 -12.74 -4.90 1.20
N GLY A 92 -13.12 -4.23 0.12
CA GLY A 92 -14.51 -4.20 -0.38
C GLY A 92 -15.46 -3.34 0.46
N SER A 93 -15.00 -2.18 0.97
CA SER A 93 -15.83 -1.27 1.79
C SER A 93 -17.18 -0.90 1.15
N VAL A 94 -17.25 -0.81 -0.18
CA VAL A 94 -18.51 -0.77 -0.96
C VAL A 94 -18.54 -1.89 -2.01
N GLN A 95 -19.72 -2.42 -2.29
CA GLN A 95 -19.94 -3.59 -3.16
C GLN A 95 -21.16 -3.42 -4.08
N ILE A 96 -21.06 -3.91 -5.32
CA ILE A 96 -22.11 -3.90 -6.35
C ILE A 96 -22.54 -2.45 -6.71
N PRO A 97 -21.90 -1.80 -7.69
CA PRO A 97 -22.29 -0.47 -8.15
C PRO A 97 -23.57 -0.46 -9.00
N VAL A 98 -24.11 -1.63 -9.36
CA VAL A 98 -25.40 -1.81 -10.08
C VAL A 98 -25.36 -1.33 -11.55
N VAL A 99 -24.26 -1.69 -12.22
CA VAL A 99 -23.95 -1.54 -13.64
C VAL A 99 -23.30 -2.87 -14.10
N GLU A 100 -23.41 -3.26 -15.38
CA GLU A 100 -22.98 -4.61 -15.81
C GLU A 100 -21.48 -4.90 -15.58
N VAL A 101 -20.59 -3.92 -15.84
CA VAL A 101 -19.14 -3.97 -15.58
C VAL A 101 -18.64 -2.63 -15.01
N ASP A 102 -17.76 -2.70 -14.00
CA ASP A 102 -17.09 -1.54 -13.37
C ASP A 102 -15.84 -2.02 -12.62
N GLU A 103 -16.00 -2.61 -11.43
CA GLU A 103 -15.04 -3.51 -10.77
C GLU A 103 -15.79 -4.72 -10.21
N LEU A 104 -16.90 -4.46 -9.48
CA LEU A 104 -17.88 -5.43 -8.94
C LEU A 104 -17.26 -6.39 -7.88
N PRO A 105 -18.07 -7.09 -7.08
CA PRO A 105 -17.62 -8.30 -6.39
C PRO A 105 -17.30 -9.42 -7.39
N GLU A 106 -16.54 -10.43 -6.95
CA GLU A 106 -16.05 -11.53 -7.77
C GLU A 106 -17.18 -12.30 -8.48
N GLY A 107 -16.99 -12.57 -9.77
CA GLY A 107 -17.92 -13.31 -10.63
C GLY A 107 -19.14 -12.52 -11.13
N TYR A 108 -19.56 -11.47 -10.41
CA TYR A 108 -20.82 -10.75 -10.65
C TYR A 108 -20.87 -10.06 -12.04
N ASP A 109 -19.73 -9.88 -12.71
CA ASP A 109 -19.66 -9.39 -14.10
C ASP A 109 -20.32 -10.34 -15.13
N ARG A 110 -20.29 -11.66 -14.88
CA ARG A 110 -20.77 -12.74 -15.77
C ARG A 110 -20.49 -12.52 -17.26
N SER A 111 -19.36 -11.87 -17.58
CA SER A 111 -19.03 -11.38 -18.93
C SER A 111 -18.13 -12.34 -19.69
N MET B 1 2.08 5.45 -14.26
CA MET B 1 2.12 5.46 -12.78
C MET B 1 1.78 4.08 -12.25
N GLU B 2 2.77 3.38 -11.70
CA GLU B 2 2.64 2.04 -11.11
C GLU B 2 3.84 1.67 -10.21
N GLU B 3 3.61 0.76 -9.28
CA GLU B 3 4.57 0.24 -8.29
C GLU B 3 4.26 -1.24 -7.95
N VAL B 4 2.99 -1.58 -7.71
CA VAL B 4 2.52 -2.90 -7.27
C VAL B 4 1.20 -3.25 -8.00
N ASP B 5 0.95 -4.52 -8.29
CA ASP B 5 -0.30 -5.00 -8.93
C ASP B 5 -1.45 -5.18 -7.94
N MET A 1 21.55 3.48 -5.88
CA MET A 1 20.17 4.00 -5.98
C MET A 1 19.26 3.03 -6.72
N SER A 2 19.51 2.71 -8.00
CA SER A 2 18.62 1.89 -8.85
C SER A 2 18.32 0.49 -8.28
N GLN A 3 19.21 -0.04 -7.45
CA GLN A 3 19.05 -1.29 -6.71
C GLN A 3 17.84 -1.21 -5.75
N PHE A 4 17.74 -0.14 -4.98
CA PHE A 4 16.62 0.12 -4.07
C PHE A 4 15.33 0.55 -4.78
N GLU A 5 15.40 0.99 -6.04
CA GLU A 5 14.22 1.14 -6.91
C GLU A 5 13.70 -0.23 -7.38
N LYS A 6 14.54 -1.17 -7.83
CA LYS A 6 14.04 -2.49 -8.24
C LYS A 6 13.62 -3.38 -7.08
N GLN A 7 14.18 -3.20 -5.86
CA GLN A 7 13.83 -4.02 -4.69
C GLN A 7 12.45 -3.67 -4.09
N LYS A 8 11.96 -2.43 -4.24
CA LYS A 8 10.57 -2.08 -3.87
C LYS A 8 9.55 -2.74 -4.81
N GLU A 9 9.86 -2.79 -6.11
CA GLU A 9 9.07 -3.59 -7.05
C GLU A 9 9.16 -5.09 -6.74
N GLN A 10 10.34 -5.57 -6.34
CA GLN A 10 10.57 -6.97 -5.97
C GLN A 10 9.67 -7.40 -4.80
N GLY A 11 9.52 -6.57 -3.77
CA GLY A 11 8.58 -6.82 -2.67
C GLY A 11 7.14 -7.00 -3.17
N ASN A 12 6.61 -6.02 -3.91
CA ASN A 12 5.28 -6.09 -4.52
C ASN A 12 5.10 -7.35 -5.42
N SER A 13 6.13 -7.68 -6.21
CA SER A 13 6.16 -8.81 -7.14
C SER A 13 6.21 -10.18 -6.45
N LEU A 14 6.96 -10.30 -5.34
CA LEU A 14 7.04 -11.55 -4.57
C LEU A 14 5.70 -11.89 -3.91
N PHE A 15 4.90 -10.90 -3.48
CA PHE A 15 3.50 -11.14 -3.06
C PHE A 15 2.62 -11.65 -4.22
N LYS A 16 2.79 -11.09 -5.44
CA LYS A 16 2.03 -11.53 -6.64
C LYS A 16 2.39 -12.95 -7.06
N GLN A 17 3.64 -13.39 -6.89
CA GLN A 17 4.09 -14.78 -7.11
C GLN A 17 3.68 -15.74 -5.97
N GLY A 18 3.59 -15.23 -4.75
CA GLY A 18 3.14 -15.96 -3.54
C GLY A 18 4.23 -16.29 -2.52
N LEU A 19 5.42 -15.68 -2.67
CA LEU A 19 6.55 -15.77 -1.74
C LEU A 19 6.40 -14.69 -0.65
N TYR A 20 5.24 -14.69 0.01
CA TYR A 20 4.80 -13.61 0.90
C TYR A 20 5.79 -13.33 2.06
N ARG A 21 6.45 -14.35 2.63
CA ARG A 21 7.41 -14.16 3.73
C ARG A 21 8.74 -13.61 3.23
N GLU A 22 9.19 -14.06 2.06
CA GLU A 22 10.37 -13.47 1.39
C GLU A 22 10.08 -12.04 0.87
N ALA A 23 8.84 -11.75 0.48
CA ALA A 23 8.39 -10.39 0.15
C ALA A 23 8.45 -9.43 1.34
N VAL A 24 8.05 -9.89 2.55
CA VAL A 24 8.19 -9.13 3.80
C VAL A 24 9.67 -8.84 4.12
N HIS A 25 10.58 -9.79 3.90
CA HIS A 25 12.01 -9.54 4.05
C HIS A 25 12.52 -8.44 3.10
N CYS A 26 12.02 -8.37 1.86
CA CYS A 26 12.38 -7.28 0.93
C CYS A 26 11.86 -5.90 1.38
N TYR A 27 10.77 -5.78 2.16
CA TYR A 27 10.42 -4.50 2.81
C TYR A 27 11.26 -4.23 4.07
N ASP A 28 11.57 -5.26 4.88
CA ASP A 28 12.37 -5.11 6.10
C ASP A 28 13.79 -4.60 5.81
N GLN A 29 14.36 -4.93 4.65
CA GLN A 29 15.65 -4.34 4.23
C GLN A 29 15.53 -2.83 3.97
N LEU A 30 14.41 -2.33 3.41
CA LEU A 30 14.22 -0.88 3.22
C LEU A 30 14.16 -0.14 4.57
N ILE A 31 13.47 -0.73 5.55
CA ILE A 31 13.30 -0.12 6.89
C ILE A 31 14.58 -0.27 7.74
N THR A 32 15.43 -1.25 7.41
CA THR A 32 16.77 -1.39 8.01
C THR A 32 17.78 -0.40 7.39
N ALA A 33 17.74 -0.19 6.08
CA ALA A 33 18.69 0.68 5.36
C ALA A 33 18.29 2.18 5.36
N GLN A 34 16.99 2.48 5.38
CA GLN A 34 16.43 3.84 5.42
C GLN A 34 15.35 4.00 6.54
N PRO A 35 15.71 3.92 7.84
CA PRO A 35 14.73 3.85 8.95
C PRO A 35 13.75 5.03 9.08
N GLN A 36 14.14 6.22 8.63
CA GLN A 36 13.39 7.47 8.78
C GLN A 36 12.75 7.92 7.45
N ASN A 37 12.82 7.10 6.40
CA ASN A 37 12.21 7.39 5.11
C ASN A 37 10.75 6.91 5.03
N PRO A 38 9.83 7.71 4.45
CA PRO A 38 8.44 7.28 4.28
C PRO A 38 8.26 6.06 3.36
N VAL A 39 9.23 5.80 2.46
CA VAL A 39 9.17 4.74 1.45
C VAL A 39 8.97 3.34 2.02
N GLY A 40 9.65 2.98 3.12
CA GLY A 40 9.51 1.64 3.70
C GLY A 40 8.18 1.45 4.43
N TYR A 41 7.71 2.47 5.16
CA TYR A 41 6.38 2.46 5.78
C TYR A 41 5.25 2.42 4.74
N SER A 42 5.43 3.12 3.60
CA SER A 42 4.53 3.06 2.44
C SER A 42 4.41 1.65 1.86
N ASN A 43 5.45 0.82 1.98
CA ASN A 43 5.50 -0.52 1.41
C ASN A 43 5.31 -1.65 2.44
N LYS A 44 5.44 -1.38 3.74
CA LYS A 44 4.81 -2.17 4.80
C LYS A 44 3.28 -2.03 4.75
N ALA A 45 2.75 -0.82 4.54
CA ALA A 45 1.32 -0.62 4.26
C ALA A 45 0.86 -1.35 2.97
N MET A 46 1.68 -1.34 1.91
CA MET A 46 1.42 -2.11 0.67
C MET A 46 1.40 -3.62 0.92
N ALA A 47 2.35 -4.14 1.69
CA ALA A 47 2.41 -5.55 2.10
C ALA A 47 1.15 -5.98 2.86
N LEU A 48 0.69 -5.18 3.84
CA LEU A 48 -0.50 -5.47 4.63
C LEU A 48 -1.77 -5.61 3.75
N ILE A 49 -1.95 -4.79 2.71
CA ILE A 49 -3.06 -4.97 1.76
C ILE A 49 -2.82 -6.11 0.75
N LYS A 50 -1.56 -6.41 0.41
CA LYS A 50 -1.16 -7.59 -0.38
C LYS A 50 -1.27 -8.94 0.37
N LEU A 51 -1.44 -8.93 1.70
CA LEU A 51 -1.59 -10.10 2.59
C LEU A 51 -2.94 -10.18 3.34
N GLY A 52 -3.81 -9.16 3.25
CA GLY A 52 -5.13 -9.15 3.88
C GLY A 52 -5.14 -8.80 5.37
N GLU A 53 -4.40 -7.75 5.76
CA GLU A 53 -4.46 -7.12 7.09
C GLU A 53 -4.91 -5.65 6.97
N TYR A 54 -6.01 -5.44 6.24
CA TYR A 54 -6.46 -4.12 5.78
C TYR A 54 -6.71 -3.13 6.94
N THR A 55 -7.20 -3.61 8.09
CA THR A 55 -7.42 -2.81 9.31
C THR A 55 -6.12 -2.28 9.91
N GLN A 56 -5.01 -3.02 9.74
CA GLN A 56 -3.68 -2.59 10.16
C GLN A 56 -3.06 -1.65 9.13
N ALA A 57 -3.37 -1.85 7.84
CA ALA A 57 -2.89 -1.01 6.76
C ALA A 57 -3.43 0.43 6.87
N ILE A 58 -4.73 0.62 7.15
CA ILE A 58 -5.31 1.96 7.29
C ILE A 58 -4.74 2.76 8.47
N GLN A 59 -4.30 2.09 9.54
CA GLN A 59 -3.51 2.70 10.63
C GLN A 59 -2.16 3.19 10.10
N MET A 60 -1.41 2.35 9.38
CA MET A 60 -0.10 2.74 8.85
C MET A 60 -0.18 3.80 7.73
N CYS A 61 -1.28 3.88 6.99
CA CYS A 61 -1.55 4.96 6.03
C CYS A 61 -1.58 6.33 6.74
N GLN A 62 -2.28 6.43 7.88
CA GLN A 62 -2.34 7.64 8.71
C GLN A 62 -1.01 7.92 9.43
N GLN A 63 -0.33 6.90 9.96
CA GLN A 63 1.03 7.05 10.50
C GLN A 63 2.00 7.57 9.43
N GLY A 64 1.85 7.19 8.15
CA GLY A 64 2.72 7.67 7.07
C GLY A 64 2.41 9.09 6.57
N LEU A 65 1.22 9.65 6.81
CA LEU A 65 0.97 11.08 6.62
C LEU A 65 1.91 11.93 7.48
N ARG A 66 2.23 11.46 8.70
CA ARG A 66 3.19 12.10 9.64
C ARG A 66 4.68 11.99 9.23
N TYR A 67 4.98 11.30 8.13
CA TYR A 67 6.29 11.30 7.47
C TYR A 67 6.29 12.12 6.16
N THR A 68 5.13 12.62 5.70
CA THR A 68 4.93 13.08 4.31
C THR A 68 4.16 14.39 4.14
N SER A 69 3.73 15.06 5.22
CA SER A 69 2.99 16.33 5.16
C SER A 69 3.93 17.53 4.98
N THR A 70 4.79 17.50 3.95
CA THR A 70 5.81 18.51 3.66
C THR A 70 6.23 18.48 2.18
N ALA A 71 6.67 19.63 1.65
CA ALA A 71 7.08 19.85 0.25
C ALA A 71 8.04 18.78 -0.32
N GLU A 72 8.91 18.19 0.52
CA GLU A 72 9.92 17.20 0.14
C GLU A 72 9.40 15.74 0.04
N HIS A 73 8.10 15.52 0.27
CA HIS A 73 7.43 14.21 0.32
C HIS A 73 5.98 14.23 -0.23
N VAL A 74 5.57 15.25 -0.99
CA VAL A 74 4.17 15.48 -1.44
C VAL A 74 3.57 14.39 -2.35
N ALA A 75 4.43 13.67 -3.09
CA ALA A 75 4.06 12.54 -3.95
C ALA A 75 4.22 11.19 -3.20
N ILE A 76 5.00 11.15 -2.13
CA ILE A 76 4.91 10.03 -1.17
C ILE A 76 3.60 10.12 -0.39
N ARG A 77 3.14 11.33 -0.02
CA ARG A 77 1.82 11.56 0.60
C ARG A 77 0.70 10.94 -0.24
N SER A 78 0.76 11.10 -1.58
CA SER A 78 -0.09 10.43 -2.56
C SER A 78 -0.03 8.90 -2.50
N LYS A 79 1.13 8.27 -2.28
CA LYS A 79 1.18 6.83 -1.99
C LYS A 79 0.36 6.48 -0.76
N LEU A 80 0.47 7.21 0.36
CA LEU A 80 -0.29 6.89 1.58
C LEU A 80 -1.79 7.16 1.44
N GLN A 81 -2.24 8.16 0.67
CA GLN A 81 -3.68 8.29 0.33
C GLN A 81 -4.16 7.08 -0.48
N TYR A 82 -3.43 6.72 -1.54
CA TYR A 82 -3.86 5.66 -2.45
C TYR A 82 -3.75 4.27 -1.84
N ARG A 83 -2.79 4.02 -0.93
CA ARG A 83 -2.79 2.83 -0.05
C ARG A 83 -4.12 2.69 0.68
N LEU A 84 -4.67 3.79 1.22
CA LEU A 84 -5.92 3.80 1.97
C LEU A 84 -7.14 3.55 1.06
N GLU A 85 -7.14 4.11 -0.16
CA GLU A 85 -8.18 3.91 -1.18
C GLU A 85 -8.23 2.46 -1.68
N LEU A 86 -7.09 1.77 -1.78
CA LEU A 86 -7.02 0.34 -2.13
C LEU A 86 -7.01 -0.61 -0.92
N ALA A 87 -6.83 -0.12 0.32
CA ALA A 87 -7.09 -0.88 1.54
C ALA A 87 -8.60 -1.07 1.72
N GLN A 88 -9.35 0.04 1.70
CA GLN A 88 -10.82 0.03 1.76
C GLN A 88 -11.42 -0.53 0.45
N GLY A 89 -10.64 -0.46 -0.64
CA GLY A 89 -10.88 -1.09 -1.95
C GLY A 89 -10.82 -2.61 -1.93
N ALA A 90 -9.68 -3.22 -1.57
CA ALA A 90 -9.47 -4.67 -1.63
C ALA A 90 -10.24 -5.44 -0.53
N VAL A 91 -10.63 -4.77 0.57
CA VAL A 91 -11.53 -5.36 1.59
C VAL A 91 -13.00 -5.38 1.15
N GLY A 92 -13.38 -4.66 0.09
CA GLY A 92 -14.71 -4.75 -0.51
C GLY A 92 -14.81 -4.20 -1.95
N SER A 93 -14.72 -5.10 -2.93
CA SER A 93 -14.70 -4.82 -4.37
C SER A 93 -16.11 -4.60 -4.93
N VAL A 94 -16.66 -3.40 -4.68
CA VAL A 94 -17.98 -2.93 -5.10
C VAL A 94 -17.99 -1.39 -5.17
N GLN A 95 -18.47 -0.84 -6.30
CA GLN A 95 -18.46 0.60 -6.62
C GLN A 95 -19.81 1.17 -7.08
N ILE A 96 -20.76 0.29 -7.42
CA ILE A 96 -22.11 0.66 -7.87
C ILE A 96 -23.06 0.68 -6.65
N PRO A 97 -23.54 1.87 -6.20
CA PRO A 97 -24.42 2.00 -5.03
C PRO A 97 -25.91 1.73 -5.32
N VAL A 98 -26.27 1.51 -6.59
CA VAL A 98 -27.63 1.15 -7.05
C VAL A 98 -28.69 2.17 -6.61
N VAL A 99 -28.42 3.44 -6.90
CA VAL A 99 -29.32 4.61 -6.76
C VAL A 99 -29.15 5.54 -7.97
N GLU A 100 -30.08 6.46 -8.21
CA GLU A 100 -30.15 7.21 -9.49
C GLU A 100 -29.18 8.40 -9.57
N VAL A 101 -28.72 8.95 -8.43
CA VAL A 101 -27.67 9.97 -8.37
C VAL A 101 -26.76 9.76 -7.16
N ASP A 102 -25.46 9.57 -7.40
CA ASP A 102 -24.37 9.48 -6.42
C ASP A 102 -23.01 9.71 -7.13
N GLU A 103 -21.91 9.03 -6.76
CA GLU A 103 -20.66 9.03 -7.52
C GLU A 103 -20.80 8.11 -8.75
N LEU A 104 -21.21 6.85 -8.55
CA LEU A 104 -21.63 5.88 -9.59
C LEU A 104 -20.50 5.43 -10.54
N PRO A 105 -20.66 4.31 -11.29
CA PRO A 105 -19.83 4.00 -12.47
C PRO A 105 -19.97 5.06 -13.58
N GLU A 106 -19.11 5.05 -14.60
CA GLU A 106 -19.04 6.15 -15.60
C GLU A 106 -20.20 6.16 -16.63
N GLY A 107 -20.80 5.00 -16.91
CA GLY A 107 -22.00 4.85 -17.74
C GLY A 107 -23.17 4.31 -16.92
N TYR A 108 -24.06 5.20 -16.44
CA TYR A 108 -25.16 4.87 -15.53
C TYR A 108 -26.33 5.85 -15.67
N ASP A 109 -27.27 5.85 -14.72
CA ASP A 109 -28.44 6.73 -14.70
C ASP A 109 -28.09 8.23 -14.84
N ARG A 110 -28.80 8.95 -15.72
CA ARG A 110 -28.78 10.42 -15.80
C ARG A 110 -30.01 10.95 -16.55
N SER A 111 -30.57 12.10 -16.13
CA SER A 111 -31.64 12.83 -16.84
C SER A 111 -31.18 14.22 -17.29
N MET B 1 10.32 2.05 -12.50
CA MET B 1 9.68 2.02 -11.17
C MET B 1 8.20 2.36 -11.30
N GLU B 2 7.31 1.38 -11.11
CA GLU B 2 5.86 1.54 -10.99
C GLU B 2 5.26 0.49 -10.05
N GLU B 3 4.13 0.82 -9.39
CA GLU B 3 3.46 -0.07 -8.44
C GLU B 3 2.21 -0.74 -9.01
N VAL B 4 1.89 -1.93 -8.48
CA VAL B 4 0.93 -2.91 -8.99
C VAL B 4 -0.07 -3.33 -7.92
N ASP B 5 -1.19 -3.94 -8.31
CA ASP B 5 -2.26 -4.43 -7.41
C ASP B 5 -2.19 -5.93 -7.14
#